data_6K0B
#
_entry.id   6K0B
#
_cell.length_a   1.00
_cell.length_b   1.00
_cell.length_c   1.00
_cell.angle_alpha   90.00
_cell.angle_beta   90.00
_cell.angle_gamma   90.00
#
_symmetry.space_group_name_H-M   'P 1'
#
loop_
_entity.id
_entity.type
_entity.pdbx_description
1 polymer 'Ribonuclease P protein component 2'
2 polymer 'Ribonuclease P protein component 3'
3 polymer 'Ribonuclease P protein component 1'
4 polymer 'Ribonuclease P protein component 4'
5 polymer '50S ribosomal protein L7Ae'
6 polymer tRNA
7 polymer RPR
8 non-polymer 'ZINC ION'
#
loop_
_entity_poly.entity_id
_entity_poly.type
_entity_poly.pdbx_seq_one_letter_code
_entity_poly.pdbx_strand_id
1 'polypeptide(L)'
;MIEMLKTLPPTLREKKRYIAFKILYDEELKEGEVVNLIRKAVLEYYGSWGTSKANPWLVYYDFPYGILRCQRDNVDYVKA
SLILIREFKEKPVNIICLGVSGTIRKAKIKFLGIKKPKRWFVIRRERLKAKKQK
;
A,B
2 'polypeptide(L)'
;MRIDINRIEKEEDIKLLKELKWNGFVFYQYDDEFSKDRYEEVKAIAESYKLKVYSGVKIKTESSKQLRDKVKKFRNKCHI
ILIEGGVLKINRAAVELHDVDILSTPELGRKDSGIDHVLARLASNHRVAIELNFKTLLNKDGYERARTLLFFRNNLKLAK
KFDVPVVISTDAENKYQIKNPYDLRAFLNTLVEPLYAKKIMETAYKICDFRDYLMRDNVVRYGVEIIKEEKE
;
C,D
3 'polypeptide(L)'
;MITPHNILRHELIGLKVEIVEAKNKAMIGIKGKVVDETRNTLVIEKEDGREVVIPKDIAVFLFQLKGCKVKVDGRLLIGR
PEERLKKKIKILYPY
;
E,F
4 'polypeptide(L)'
;MKKFLEKKLKKIAYERIDILMSLAEEEAKKGNWDRAKRYVYLARRIAMKMRIRFPKKWKRRICKKCGTFLLYGRNARVRI
KSKRYPHVVITCLECGAIYRIPMIREKKEKRRKKLEERLKAKSNSQTS
;
G,H
5 'polypeptide(L)'
;MAVYVKFKVPEEIQKELLDAVAKAQKIKKGANEVTKAVERGIAKLVIIAEDVKPEEVVAHLPYLCEEKGIPYAYVASKQD
LGKAAGLEVAASSVAIINEGDAEELKVLIEKVNVLKQ
;
I,J
6 'polyribonucleotide'
;GGUGGGGUUCCCGAGCGGCCAAAGGGAGCAGACUCUAAAUCUGCCGUCAUCGACUUCGAAGGUUCGAAUCCUUCCCCCAC
CAC
;
U,V
7 'polyribonucleotide'
;GGAGGGGGCUGGUGACUUUCCCCUCUUUAAGAGGGGAGGAAGUUCCGCCCACCCCAUUUAUGGGCAGCGUCCCCUGAGAA
GGGGCGGGAGAUGCAGCAGAAACGACACGGCUCCGGAAGAGAUGACGAUGAUAGUGAAAGUUGAGGACUUCCGGAGAACC
GGUGAAACGGGCAUCUCCCCUGCCCGGGGUGCAAGCCGGUUUCGGCGCUUAGCCGAAUGUCACCGAAAUUACAGAAGGCG
GGCUAUAGCCCCCAUUUU
;
X,Y
#
loop_
_chem_comp.id
_chem_comp.type
_chem_comp.name
_chem_comp.formula
A RNA linking ADENOSINE-5'-MONOPHOSPHATE 'C10 H14 N5 O7 P'
C RNA linking CYTIDINE-5'-MONOPHOSPHATE 'C9 H14 N3 O8 P'
G RNA linking GUANOSINE-5'-MONOPHOSPHATE 'C10 H14 N5 O8 P'
U RNA linking URIDINE-5'-MONOPHOSPHATE 'C9 H13 N2 O9 P'
ZN non-polymer 'ZINC ION' 'Zn 2'
#
# COMPACT_ATOMS: atom_id res chain seq x y z
N ILE A 2 27.99 -18.02 30.64
CA ILE A 2 27.92 -16.66 30.10
C ILE A 2 26.61 -16.51 29.34
N GLU A 3 26.06 -15.29 29.32
CA GLU A 3 24.82 -14.98 28.64
C GLU A 3 25.14 -14.09 27.45
N MET A 4 25.15 -14.67 26.25
CA MET A 4 25.52 -13.95 25.05
C MET A 4 24.46 -14.18 23.97
N LEU A 5 24.17 -13.12 23.21
CA LEU A 5 23.22 -13.18 22.09
C LEU A 5 23.92 -12.61 20.86
N LYS A 6 23.90 -13.37 19.77
CA LYS A 6 24.49 -12.90 18.53
C LYS A 6 23.63 -11.81 17.90
N THR A 7 24.31 -10.82 17.32
CA THR A 7 23.65 -9.80 16.54
C THR A 7 23.06 -10.43 15.28
N LEU A 8 21.83 -10.03 14.95
CA LEU A 8 21.14 -10.49 13.75
C LEU A 8 21.90 -10.04 12.49
N PRO A 9 21.85 -10.80 11.40
CA PRO A 9 22.47 -10.34 10.15
C PRO A 9 21.75 -9.11 9.62
N PRO A 10 22.47 -8.23 8.90
CA PRO A 10 21.89 -6.92 8.55
C PRO A 10 20.76 -6.97 7.52
N THR A 11 20.52 -8.12 6.90
CA THR A 11 19.32 -8.29 6.11
C THR A 11 18.11 -8.55 7.01
N LEU A 12 18.36 -9.02 8.24
CA LEU A 12 17.26 -9.41 9.11
C LEU A 12 17.14 -8.49 10.33
N ARG A 13 18.20 -7.75 10.66
CA ARG A 13 18.14 -6.90 11.84
C ARG A 13 17.28 -5.67 11.56
N GLU A 14 16.94 -4.95 12.63
CA GLU A 14 16.10 -3.77 12.50
C GLU A 14 16.87 -2.61 11.88
N LYS A 15 16.33 -2.06 10.80
CA LYS A 15 16.90 -0.92 10.13
C LYS A 15 16.70 0.31 11.00
N LYS A 16 17.79 0.95 11.40
CA LYS A 16 17.74 1.99 12.42
C LYS A 16 18.27 3.31 11.89
N ARG A 17 17.79 4.38 12.51
CA ARG A 17 18.28 5.74 12.30
C ARG A 17 18.58 6.35 13.66
N TYR A 18 19.42 7.38 13.66
CA TYR A 18 19.80 8.08 14.88
C TYR A 18 19.41 9.55 14.77
N ILE A 19 18.43 9.96 15.57
CA ILE A 19 17.99 11.36 15.61
C ILE A 19 18.84 12.10 16.64
N ALA A 20 19.52 13.15 16.17
CA ALA A 20 20.17 14.12 17.04
C ALA A 20 19.23 15.28 17.28
N PHE A 21 19.11 15.68 18.54
CA PHE A 21 18.20 16.72 18.93
C PHE A 21 18.80 17.51 20.08
N LYS A 22 18.01 18.43 20.61
CA LYS A 22 18.39 19.26 21.74
C LYS A 22 17.17 19.41 22.63
N ILE A 23 17.40 19.46 23.94
CA ILE A 23 16.37 19.80 24.90
C ILE A 23 16.67 21.20 25.41
N LEU A 24 16.11 22.18 24.72
CA LEU A 24 16.33 23.59 25.00
C LEU A 24 15.49 23.98 26.21
N TYR A 25 16.17 24.41 27.26
CA TYR A 25 15.73 25.29 28.34
C TYR A 25 16.97 25.77 29.08
N ASP A 26 16.80 26.86 29.82
CA ASP A 26 17.83 27.32 30.76
C ASP A 26 17.92 26.40 31.97
N GLU A 27 16.85 25.64 32.25
CA GLU A 27 16.86 24.66 33.33
C GLU A 27 17.73 23.47 32.96
N GLU A 28 17.98 22.60 33.93
CA GLU A 28 18.82 21.44 33.78
C GLU A 28 18.00 20.15 33.92
N LEU A 29 18.52 19.06 33.35
CA LEU A 29 17.88 17.76 33.42
C LEU A 29 18.91 16.67 33.67
N LYS A 30 18.49 15.63 34.38
CA LYS A 30 19.21 14.36 34.44
C LYS A 30 18.78 13.51 33.25
N GLU A 31 19.68 12.61 32.83
CA GLU A 31 19.38 11.75 31.68
C GLU A 31 18.27 10.75 32.00
N GLY A 32 18.12 10.38 33.27
CA GLY A 32 17.01 9.52 33.66
C GLY A 32 15.67 10.23 33.56
N GLU A 33 15.67 11.53 33.84
CA GLU A 33 14.46 12.33 33.64
C GLU A 33 14.13 12.45 32.16
N VAL A 34 15.15 12.53 31.30
CA VAL A 34 14.94 12.54 29.86
C VAL A 34 14.35 11.22 29.39
N VAL A 35 14.87 10.09 29.90
CA VAL A 35 14.34 8.78 29.56
C VAL A 35 12.91 8.63 30.04
N ASN A 36 12.60 9.13 31.24
CA ASN A 36 11.24 9.05 31.77
C ASN A 36 10.26 9.90 30.96
N LEU A 37 10.66 11.12 30.60
CA LEU A 37 9.77 11.98 29.84
C LEU A 37 9.59 11.49 28.41
N ILE A 38 10.64 10.91 27.81
CA ILE A 38 10.51 10.42 26.44
C ILE A 38 9.74 9.11 26.41
N ARG A 39 9.76 8.34 27.51
CA ARG A 39 8.90 7.15 27.60
C ARG A 39 7.45 7.54 27.78
N LYS A 40 7.16 8.54 28.63
CA LYS A 40 5.79 9.01 28.81
C LYS A 40 5.24 9.61 27.52
N ALA A 41 6.07 10.38 26.80
CA ALA A 41 5.62 10.98 25.56
C ALA A 41 5.49 9.95 24.44
N VAL A 42 6.38 8.94 24.41
CA VAL A 42 6.32 7.97 23.34
C VAL A 42 5.12 7.03 23.55
N LEU A 43 4.74 6.81 24.82
CA LEU A 43 3.46 6.16 25.11
C LEU A 43 2.30 7.03 24.67
N GLU A 44 2.36 8.33 25.02
CA GLU A 44 1.24 9.25 24.81
C GLU A 44 1.03 9.55 23.31
N TYR A 45 1.99 9.19 22.47
CA TYR A 45 1.77 9.41 21.04
C TYR A 45 1.68 8.09 20.26
N TYR A 46 2.11 6.97 20.85
CA TYR A 46 2.23 5.74 20.07
C TYR A 46 1.32 4.63 20.56
N GLY A 47 1.08 4.55 21.86
CA GLY A 47 0.58 3.33 22.45
C GLY A 47 1.58 2.18 22.38
N SER A 48 1.10 1.01 22.81
CA SER A 48 1.89 -0.23 22.74
C SER A 48 2.24 -0.57 21.29
N TRP A 49 1.30 -0.30 20.37
CA TRP A 49 1.51 -0.64 18.96
C TRP A 49 2.62 0.20 18.33
N GLY A 50 2.56 1.52 18.48
CA GLY A 50 3.59 2.35 17.89
C GLY A 50 4.93 2.24 18.60
N THR A 51 4.94 1.98 19.92
CA THR A 51 6.21 1.80 20.60
C THR A 51 6.85 0.46 20.25
N SER A 52 6.05 -0.55 19.88
CA SER A 52 6.61 -1.74 19.27
C SER A 52 7.03 -1.46 17.83
N LYS A 53 6.42 -0.44 17.20
CA LYS A 53 6.67 -0.18 15.80
C LYS A 53 8.00 0.55 15.58
N ALA A 54 8.26 1.61 16.34
CA ALA A 54 9.31 2.54 15.95
C ALA A 54 10.56 2.45 16.85
N ASN A 55 10.50 1.60 17.90
CA ASN A 55 11.64 1.19 18.75
C ASN A 55 12.36 2.37 19.41
N PRO A 56 11.77 3.03 20.42
CA PRO A 56 12.45 4.19 21.02
C PRO A 56 13.44 3.79 22.11
N TRP A 57 14.62 4.41 22.06
CA TRP A 57 15.62 4.29 23.12
C TRP A 57 16.60 5.45 23.01
N LEU A 58 16.80 6.17 24.11
CA LEU A 58 17.79 7.24 24.18
C LEU A 58 19.17 6.60 24.31
N VAL A 59 20.14 7.11 23.56
CA VAL A 59 21.48 6.55 23.65
C VAL A 59 22.45 7.56 24.29
N TYR A 60 22.21 8.86 24.13
CA TYR A 60 23.19 9.80 24.66
C TYR A 60 22.50 11.07 25.12
N TYR A 61 22.93 11.56 26.29
CA TYR A 61 22.49 12.84 26.85
C TYR A 61 23.52 13.30 27.87
N ASP A 62 24.38 14.24 27.49
CA ASP A 62 25.34 14.81 28.45
C ASP A 62 25.04 16.29 28.64
N PHE A 63 24.98 17.02 27.54
CA PHE A 63 24.58 18.42 27.41
C PHE A 63 23.06 18.41 27.25
N PRO A 64 22.38 19.57 27.17
CA PRO A 64 21.03 19.57 26.57
C PRO A 64 20.88 19.03 25.14
N TYR A 65 21.95 18.78 24.39
CA TYR A 65 21.85 17.98 23.18
C TYR A 65 21.64 16.51 23.55
N GLY A 66 21.13 15.74 22.60
CA GLY A 66 20.86 14.34 22.86
C GLY A 66 20.79 13.56 21.56
N ILE A 67 21.02 12.26 21.67
CA ILE A 67 20.95 11.34 20.53
C ILE A 67 20.06 10.17 20.93
N LEU A 68 19.12 9.81 20.06
CA LEU A 68 18.13 8.77 20.32
C LEU A 68 18.01 7.88 19.09
N ARG A 69 17.71 6.60 19.29
CA ARG A 69 17.64 5.65 18.19
C ARG A 69 16.20 5.38 17.76
N CYS A 70 16.04 5.06 16.48
CA CYS A 70 14.73 5.02 15.84
C CYS A 70 14.74 3.91 14.80
N GLN A 71 13.55 3.51 14.38
CA GLN A 71 13.45 2.68 13.18
C GLN A 71 13.56 3.55 11.93
N ARG A 72 13.87 2.93 10.81
CA ARG A 72 14.21 3.69 9.60
C ARG A 72 12.97 4.24 8.91
N ASP A 73 11.87 3.48 8.92
CA ASP A 73 10.69 3.88 8.16
C ASP A 73 9.84 4.90 8.91
N ASN A 74 10.15 5.13 10.18
CA ASN A 74 9.25 5.91 11.03
C ASN A 74 9.96 7.00 11.81
N VAL A 75 10.83 7.77 11.15
CA VAL A 75 11.50 8.87 11.83
C VAL A 75 10.56 10.07 11.98
N ASP A 76 9.59 10.20 11.04
CA ASP A 76 8.61 11.28 11.13
C ASP A 76 7.68 11.07 12.32
N TYR A 77 7.39 9.80 12.63
CA TYR A 77 6.58 9.48 13.81
C TYR A 77 7.30 9.84 15.10
N VAL A 78 8.63 9.59 15.14
CA VAL A 78 9.41 9.95 16.33
C VAL A 78 9.49 11.46 16.47
N LYS A 79 9.62 12.18 15.35
CA LYS A 79 9.63 13.63 15.40
C LYS A 79 8.30 14.18 15.89
N ALA A 80 7.19 13.61 15.40
CA ALA A 80 5.87 14.02 15.88
C ALA A 80 5.67 13.65 17.34
N SER A 81 6.34 12.58 17.80
CA SER A 81 6.35 12.29 19.23
C SER A 81 7.16 13.33 19.99
N LEU A 82 8.18 13.91 19.35
CA LEU A 82 8.99 14.91 20.01
C LEU A 82 8.27 16.26 20.10
N ILE A 83 7.32 16.51 19.19
CA ILE A 83 6.65 17.81 19.19
C ILE A 83 5.72 17.95 20.40
N LEU A 84 4.99 16.87 20.73
CA LEU A 84 3.86 16.96 21.66
C LEU A 84 4.28 16.99 23.13
N ILE A 85 5.54 17.26 23.45
CA ILE A 85 5.96 17.61 24.80
C ILE A 85 5.28 18.91 25.20
N ARG A 86 4.60 18.93 26.34
CA ARG A 86 3.97 20.15 26.80
C ARG A 86 4.36 20.53 28.22
N GLU A 87 4.57 19.56 29.12
CA GLU A 87 4.72 19.87 30.53
C GLU A 87 5.31 18.70 31.30
N PHE A 88 6.25 19.02 32.19
CA PHE A 88 6.85 18.06 33.10
C PHE A 88 6.85 18.66 34.49
N LYS A 89 5.72 18.53 35.20
CA LYS A 89 5.52 18.59 36.64
C LYS A 89 5.70 19.98 37.28
N GLU A 90 6.42 20.89 36.63
CA GLU A 90 6.44 22.27 37.10
C GLU A 90 6.63 23.20 35.91
N LYS A 91 6.85 22.62 34.74
CA LYS A 91 7.47 23.35 33.64
C LYS A 91 7.48 22.46 32.40
N PRO A 92 7.60 23.02 31.21
CA PRO A 92 7.88 22.17 30.05
C PRO A 92 9.35 21.76 29.96
N VAL A 93 9.75 21.06 28.91
CA VAL A 93 11.10 21.11 28.38
C VAL A 93 10.95 21.35 26.89
N ASN A 94 11.98 21.88 26.23
CA ASN A 94 11.85 22.12 24.80
C ASN A 94 12.61 21.02 24.09
N ILE A 95 11.98 20.36 23.12
CA ILE A 95 12.69 19.39 22.28
C ILE A 95 12.69 19.90 20.85
N ILE A 96 13.90 20.08 20.32
CA ILE A 96 14.15 20.65 19.00
C ILE A 96 15.14 19.77 18.26
N CYS A 97 14.72 19.21 17.14
CA CYS A 97 15.53 18.26 16.39
C CYS A 97 16.55 18.99 15.53
N LEU A 98 17.77 18.48 15.46
CA LEU A 98 18.79 19.06 14.58
C LEU A 98 18.83 18.32 13.25
N GLY A 99 18.80 17.00 13.29
CA GLY A 99 18.86 16.20 12.09
C GLY A 99 18.74 14.73 12.44
N VAL A 100 19.01 13.90 11.43
CA VAL A 100 18.95 12.45 11.58
C VAL A 100 19.94 11.81 10.61
N SER A 101 20.69 10.83 11.12
CA SER A 101 21.69 10.12 10.35
C SER A 101 21.71 8.66 10.79
N GLY A 102 22.59 7.88 10.15
CA GLY A 102 22.64 6.45 10.42
C GLY A 102 23.67 6.07 11.48
N THR A 103 24.49 7.00 11.92
CA THR A 103 25.57 6.68 12.85
C THR A 103 25.89 7.88 13.73
N ILE A 104 26.83 7.67 14.65
CA ILE A 104 27.17 8.70 15.64
C ILE A 104 28.27 9.61 15.11
N ARG A 105 29.24 9.05 14.37
CA ARG A 105 30.36 9.83 13.84
C ARG A 105 29.93 10.86 12.80
N LYS A 106 28.78 10.63 12.15
CA LYS A 106 28.33 11.55 11.10
C LYS A 106 27.33 12.55 11.64
N ALA A 107 26.44 12.11 12.54
CA ALA A 107 25.49 13.02 13.17
C ALA A 107 26.17 13.87 14.24
N LYS A 108 27.36 13.47 14.68
CA LYS A 108 28.10 14.23 15.67
C LYS A 108 28.78 15.45 15.04
N ILE A 109 29.13 15.34 13.75
CA ILE A 109 29.87 16.40 13.07
C ILE A 109 28.98 17.31 12.24
N LYS A 110 27.74 16.90 11.97
CA LYS A 110 26.88 17.69 11.08
C LYS A 110 26.25 18.84 11.85
N PHE A 111 25.77 18.58 13.06
CA PHE A 111 25.16 19.63 13.87
C PHE A 111 25.76 19.71 15.27
N LEU A 112 26.17 18.60 15.85
CA LEU A 112 26.58 18.56 17.25
C LEU A 112 27.96 19.17 17.49
N GLY A 113 28.99 18.59 16.88
CA GLY A 113 30.34 19.06 17.10
C GLY A 113 31.21 19.05 15.86
N ILE A 114 32.51 18.80 16.04
CA ILE A 114 33.47 18.91 14.96
C ILE A 114 34.22 17.59 14.75
N LYS A 115 34.73 17.02 15.84
CA LYS A 115 35.61 15.85 15.75
C LYS A 115 34.80 14.56 15.81
N LYS A 116 35.47 13.44 15.52
CA LYS A 116 34.83 12.13 15.51
C LYS A 116 35.41 11.28 16.64
N PRO A 117 34.72 11.14 17.78
CA PRO A 117 35.24 10.30 18.86
C PRO A 117 34.85 8.83 18.74
N LYS A 118 35.66 7.93 19.30
CA LYS A 118 35.35 6.51 19.38
C LYS A 118 35.66 6.05 20.81
N ARG A 119 34.60 5.94 21.62
CA ARG A 119 34.77 5.66 23.05
C ARG A 119 34.34 4.24 23.42
N TRP A 120 33.41 3.65 22.66
CA TRP A 120 32.91 2.32 22.98
C TRP A 120 34.00 1.27 22.84
N PHE A 121 34.83 1.39 21.79
CA PHE A 121 35.92 0.44 21.58
C PHE A 121 36.92 0.47 22.72
N VAL A 122 37.26 1.66 23.21
CA VAL A 122 38.30 1.76 24.23
C VAL A 122 37.75 1.38 25.61
N ILE A 123 36.44 1.59 25.85
CA ILE A 123 35.91 1.15 27.14
C ILE A 123 35.62 -0.34 27.11
N ARG A 124 35.52 -0.94 25.91
CA ARG A 124 35.39 -2.39 25.85
C ARG A 124 36.75 -3.08 25.95
N ARG A 125 37.80 -2.48 25.40
CA ARG A 125 39.09 -3.17 25.38
C ARG A 125 39.93 -2.87 26.63
N GLU A 126 39.74 -1.70 27.24
CA GLU A 126 40.54 -1.36 28.42
C GLU A 126 39.92 -1.89 29.69
N ARG A 127 38.59 -1.83 29.81
CA ARG A 127 37.90 -2.32 31.00
C ARG A 127 37.55 -3.80 30.86
N ARG B 2 -9.85 -23.70 17.11
CA ARG B 2 -9.46 -22.65 18.03
C ARG B 2 -9.21 -23.23 19.42
N ILE B 3 -7.94 -23.27 19.83
CA ILE B 3 -7.51 -23.96 21.03
C ILE B 3 -6.81 -22.97 21.96
N ASP B 4 -7.26 -22.93 23.22
CA ASP B 4 -6.69 -22.06 24.24
C ASP B 4 -5.84 -22.90 25.18
N ILE B 5 -4.94 -22.24 25.93
CA ILE B 5 -4.12 -22.90 26.95
C ILE B 5 -4.34 -22.12 28.24
N ASN B 6 -4.96 -22.78 29.23
CA ASN B 6 -5.28 -22.15 30.50
C ASN B 6 -5.43 -23.25 31.56
N ARG B 7 -5.69 -22.84 32.80
CA ARG B 7 -5.86 -23.78 33.91
C ARG B 7 -7.34 -23.81 34.28
N ILE B 8 -7.77 -24.93 34.87
CA ILE B 8 -9.18 -25.10 35.20
C ILE B 8 -9.40 -24.84 36.67
N GLU B 9 -10.33 -23.93 36.98
CA GLU B 9 -10.68 -23.61 38.35
C GLU B 9 -12.13 -23.99 38.65
N LYS B 10 -13.06 -23.51 37.84
CA LYS B 10 -14.48 -23.78 38.02
C LYS B 10 -15.12 -24.20 36.69
N GLU B 11 -16.41 -24.52 36.76
CA GLU B 11 -17.12 -25.05 35.59
C GLU B 11 -17.84 -23.94 34.83
N GLU B 12 -18.29 -22.90 35.55
CA GLU B 12 -19.06 -21.82 34.93
C GLU B 12 -18.21 -21.04 33.96
N ASP B 13 -16.90 -20.95 34.23
CA ASP B 13 -15.97 -20.23 33.38
C ASP B 13 -15.82 -20.94 32.04
N ILE B 14 -15.75 -22.27 32.09
CA ILE B 14 -15.58 -23.08 30.89
C ILE B 14 -16.91 -23.17 30.13
N LYS B 15 -18.04 -23.10 30.84
CA LYS B 15 -19.34 -23.04 30.19
C LYS B 15 -19.52 -21.69 29.49
N LEU B 16 -18.96 -20.62 30.04
CA LEU B 16 -18.91 -19.35 29.31
C LEU B 16 -17.96 -19.43 28.12
N LEU B 17 -16.87 -20.19 28.23
CA LEU B 17 -15.95 -20.36 27.11
C LEU B 17 -16.59 -21.10 25.94
N LYS B 18 -17.38 -22.14 26.22
CA LYS B 18 -18.02 -22.88 25.14
C LYS B 18 -19.10 -22.06 24.45
N GLU B 19 -19.83 -21.24 25.21
CA GLU B 19 -20.92 -20.44 24.66
C GLU B 19 -20.45 -19.31 23.75
N LEU B 20 -19.16 -19.01 23.65
CA LEU B 20 -18.74 -17.90 22.80
C LEU B 20 -18.33 -18.34 21.40
N LYS B 21 -17.14 -18.96 21.27
CA LYS B 21 -16.68 -19.53 20.01
C LYS B 21 -15.93 -20.84 20.21
N TRP B 22 -15.43 -21.07 21.42
CA TRP B 22 -14.35 -22.04 21.64
C TRP B 22 -14.83 -23.47 21.46
N ASN B 23 -14.06 -24.23 20.67
CA ASN B 23 -14.36 -25.63 20.36
C ASN B 23 -13.58 -26.58 21.27
N GLY B 24 -12.40 -26.15 21.73
CA GLY B 24 -11.61 -26.92 22.69
C GLY B 24 -10.48 -26.11 23.27
N PHE B 25 -9.82 -26.63 24.31
CA PHE B 25 -8.67 -25.97 24.91
C PHE B 25 -7.75 -26.96 25.60
N VAL B 26 -6.70 -26.44 26.22
CA VAL B 26 -5.65 -27.23 26.85
C VAL B 26 -5.59 -26.89 28.33
N PHE B 27 -5.64 -27.93 29.17
CA PHE B 27 -5.46 -27.79 30.62
C PHE B 27 -3.97 -27.72 30.92
N TYR B 28 -3.58 -26.78 31.77
CA TYR B 28 -2.19 -26.41 31.94
C TYR B 28 -1.70 -26.78 33.34
N GLN B 29 -0.77 -27.74 33.41
CA GLN B 29 -0.20 -28.22 34.67
C GLN B 29 1.22 -27.67 34.80
N TYR B 30 1.40 -26.64 35.63
CA TYR B 30 2.68 -25.97 35.76
C TYR B 30 3.41 -26.48 37.01
N ASP B 31 3.04 -27.68 37.43
CA ASP B 31 3.55 -28.20 38.69
C ASP B 31 4.30 -29.51 38.50
N ASP B 32 4.89 -30.02 39.57
CA ASP B 32 5.61 -31.29 39.53
C ASP B 32 4.78 -32.43 40.13
N GLU B 33 3.57 -32.15 40.57
CA GLU B 33 2.69 -33.15 41.19
C GLU B 33 1.43 -33.25 40.32
N PHE B 34 1.42 -34.22 39.40
CA PHE B 34 0.28 -34.46 38.54
C PHE B 34 -0.15 -35.91 38.72
N SER B 35 -1.46 -36.13 38.79
CA SER B 35 -2.03 -37.45 39.01
C SER B 35 -3.22 -37.64 38.08
N LYS B 36 -3.92 -38.77 38.27
CA LYS B 36 -5.07 -39.07 37.41
C LYS B 36 -6.35 -38.41 37.89
N ASP B 37 -6.38 -37.91 39.12
CA ASP B 37 -7.60 -37.31 39.67
C ASP B 37 -7.92 -35.99 38.99
N ARG B 38 -6.89 -35.17 38.75
CA ARG B 38 -7.07 -33.92 38.03
C ARG B 38 -7.52 -34.18 36.59
N TYR B 39 -6.97 -35.22 35.97
CA TYR B 39 -7.33 -35.53 34.58
C TYR B 39 -8.75 -36.10 34.50
N GLU B 40 -9.19 -36.81 35.54
CA GLU B 40 -10.57 -37.27 35.59
C GLU B 40 -11.54 -36.12 35.83
N GLU B 41 -11.12 -35.13 36.62
CA GLU B 41 -11.93 -33.92 36.77
C GLU B 41 -11.99 -33.13 35.46
N VAL B 42 -10.89 -33.13 34.70
CA VAL B 42 -10.87 -32.53 33.37
C VAL B 42 -11.85 -33.26 32.44
N LYS B 43 -11.88 -34.60 32.53
CA LYS B 43 -12.85 -35.40 31.79
C LYS B 43 -14.29 -35.03 32.18
N ALA B 44 -14.54 -34.86 33.48
CA ALA B 44 -15.89 -34.56 33.95
C ALA B 44 -16.35 -33.18 33.50
N ILE B 45 -15.47 -32.18 33.55
CA ILE B 45 -15.86 -30.83 33.15
C ILE B 45 -15.92 -30.73 31.62
N ALA B 46 -15.13 -31.54 30.92
CA ALA B 46 -15.21 -31.57 29.45
C ALA B 46 -16.49 -32.25 28.98
N GLU B 47 -16.95 -33.28 29.71
CA GLU B 47 -18.21 -33.92 29.39
C GLU B 47 -19.39 -33.26 30.10
N SER B 48 -19.15 -32.18 30.84
CA SER B 48 -20.21 -31.45 31.53
C SER B 48 -21.20 -30.83 30.55
N TYR B 49 -20.75 -29.88 29.73
CA TYR B 49 -21.68 -29.32 28.76
C TYR B 49 -21.53 -29.95 27.37
N LYS B 50 -20.48 -29.56 26.63
CA LYS B 50 -20.06 -30.14 25.35
C LYS B 50 -18.64 -29.73 24.98
N LEU B 51 -17.61 -30.53 25.30
CA LEU B 51 -16.22 -30.18 24.96
C LEU B 51 -15.26 -31.37 24.95
N LYS B 52 -14.05 -31.12 24.47
CA LYS B 52 -12.90 -32.02 24.53
C LYS B 52 -11.69 -31.23 24.98
N VAL B 53 -10.96 -31.73 25.98
CA VAL B 53 -9.80 -31.04 26.54
C VAL B 53 -8.59 -31.97 26.48
N TYR B 54 -7.44 -31.45 26.05
CA TYR B 54 -6.18 -32.18 26.02
C TYR B 54 -5.26 -31.63 27.11
N SER B 55 -4.75 -32.50 27.98
CA SER B 55 -3.95 -32.05 29.11
C SER B 55 -2.46 -32.15 28.80
N GLY B 56 -1.68 -31.25 29.41
CA GLY B 56 -0.23 -31.24 29.26
C GLY B 56 0.48 -31.05 30.59
N VAL B 57 1.82 -30.99 30.58
CA VAL B 57 2.62 -30.79 31.78
C VAL B 57 3.71 -29.76 31.45
N LYS B 58 4.30 -29.16 32.48
CA LYS B 58 5.22 -28.03 32.34
C LYS B 58 6.30 -28.10 33.41
N ILE B 59 7.50 -27.60 33.07
CA ILE B 59 8.64 -27.58 33.97
C ILE B 59 9.30 -26.19 33.90
N LYS B 60 10.02 -25.82 34.97
CA LYS B 60 10.72 -24.54 35.01
C LYS B 60 11.94 -24.64 35.93
N THR B 61 13.08 -24.15 35.45
CA THR B 61 14.31 -23.90 36.21
C THR B 61 14.87 -25.16 36.87
N GLU B 62 15.39 -26.08 36.06
CA GLU B 62 16.12 -27.25 36.56
C GLU B 62 17.38 -27.40 35.71
N SER B 63 17.99 -28.59 35.79
CA SER B 63 19.28 -28.87 35.16
C SER B 63 19.23 -28.91 33.64
N SER B 64 20.36 -29.23 33.00
CA SER B 64 20.48 -29.13 31.55
C SER B 64 19.82 -30.29 30.80
N LYS B 65 20.32 -31.51 30.98
CA LYS B 65 19.85 -32.63 30.16
C LYS B 65 19.41 -33.82 31.00
N GLN B 66 19.78 -33.84 32.29
CA GLN B 66 19.07 -34.68 33.25
C GLN B 66 17.60 -34.29 33.28
N LEU B 67 17.33 -32.99 33.21
CA LEU B 67 15.98 -32.49 33.02
C LEU B 67 15.37 -32.97 31.71
N ARG B 68 16.17 -33.05 30.64
CA ARG B 68 15.68 -33.58 29.37
C ARG B 68 15.23 -35.04 29.47
N ASP B 69 16.02 -35.89 30.14
CA ASP B 69 15.62 -37.28 30.33
C ASP B 69 14.39 -37.41 31.23
N LYS B 70 14.36 -36.67 32.34
CA LYS B 70 13.20 -36.75 33.24
C LYS B 70 11.96 -36.13 32.61
N VAL B 71 12.14 -35.13 31.73
CA VAL B 71 11.04 -34.51 31.01
C VAL B 71 10.46 -35.47 29.98
N LYS B 72 11.34 -36.25 29.31
CA LYS B 72 10.84 -37.31 28.44
C LYS B 72 10.08 -38.39 29.23
N LYS B 73 10.60 -38.73 30.42
CA LYS B 73 9.96 -39.78 31.23
C LYS B 73 8.61 -39.33 31.78
N PHE B 74 8.45 -38.05 32.15
CA PHE B 74 7.14 -37.58 32.57
C PHE B 74 6.26 -37.24 31.37
N ARG B 75 6.86 -37.04 30.20
CA ARG B 75 6.09 -36.73 29.00
C ARG B 75 5.45 -37.99 28.42
N ASN B 76 6.05 -39.15 28.69
CA ASN B 76 5.52 -40.42 28.21
C ASN B 76 4.14 -40.81 28.77
N LYS B 77 3.64 -40.06 29.75
CA LYS B 77 2.31 -40.28 30.31
C LYS B 77 1.26 -39.31 29.79
N CYS B 78 1.65 -38.09 29.38
CA CYS B 78 0.70 -37.06 29.01
C CYS B 78 0.74 -36.82 27.50
N HIS B 79 -0.10 -35.89 27.02
CA HIS B 79 -0.24 -35.63 25.60
C HIS B 79 0.81 -34.66 25.06
N ILE B 80 0.77 -33.41 25.53
CA ILE B 80 1.66 -32.36 25.05
C ILE B 80 2.46 -31.83 26.24
N ILE B 81 3.34 -30.87 25.96
CA ILE B 81 4.29 -30.39 26.96
C ILE B 81 4.71 -28.96 26.62
N LEU B 82 5.17 -28.24 27.66
CA LEU B 82 5.71 -26.89 27.51
C LEU B 82 6.90 -26.74 28.45
N ILE B 83 7.99 -26.15 27.95
CA ILE B 83 9.13 -25.78 28.78
C ILE B 83 9.31 -24.27 28.72
N GLU B 84 9.31 -23.64 29.89
CA GLU B 84 9.45 -22.19 29.97
C GLU B 84 10.73 -21.85 30.71
N GLY B 85 11.38 -20.78 30.27
CA GLY B 85 12.60 -20.32 30.90
C GLY B 85 13.35 -19.29 30.09
N GLY B 86 13.88 -18.28 30.77
CA GLY B 86 14.61 -17.24 30.07
C GLY B 86 16.07 -17.60 29.84
N VAL B 87 16.52 -18.70 30.44
CA VAL B 87 17.90 -19.13 30.28
C VAL B 87 18.11 -19.68 28.88
N LEU B 88 19.16 -19.20 28.21
CA LEU B 88 19.45 -19.65 26.85
C LEU B 88 20.04 -21.05 26.84
N LYS B 89 20.71 -21.43 27.93
CA LYS B 89 21.39 -22.72 28.02
C LYS B 89 20.39 -23.88 28.03
N ILE B 90 19.30 -23.72 28.79
CA ILE B 90 18.25 -24.72 28.76
C ILE B 90 17.42 -24.60 27.48
N ASN B 91 17.40 -23.41 26.87
CA ASN B 91 16.60 -23.19 25.67
C ASN B 91 17.21 -23.90 24.46
N ARG B 92 18.54 -23.95 24.42
CA ARG B 92 19.26 -24.67 23.36
C ARG B 92 18.98 -26.16 23.43
N ALA B 93 18.99 -26.74 24.62
CA ALA B 93 18.68 -28.16 24.80
C ALA B 93 17.21 -28.44 24.52
N ALA B 94 16.34 -27.48 24.86
CA ALA B 94 14.90 -27.66 24.66
C ALA B 94 14.54 -27.63 23.19
N VAL B 95 15.21 -26.78 22.41
CA VAL B 95 15.00 -26.83 20.96
C VAL B 95 15.84 -27.91 20.30
N GLU B 96 16.82 -28.48 21.02
CA GLU B 96 17.66 -29.53 20.45
C GLU B 96 17.01 -30.91 20.58
N LEU B 97 16.18 -31.11 21.62
CA LEU B 97 15.69 -32.45 21.92
C LEU B 97 14.57 -32.88 20.97
N HIS B 98 14.09 -31.96 20.13
CA HIS B 98 13.12 -32.14 19.04
C HIS B 98 11.89 -32.97 19.37
N ASP B 99 11.36 -32.86 20.59
CA ASP B 99 10.17 -33.62 20.95
C ASP B 99 9.19 -32.75 21.71
N VAL B 100 9.62 -31.56 22.12
CA VAL B 100 8.72 -30.57 22.72
C VAL B 100 7.88 -29.94 21.62
N ASP B 101 6.58 -29.82 21.87
CA ASP B 101 5.65 -29.29 20.86
C ASP B 101 5.77 -27.78 20.73
N ILE B 102 5.47 -27.04 21.81
CA ILE B 102 5.48 -25.59 21.79
C ILE B 102 6.38 -25.06 22.90
N LEU B 103 6.91 -23.86 22.69
CA LEU B 103 7.92 -23.24 23.53
C LEU B 103 7.50 -21.83 23.92
N SER B 104 7.74 -21.48 25.18
CA SER B 104 7.31 -20.17 25.67
C SER B 104 8.43 -19.51 26.47
N THR B 105 8.10 -18.33 26.99
CA THR B 105 8.91 -17.43 27.83
C THR B 105 10.32 -17.18 27.27
N PRO B 106 10.48 -16.41 26.16
CA PRO B 106 11.80 -15.81 25.92
C PRO B 106 11.89 -14.33 26.32
N GLU B 107 10.84 -13.75 26.92
CA GLU B 107 10.84 -12.29 27.03
C GLU B 107 10.94 -11.79 28.46
N LEU B 108 10.43 -12.54 29.45
CA LEU B 108 10.37 -11.99 30.79
C LEU B 108 11.51 -12.48 31.68
N GLY B 109 12.04 -13.67 31.41
CA GLY B 109 13.19 -14.16 32.14
C GLY B 109 14.50 -13.69 31.53
N ARG B 110 14.41 -13.16 30.31
CA ARG B 110 15.60 -12.74 29.58
C ARG B 110 15.75 -11.22 29.59
N LYS B 111 14.72 -10.51 29.12
CA LYS B 111 14.63 -9.06 29.00
C LYS B 111 15.74 -8.45 28.13
N ASP B 112 16.34 -9.24 27.25
CA ASP B 112 17.34 -8.75 26.31
C ASP B 112 16.93 -8.90 24.85
N SER B 113 16.56 -10.12 24.43
CA SER B 113 16.01 -10.43 23.12
C SER B 113 15.42 -11.83 23.19
N GLY B 114 14.42 -12.08 22.34
CA GLY B 114 13.69 -13.33 22.42
C GLY B 114 14.40 -14.55 21.87
N ILE B 115 14.59 -14.61 20.55
CA ILE B 115 15.12 -15.77 19.86
C ILE B 115 16.39 -15.35 19.12
N ASP B 116 17.42 -16.18 19.21
CA ASP B 116 18.66 -15.97 18.49
C ASP B 116 18.54 -16.55 17.08
N HIS B 117 19.42 -16.09 16.19
CA HIS B 117 19.40 -16.53 14.80
C HIS B 117 19.82 -17.99 14.69
N VAL B 118 20.85 -18.38 15.44
CA VAL B 118 21.27 -19.78 15.50
C VAL B 118 20.18 -20.62 16.16
N LEU B 119 19.52 -20.05 17.16
CA LEU B 119 18.39 -20.71 17.82
C LEU B 119 17.23 -20.92 16.86
N ALA B 120 16.97 -19.94 16.00
CA ALA B 120 15.89 -20.05 15.03
C ALA B 120 16.23 -21.04 13.91
N ARG B 121 17.51 -21.13 13.55
CA ARG B 121 17.91 -22.11 12.55
C ARG B 121 17.88 -23.53 13.11
N LEU B 122 18.23 -23.69 14.39
CA LEU B 122 18.18 -25.01 15.01
C LEU B 122 16.72 -25.44 15.24
N ALA B 123 15.85 -24.47 15.51
CA ALA B 123 14.42 -24.76 15.64
C ALA B 123 13.81 -25.15 14.29
N SER B 124 14.38 -24.65 13.20
CA SER B 124 13.92 -25.03 11.87
C SER B 124 14.32 -26.47 11.54
N ASN B 125 15.49 -26.89 12.04
CA ASN B 125 15.95 -28.25 11.78
C ASN B 125 15.26 -29.26 12.67
N HIS B 126 14.94 -28.87 13.91
CA HIS B 126 14.35 -29.80 14.86
C HIS B 126 12.82 -29.70 14.96
N ARG B 127 12.22 -28.73 14.29
CA ARG B 127 10.77 -28.51 14.19
C ARG B 127 10.09 -28.35 15.54
N VAL B 128 10.49 -27.33 16.30
CA VAL B 128 9.83 -26.96 17.55
C VAL B 128 9.11 -25.63 17.30
N ALA B 129 7.97 -25.45 17.96
CA ALA B 129 7.10 -24.31 17.71
C ALA B 129 7.23 -23.29 18.84
N ILE B 130 6.92 -22.04 18.54
CA ILE B 130 7.02 -20.95 19.52
C ILE B 130 5.60 -20.59 19.96
N GLU B 131 5.38 -20.58 21.27
CA GLU B 131 4.08 -20.21 21.83
C GLU B 131 4.17 -18.81 22.43
N LEU B 132 3.24 -17.94 22.02
CA LEU B 132 3.21 -16.55 22.45
C LEU B 132 2.13 -16.36 23.51
N ASN B 133 2.55 -15.92 24.70
CA ASN B 133 1.67 -15.75 25.85
C ASN B 133 1.07 -14.35 25.85
N PHE B 134 0.07 -14.12 26.70
CA PHE B 134 -0.54 -12.79 26.79
C PHE B 134 -0.75 -12.31 28.21
N LYS B 135 -0.66 -13.18 29.22
CA LYS B 135 -0.76 -12.74 30.61
C LYS B 135 0.39 -11.81 30.98
N THR B 136 1.55 -12.01 30.35
CA THR B 136 2.69 -11.08 30.38
C THR B 136 2.33 -9.68 29.89
N LEU B 137 1.35 -9.55 28.98
CA LEU B 137 0.92 -8.23 28.55
C LEU B 137 -0.02 -7.60 29.57
N LEU B 138 -0.66 -8.41 30.41
CA LEU B 138 -1.66 -7.87 31.33
C LEU B 138 -1.16 -7.84 32.77
N ASN B 139 0.13 -8.10 32.98
CA ASN B 139 0.74 -7.78 34.27
C ASN B 139 2.06 -7.00 34.16
N LYS B 140 2.10 -5.99 33.30
CA LYS B 140 3.26 -5.11 33.18
C LYS B 140 2.86 -3.63 33.19
N ASP B 141 3.83 -2.77 32.92
CA ASP B 141 3.63 -1.33 32.83
C ASP B 141 3.81 -0.93 31.37
N GLY B 142 3.72 0.37 31.05
CA GLY B 142 3.73 0.84 29.67
C GLY B 142 4.97 0.57 28.84
N TYR B 143 6.14 1.01 29.32
CA TYR B 143 7.38 0.73 28.59
C TYR B 143 7.73 -0.75 28.64
N GLU B 144 7.27 -1.46 29.67
CA GLU B 144 7.44 -2.90 29.72
C GLU B 144 6.61 -3.58 28.64
N ARG B 145 5.38 -3.09 28.41
CA ARG B 145 4.58 -3.51 27.26
C ARG B 145 5.29 -3.18 25.95
N ALA B 146 5.97 -2.03 25.90
CA ALA B 146 6.68 -1.62 24.69
C ALA B 146 7.83 -2.58 24.37
N ARG B 147 8.68 -2.87 25.37
CA ARG B 147 9.80 -3.77 25.17
C ARG B 147 9.33 -5.20 24.91
N THR B 148 8.24 -5.62 25.55
CA THR B 148 7.73 -6.98 25.37
C THR B 148 7.14 -7.16 23.97
N LEU B 149 6.39 -6.16 23.49
CA LEU B 149 5.84 -6.28 22.14
C LEU B 149 6.91 -6.04 21.07
N LEU B 150 7.98 -5.30 21.42
CA LEU B 150 9.14 -5.22 20.54
C LEU B 150 9.80 -6.58 20.38
N PHE B 151 9.94 -7.30 21.51
CA PHE B 151 10.47 -8.66 21.48
C PHE B 151 9.56 -9.59 20.69
N PHE B 152 8.23 -9.43 20.82
CA PHE B 152 7.33 -10.29 20.07
C PHE B 152 7.35 -9.96 18.58
N ARG B 153 7.55 -8.70 18.20
CA ARG B 153 7.65 -8.39 16.78
C ARG B 153 8.98 -8.88 16.19
N ASN B 154 10.05 -8.85 16.99
CA ASN B 154 11.31 -9.45 16.56
C ASN B 154 11.16 -10.97 16.37
N ASN B 155 10.51 -11.63 17.32
CA ASN B 155 10.30 -13.07 17.23
C ASN B 155 9.32 -13.40 16.11
N LEU B 156 8.42 -12.48 15.78
CA LEU B 156 7.46 -12.69 14.70
C LEU B 156 8.17 -12.67 13.35
N LYS B 157 9.14 -11.78 13.20
CA LYS B 157 9.96 -11.75 11.99
C LYS B 157 10.87 -12.98 11.91
N LEU B 158 11.46 -13.37 13.04
CA LEU B 158 12.36 -14.52 13.03
C LEU B 158 11.60 -15.84 12.86
N ALA B 159 10.29 -15.83 13.13
CA ALA B 159 9.47 -17.00 12.82
C ALA B 159 8.87 -16.92 11.42
N LYS B 160 8.70 -15.73 10.87
CA LYS B 160 8.14 -15.58 9.52
C LYS B 160 9.18 -15.92 8.46
N LYS B 161 10.42 -15.48 8.67
CA LYS B 161 11.45 -15.69 7.65
C LYS B 161 11.91 -17.14 7.62
N PHE B 162 11.88 -17.83 8.77
CA PHE B 162 12.33 -19.20 8.83
C PHE B 162 11.19 -20.21 8.87
N ASP B 163 9.94 -19.75 8.68
CA ASP B 163 8.72 -20.56 8.70
C ASP B 163 8.59 -21.37 9.98
N VAL B 164 8.82 -20.73 11.12
CA VAL B 164 8.73 -21.38 12.43
C VAL B 164 7.27 -21.37 12.86
N PRO B 165 6.71 -22.52 13.29
CA PRO B 165 5.31 -22.55 13.74
C PRO B 165 5.07 -21.73 15.01
N VAL B 166 3.93 -21.04 15.07
CA VAL B 166 3.61 -20.12 16.17
C VAL B 166 2.20 -20.47 16.67
N VAL B 167 2.07 -20.60 17.98
CA VAL B 167 0.78 -20.80 18.64
C VAL B 167 0.53 -19.66 19.62
N ILE B 168 -0.56 -18.94 19.44
CA ILE B 168 -0.95 -17.85 20.34
C ILE B 168 -1.77 -18.47 21.48
N SER B 169 -1.62 -17.91 22.69
CA SER B 169 -2.48 -18.23 23.82
C SER B 169 -2.47 -17.09 24.82
N THR B 170 -3.44 -17.10 25.75
CA THR B 170 -3.51 -16.04 26.74
C THR B 170 -2.67 -16.36 27.97
N ASP B 171 -2.34 -17.64 28.16
CA ASP B 171 -1.66 -18.20 29.34
C ASP B 171 -2.40 -17.81 30.61
N ALA B 172 -3.70 -18.11 30.64
CA ALA B 172 -4.56 -17.55 31.67
C ALA B 172 -4.39 -18.27 33.00
N GLU B 173 -4.91 -17.64 34.06
CA GLU B 173 -4.76 -18.14 35.42
C GLU B 173 -6.05 -18.12 36.23
N ASN B 174 -7.07 -17.39 35.78
CA ASN B 174 -8.28 -17.18 36.57
C ASN B 174 -9.50 -17.25 35.65
N LYS B 175 -10.64 -16.81 36.18
CA LYS B 175 -11.88 -16.81 35.42
C LYS B 175 -11.84 -15.78 34.28
N TYR B 176 -11.21 -14.64 34.53
CA TYR B 176 -11.33 -13.51 33.60
C TYR B 176 -10.06 -13.18 32.86
N GLN B 177 -9.00 -14.00 33.03
CA GLN B 177 -7.76 -13.71 32.33
C GLN B 177 -7.86 -14.09 30.86
N ILE B 178 -8.80 -14.98 30.52
CA ILE B 178 -9.01 -15.51 29.18
C ILE B 178 -9.57 -14.39 28.31
N LYS B 179 -9.19 -14.35 27.03
CA LYS B 179 -9.75 -13.38 26.10
C LYS B 179 -10.31 -14.12 24.88
N ASN B 180 -10.93 -13.34 23.98
CA ASN B 180 -11.63 -13.86 22.80
C ASN B 180 -10.65 -14.31 21.72
N PRO B 181 -11.02 -15.29 20.88
CA PRO B 181 -10.14 -15.68 19.77
C PRO B 181 -10.15 -14.67 18.63
N TYR B 182 -11.29 -14.01 18.42
CA TYR B 182 -11.35 -12.92 17.46
C TYR B 182 -10.51 -11.74 17.89
N ASP B 183 -10.41 -11.53 19.21
CA ASP B 183 -9.54 -10.48 19.75
C ASP B 183 -8.07 -10.77 19.43
N LEU B 184 -7.63 -12.01 19.67
CA LEU B 184 -6.25 -12.38 19.41
C LEU B 184 -5.95 -12.36 17.91
N ARG B 185 -6.95 -12.72 17.09
CA ARG B 185 -6.78 -12.64 15.64
C ARG B 185 -6.69 -11.19 15.16
N ALA B 186 -7.50 -10.30 15.74
CA ALA B 186 -7.43 -8.89 15.39
C ALA B 186 -6.15 -8.22 15.88
N PHE B 187 -5.58 -8.70 17.00
CA PHE B 187 -4.32 -8.20 17.49
C PHE B 187 -3.14 -8.66 16.64
N LEU B 188 -3.13 -9.94 16.24
CA LEU B 188 -2.09 -10.42 15.34
C LEU B 188 -2.28 -9.89 13.92
N ASN B 189 -3.50 -9.44 13.59
CA ASN B 189 -3.72 -8.67 12.37
C ASN B 189 -3.16 -7.26 12.51
N THR B 190 -3.33 -6.65 13.69
CA THR B 190 -2.78 -5.34 13.98
C THR B 190 -1.25 -5.34 13.94
N LEU B 191 -0.61 -6.44 14.37
CA LEU B 191 0.85 -6.47 14.38
C LEU B 191 1.47 -6.49 12.99
N VAL B 192 1.29 -7.57 12.21
CA VAL B 192 1.92 -7.65 10.89
C VAL B 192 0.89 -7.94 9.81
N GLU B 193 0.27 -9.13 9.87
CA GLU B 193 -0.56 -9.63 8.77
C GLU B 193 -1.75 -10.45 9.26
N PRO B 194 -2.86 -10.48 8.50
CA PRO B 194 -4.01 -11.32 8.88
C PRO B 194 -3.90 -12.77 8.42
N LEU B 195 -3.20 -13.01 7.32
CA LEU B 195 -3.03 -14.37 6.83
C LEU B 195 -2.15 -15.18 7.76
N TYR B 196 -1.08 -14.56 8.28
CA TYR B 196 -0.24 -15.20 9.27
C TYR B 196 -1.00 -15.38 10.58
N ALA B 197 -1.92 -14.46 10.88
CA ALA B 197 -2.75 -14.57 12.07
C ALA B 197 -3.69 -15.77 11.98
N LYS B 198 -4.22 -16.03 10.78
CA LYS B 198 -5.02 -17.24 10.58
C LYS B 198 -4.15 -18.48 10.59
N LYS B 199 -2.91 -18.37 10.07
CA LYS B 199 -1.99 -19.50 10.03
C LYS B 199 -1.56 -19.94 11.43
N ILE B 200 -1.50 -18.98 12.36
CA ILE B 200 -1.17 -19.29 13.75
C ILE B 200 -2.25 -20.17 14.38
N MET B 201 -3.53 -19.82 14.15
CA MET B 201 -4.63 -20.62 14.67
C MET B 201 -4.72 -21.97 13.97
N GLU B 202 -4.43 -22.00 12.66
CA GLU B 202 -4.41 -23.27 11.92
C GLU B 202 -3.32 -24.19 12.45
N THR B 203 -2.14 -23.64 12.74
CA THR B 203 -1.05 -24.44 13.30
C THR B 203 -1.38 -24.90 14.72
N ALA B 204 -2.07 -24.05 15.49
CA ALA B 204 -2.48 -24.41 16.84
C ALA B 204 -3.48 -25.55 16.85
N TYR B 205 -4.34 -25.61 15.82
CA TYR B 205 -5.22 -26.76 15.70
C TYR B 205 -4.48 -28.01 15.22
N LYS B 206 -3.57 -27.82 14.23
CA LYS B 206 -2.94 -28.98 13.59
C LYS B 206 -1.92 -29.66 14.51
N ILE B 207 -1.31 -28.91 15.44
CA ILE B 207 -0.33 -29.56 16.31
C ILE B 207 -1.03 -30.47 17.33
N CYS B 208 -2.19 -30.04 17.85
CA CYS B 208 -2.95 -30.90 18.75
C CYS B 208 -3.58 -32.05 17.99
N ASP B 209 -3.96 -31.81 16.72
CA ASP B 209 -4.47 -32.88 15.88
C ASP B 209 -3.41 -33.93 15.61
N PHE B 210 -2.17 -33.51 15.37
CA PHE B 210 -1.07 -34.42 15.15
C PHE B 210 -0.70 -35.21 16.41
N ARG B 211 -0.69 -34.54 17.57
CA ARG B 211 -0.38 -35.24 18.82
C ARG B 211 -1.48 -36.26 19.17
N ASP B 212 -2.74 -35.91 18.90
CA ASP B 212 -3.85 -36.81 19.14
C ASP B 212 -3.80 -37.99 18.17
N TYR B 213 -3.43 -37.73 16.91
CA TYR B 213 -3.39 -38.80 15.92
C TYR B 213 -2.16 -39.69 16.13
N LEU B 214 -1.14 -39.15 16.80
CA LEU B 214 0.05 -39.93 17.14
C LEU B 214 -0.21 -40.82 18.35
N MET B 215 -0.73 -40.25 19.44
CA MET B 215 -0.95 -41.03 20.65
C MET B 215 -2.31 -41.72 20.68
N ARG B 216 -3.10 -41.62 19.63
CA ARG B 216 -4.42 -42.25 19.58
C ARG B 216 -4.33 -43.75 19.38
N ASP B 217 -3.73 -44.17 18.28
CA ASP B 217 -3.63 -45.57 17.89
C ASP B 217 -2.17 -45.99 17.85
N ASN B 218 -1.93 -47.20 17.32
CA ASN B 218 -0.58 -47.74 17.20
C ASN B 218 0.18 -47.03 16.09
N VAL B 219 0.66 -45.82 16.36
CA VAL B 219 1.34 -45.00 15.37
C VAL B 219 2.76 -44.75 15.83
N VAL B 220 3.71 -45.31 15.09
CA VAL B 220 5.14 -45.11 15.38
C VAL B 220 5.82 -44.56 14.14
N ARG B 221 6.34 -43.34 14.25
CA ARG B 221 6.99 -42.58 13.17
C ARG B 221 6.08 -42.47 11.95
N TYR B 222 4.82 -42.12 12.24
CA TYR B 222 3.72 -42.07 11.27
C TYR B 222 3.56 -43.39 10.53
N GLY B 223 3.18 -44.43 11.25
CA GLY B 223 2.81 -45.69 10.64
C GLY B 223 1.51 -46.19 11.19
N VAL B 224 0.52 -46.28 10.32
CA VAL B 224 -0.85 -46.60 10.72
C VAL B 224 -1.05 -48.10 10.57
N GLU B 225 -1.56 -48.71 11.63
CA GLU B 225 -1.78 -50.15 11.66
C GLU B 225 -3.24 -50.38 12.03
N ILE B 226 -3.93 -51.23 11.26
CA ILE B 226 -5.38 -51.37 11.31
C ILE B 226 -5.64 -52.87 11.55
N ILE B 227 -6.89 -53.30 11.36
CA ILE B 227 -7.53 -54.58 11.68
C ILE B 227 -6.65 -55.80 11.42
N LYS B 228 -6.73 -56.79 12.33
CA LYS B 228 -5.98 -58.06 12.33
C LYS B 228 -4.49 -57.82 12.45
N GLU B 229 -4.07 -57.29 13.58
CA GLU B 229 -2.68 -57.00 13.91
C GLU B 229 -1.96 -58.23 14.45
N GLU B 230 -0.66 -58.29 14.19
CA GLU B 230 0.24 -59.23 14.86
C GLU B 230 0.96 -58.57 16.03
N LYS B 231 0.19 -57.99 16.95
CA LYS B 231 0.77 -57.24 18.05
C LYS B 231 1.05 -58.13 19.26
N GLU B 232 2.24 -57.99 19.81
CA GLU B 232 2.64 -58.76 20.98
C GLU B 232 2.46 -57.96 22.27
N MET C 1 9.58 -63.27 11.59
CA MET C 1 8.31 -62.66 11.21
C MET C 1 8.49 -61.19 10.86
N ILE C 2 7.56 -60.66 10.08
CA ILE C 2 7.59 -59.26 9.67
C ILE C 2 6.63 -58.48 10.55
N THR C 3 7.13 -57.46 11.22
CA THR C 3 6.40 -56.69 12.21
C THR C 3 6.11 -55.29 11.69
N PRO C 4 4.97 -54.69 12.11
CA PRO C 4 4.64 -53.32 11.67
C PRO C 4 5.60 -52.26 12.21
N HIS C 5 6.30 -52.56 13.30
CA HIS C 5 7.27 -51.61 13.83
C HIS C 5 8.56 -51.63 12.99
N ASN C 6 9.07 -52.82 12.70
CA ASN C 6 10.31 -52.94 11.93
C ASN C 6 10.07 -52.97 10.43
N ILE C 7 8.89 -52.55 9.96
CA ILE C 7 8.64 -52.45 8.52
C ILE C 7 9.38 -51.25 7.94
N LEU C 8 9.90 -50.37 8.82
CA LEU C 8 10.83 -49.34 8.40
C LEU C 8 12.19 -49.94 8.04
N ARG C 9 12.46 -51.18 8.49
CA ARG C 9 13.72 -51.83 8.12
C ARG C 9 13.52 -53.20 7.46
N HIS C 10 12.31 -53.77 7.49
CA HIS C 10 12.08 -55.02 6.76
C HIS C 10 12.16 -54.81 5.25
N GLU C 11 12.43 -55.90 4.54
CA GLU C 11 12.53 -55.90 3.09
C GLU C 11 11.13 -55.81 2.50
N LEU C 12 10.97 -54.94 1.50
CA LEU C 12 9.66 -54.72 0.92
C LEU C 12 9.38 -55.67 -0.24
N ILE C 13 10.43 -56.26 -0.81
CA ILE C 13 10.26 -57.11 -1.99
C ILE C 13 9.67 -58.45 -1.58
N GLY C 14 8.58 -58.83 -2.24
CA GLY C 14 7.89 -60.07 -1.91
C GLY C 14 6.67 -59.87 -1.04
N LEU C 15 6.07 -58.67 -1.07
CA LEU C 15 4.91 -58.35 -0.26
C LEU C 15 3.92 -57.61 -1.15
N LYS C 16 2.64 -58.00 -1.06
CA LYS C 16 1.60 -57.29 -1.79
C LYS C 16 1.40 -55.89 -1.20
N VAL C 17 1.09 -54.93 -2.08
CA VAL C 17 1.00 -53.53 -1.69
C VAL C 17 -0.07 -52.84 -2.53
N GLU C 18 -0.80 -51.93 -1.90
CA GLU C 18 -1.65 -50.97 -2.59
C GLU C 18 -1.39 -49.61 -1.98
N ILE C 19 -1.58 -48.55 -2.77
CA ILE C 19 -1.36 -47.20 -2.30
C ILE C 19 -2.73 -46.56 -2.14
N VAL C 20 -2.86 -45.65 -1.16
CA VAL C 20 -4.18 -45.08 -0.89
C VAL C 20 -4.17 -43.58 -1.18
N GLU C 21 -3.06 -42.89 -0.92
CA GLU C 21 -2.99 -41.47 -1.19
C GLU C 21 -1.68 -41.13 -1.89
N ALA C 22 -1.78 -40.22 -2.86
CA ALA C 22 -0.67 -39.76 -3.67
C ALA C 22 -1.08 -38.43 -4.30
N LYS C 23 -0.08 -37.69 -4.78
CA LYS C 23 -0.39 -36.44 -5.47
C LYS C 23 -0.77 -36.70 -6.91
N ASN C 24 -0.25 -37.78 -7.49
CA ASN C 24 -0.66 -38.21 -8.83
C ASN C 24 -2.02 -38.88 -8.73
N LYS C 25 -2.96 -38.43 -9.57
CA LYS C 25 -4.34 -38.91 -9.46
C LYS C 25 -4.49 -40.32 -10.01
N ALA C 26 -3.74 -40.65 -11.06
CA ALA C 26 -3.87 -41.96 -11.67
C ALA C 26 -3.10 -43.02 -10.90
N MET C 27 -2.22 -42.60 -9.99
CA MET C 27 -1.48 -43.57 -9.17
C MET C 27 -2.40 -44.24 -8.17
N ILE C 28 -3.49 -43.57 -7.78
CA ILE C 28 -4.36 -44.09 -6.74
C ILE C 28 -5.24 -45.21 -7.31
N GLY C 29 -5.16 -46.38 -6.68
CA GLY C 29 -5.97 -47.51 -7.08
C GLY C 29 -5.23 -48.72 -7.59
N ILE C 30 -3.90 -48.75 -7.45
CA ILE C 30 -3.10 -49.87 -7.94
C ILE C 30 -2.97 -50.93 -6.85
N LYS C 31 -2.84 -52.19 -7.27
CA LYS C 31 -2.61 -53.32 -6.37
C LYS C 31 -1.64 -54.28 -7.02
N GLY C 32 -0.61 -54.67 -6.28
CA GLY C 32 0.38 -55.58 -6.83
C GLY C 32 1.47 -55.88 -5.83
N LYS C 33 2.49 -56.59 -6.31
CA LYS C 33 3.64 -56.99 -5.51
C LYS C 33 4.86 -56.13 -5.83
N VAL C 34 5.85 -56.19 -4.95
CA VAL C 34 7.08 -55.41 -5.09
C VAL C 34 8.13 -56.31 -5.71
N VAL C 35 8.76 -55.84 -6.80
CA VAL C 35 9.80 -56.62 -7.46
C VAL C 35 11.16 -55.97 -7.29
N ASP C 36 11.28 -54.69 -7.64
CA ASP C 36 12.56 -53.99 -7.58
C ASP C 36 12.40 -52.77 -6.68
N GLU C 37 13.47 -52.43 -5.97
CA GLU C 37 13.45 -51.33 -5.02
C GLU C 37 14.76 -50.56 -5.10
N THR C 38 14.65 -49.27 -5.46
CA THR C 38 15.76 -48.34 -5.38
C THR C 38 15.37 -47.21 -4.44
N ARG C 39 16.26 -46.21 -4.35
CA ARG C 39 16.40 -45.32 -3.18
C ARG C 39 15.08 -44.63 -2.81
N ASN C 40 14.30 -44.22 -3.80
CA ASN C 40 12.96 -43.71 -3.58
C ASN C 40 12.01 -44.22 -4.65
N THR C 41 12.10 -45.50 -4.99
CA THR C 41 11.30 -46.03 -6.10
C THR C 41 11.01 -47.52 -5.91
N LEU C 42 9.74 -47.88 -6.08
CA LEU C 42 9.31 -49.27 -6.17
C LEU C 42 8.89 -49.57 -7.60
N VAL C 43 9.24 -50.77 -8.08
CA VAL C 43 8.75 -51.28 -9.36
C VAL C 43 7.70 -52.34 -9.06
N ILE C 44 6.44 -52.01 -9.34
CA ILE C 44 5.31 -52.82 -8.92
C ILE C 44 4.67 -53.46 -10.14
N GLU C 45 4.52 -54.79 -10.09
CA GLU C 45 3.83 -55.54 -11.13
C GLU C 45 2.38 -55.73 -10.71
N LYS C 46 1.46 -55.19 -11.50
CA LYS C 46 0.04 -55.30 -11.23
C LYS C 46 -0.46 -56.73 -11.43
N GLU C 47 -1.64 -57.00 -10.87
CA GLU C 47 -2.31 -58.27 -11.15
C GLU C 47 -2.81 -58.30 -12.60
N ASP C 48 -3.12 -57.14 -13.17
CA ASP C 48 -3.53 -57.07 -14.57
C ASP C 48 -2.37 -57.35 -15.51
N GLY C 49 -1.13 -57.05 -15.08
CA GLY C 49 0.04 -57.34 -15.87
C GLY C 49 0.87 -56.14 -16.28
N ARG C 50 0.67 -54.98 -15.65
CA ARG C 50 1.39 -53.77 -16.03
C ARG C 50 2.44 -53.43 -14.97
N GLU C 51 3.68 -53.23 -15.42
CA GLU C 51 4.74 -52.77 -14.53
C GLU C 51 4.68 -51.25 -14.40
N VAL C 52 4.63 -50.78 -13.15
CA VAL C 52 4.57 -49.35 -12.88
C VAL C 52 5.76 -48.95 -12.01
N VAL C 53 6.21 -47.72 -12.18
CA VAL C 53 7.35 -47.15 -11.45
C VAL C 53 6.81 -46.11 -10.49
N ILE C 54 6.80 -46.42 -9.21
CA ILE C 54 6.13 -45.62 -8.19
C ILE C 54 7.21 -44.92 -7.36
N PRO C 55 7.28 -43.60 -7.37
CA PRO C 55 8.15 -42.91 -6.42
C PRO C 55 7.59 -42.96 -5.00
N LYS C 56 8.49 -42.99 -4.03
CA LYS C 56 8.07 -43.24 -2.65
C LYS C 56 7.64 -41.95 -1.96
N ASP C 57 8.35 -40.84 -2.20
CA ASP C 57 8.21 -39.66 -1.37
C ASP C 57 6.94 -38.87 -1.68
N ILE C 58 6.22 -39.25 -2.74
CA ILE C 58 5.03 -38.49 -3.12
C ILE C 58 3.77 -39.20 -2.64
N ALA C 59 3.88 -40.45 -2.20
CA ALA C 59 2.71 -41.26 -1.87
C ALA C 59 2.86 -41.89 -0.49
N VAL C 60 1.76 -42.50 -0.02
CA VAL C 60 1.76 -43.34 1.17
C VAL C 60 1.38 -44.75 0.73
N PHE C 61 2.03 -45.75 1.33
CA PHE C 61 1.91 -47.14 0.93
C PHE C 61 1.13 -47.91 1.99
N LEU C 62 0.37 -48.90 1.56
CA LEU C 62 -0.28 -49.85 2.46
C LEU C 62 0.27 -51.22 2.11
N PHE C 63 1.20 -51.71 2.93
CA PHE C 63 1.79 -53.02 2.74
C PHE C 63 0.92 -54.09 3.39
N GLN C 64 0.69 -55.17 2.65
CA GLN C 64 -0.10 -56.30 3.12
C GLN C 64 0.84 -57.36 3.67
N LEU C 65 0.85 -57.51 4.99
CA LEU C 65 1.66 -58.50 5.66
C LEU C 65 0.87 -59.80 5.77
N LYS C 66 1.33 -60.74 6.59
CA LYS C 66 0.58 -61.98 6.82
C LYS C 66 -0.64 -61.67 7.67
N GLY C 67 -1.68 -61.18 7.00
CA GLY C 67 -2.90 -60.76 7.68
C GLY C 67 -2.97 -59.27 7.92
N CYS C 68 -1.82 -58.62 8.12
CA CYS C 68 -1.81 -57.22 8.50
C CYS C 68 -1.89 -56.32 7.27
N LYS C 69 -2.28 -55.07 7.52
CA LYS C 69 -2.28 -54.01 6.52
C LYS C 69 -1.74 -52.74 7.17
N VAL C 70 -0.53 -52.34 6.78
CA VAL C 70 0.20 -51.28 7.47
C VAL C 70 0.40 -50.11 6.53
N LYS C 71 0.05 -48.91 7.00
CA LYS C 71 0.14 -47.67 6.21
C LYS C 71 1.39 -46.90 6.62
N VAL C 72 2.38 -46.83 5.72
CA VAL C 72 3.64 -46.15 5.99
C VAL C 72 3.94 -45.21 4.81
N ASP C 73 4.37 -43.98 5.12
CA ASP C 73 4.84 -43.07 4.09
C ASP C 73 6.10 -43.60 3.41
N GLY C 74 6.26 -43.24 2.14
CA GLY C 74 7.52 -43.49 1.47
C GLY C 74 8.59 -42.47 1.82
N ARG C 75 8.18 -41.37 2.47
CA ARG C 75 9.16 -40.46 3.06
C ARG C 75 9.91 -41.13 4.20
N LEU C 76 9.23 -42.04 4.91
CA LEU C 76 9.92 -42.87 5.89
C LEU C 76 10.77 -43.94 5.21
N LEU C 77 10.39 -44.32 3.98
CA LEU C 77 11.14 -45.32 3.23
C LEU C 77 12.22 -44.70 2.34
N ILE C 78 12.75 -43.53 2.72
CA ILE C 78 13.80 -42.90 1.93
C ILE C 78 15.10 -43.68 2.10
N GLY C 79 15.88 -43.75 1.03
CA GLY C 79 17.13 -44.50 1.06
C GLY C 79 17.02 -45.84 0.37
N ARG C 80 18.16 -46.34 -0.12
CA ARG C 80 18.22 -47.71 -0.62
C ARG C 80 17.98 -48.68 0.54
N PRO C 81 17.37 -49.85 0.27
CA PRO C 81 17.14 -50.82 1.36
C PRO C 81 18.41 -51.37 2.00
N GLU C 82 19.53 -51.33 1.26
CA GLU C 82 20.83 -51.61 1.85
C GLU C 82 21.18 -50.61 2.94
N GLU C 83 21.13 -49.32 2.60
CA GLU C 83 21.38 -48.28 3.59
C GLU C 83 20.27 -48.19 4.62
N ARG C 84 19.05 -48.57 4.24
CA ARG C 84 17.92 -48.58 5.18
C ARG C 84 18.10 -49.65 6.25
N LEU C 85 18.67 -50.81 5.89
CA LEU C 85 18.96 -51.81 6.91
C LEU C 85 20.31 -51.55 7.57
N LYS C 86 21.14 -50.67 6.99
CA LYS C 86 22.35 -50.26 7.69
C LYS C 86 21.98 -49.50 8.97
N LYS C 87 21.50 -48.25 8.82
CA LYS C 87 20.59 -47.58 9.75
C LYS C 87 20.08 -46.29 9.13
N LYS C 88 18.76 -46.14 9.03
CA LYS C 88 18.15 -44.87 8.63
C LYS C 88 17.09 -44.46 9.62
N ILE C 89 17.27 -43.28 10.22
CA ILE C 89 16.31 -42.69 11.15
C ILE C 89 15.64 -41.53 10.45
N LYS C 90 14.33 -41.63 10.21
CA LYS C 90 13.60 -40.54 9.61
C LYS C 90 12.46 -40.11 10.52
N ILE C 91 12.41 -38.81 10.80
CA ILE C 91 11.38 -38.21 11.65
C ILE C 91 10.62 -37.19 10.82
N LEU C 92 9.32 -37.43 10.66
CA LEU C 92 8.49 -36.64 9.75
C LEU C 92 7.48 -35.83 10.56
N TYR C 93 7.34 -34.56 10.19
CA TYR C 93 6.40 -33.66 10.83
C TYR C 93 5.49 -33.07 9.76
N PRO C 94 4.27 -33.57 9.62
CA PRO C 94 3.35 -33.03 8.60
C PRO C 94 2.58 -31.81 9.07
N TYR C 95 3.28 -30.71 9.37
CA TYR C 95 2.62 -29.47 9.74
C TYR C 95 2.29 -28.64 8.50
N LYS D 2 9.59 -54.55 30.56
CA LYS D 2 8.90 -54.46 29.28
C LYS D 2 9.86 -54.73 28.13
N LYS D 3 9.44 -55.60 27.20
CA LYS D 3 10.25 -55.97 26.04
C LYS D 3 9.43 -55.72 24.78
N PHE D 4 9.76 -54.65 24.07
CA PHE D 4 9.09 -54.33 22.81
C PHE D 4 9.92 -54.83 21.63
N LEU D 5 11.23 -54.55 21.65
CA LEU D 5 12.14 -54.97 20.59
C LEU D 5 12.84 -56.25 21.03
N GLU D 6 12.29 -57.40 20.63
CA GLU D 6 12.97 -58.67 20.83
C GLU D 6 13.85 -59.05 19.65
N LYS D 7 13.58 -58.51 18.48
CA LYS D 7 14.37 -58.78 17.28
C LYS D 7 15.31 -57.62 17.02
N LYS D 8 16.59 -57.94 16.86
CA LYS D 8 17.64 -56.94 16.70
C LYS D 8 17.91 -56.68 15.23
N LEU D 9 18.99 -55.92 14.96
CA LEU D 9 19.31 -55.57 13.58
C LEU D 9 19.88 -56.76 12.82
N LYS D 10 20.75 -57.54 13.47
CA LYS D 10 21.36 -58.69 12.81
C LYS D 10 20.36 -59.81 12.59
N LYS D 11 19.35 -59.90 13.47
CA LYS D 11 18.31 -60.93 13.31
C LYS D 11 17.42 -60.63 12.11
N ILE D 12 17.02 -59.36 11.95
CA ILE D 12 16.24 -58.96 10.78
C ILE D 12 17.09 -59.03 9.52
N ALA D 13 18.41 -58.82 9.65
CA ALA D 13 19.32 -59.01 8.52
C ALA D 13 19.37 -60.47 8.07
N TYR D 14 19.42 -61.40 9.03
CA TYR D 14 19.40 -62.83 8.71
C TYR D 14 18.06 -63.23 8.11
N GLU D 15 16.97 -62.64 8.61
CA GLU D 15 15.65 -62.89 8.02
C GLU D 15 15.55 -62.36 6.61
N ARG D 16 16.16 -61.20 6.33
CA ARG D 16 16.16 -60.66 4.98
C ARG D 16 17.01 -61.51 4.04
N ILE D 17 18.13 -62.04 4.55
CA ILE D 17 18.92 -63.03 3.81
C ILE D 17 18.07 -64.23 3.41
N ASP D 18 17.34 -64.79 4.38
CA ASP D 18 16.53 -65.99 4.13
C ASP D 18 15.39 -65.70 3.15
N ILE D 19 14.68 -64.58 3.35
CA ILE D 19 13.55 -64.24 2.48
C ILE D 19 14.03 -63.91 1.06
N LEU D 20 15.12 -63.15 0.93
CA LEU D 20 15.61 -62.79 -0.39
C LEU D 20 16.13 -63.99 -1.16
N MET D 21 16.79 -64.93 -0.48
CA MET D 21 17.32 -66.06 -1.24
C MET D 21 16.23 -67.10 -1.51
N SER D 22 15.20 -67.17 -0.65
CA SER D 22 14.05 -68.00 -0.96
C SER D 22 13.25 -67.44 -2.14
N LEU D 23 13.07 -66.12 -2.19
CA LEU D 23 12.43 -65.50 -3.35
C LEU D 23 13.31 -65.61 -4.59
N ALA D 24 14.63 -65.67 -4.41
CA ALA D 24 15.53 -65.91 -5.53
C ALA D 24 15.30 -67.29 -6.13
N GLU D 25 15.17 -68.31 -5.27
CA GLU D 25 14.86 -69.66 -5.76
C GLU D 25 13.47 -69.71 -6.40
N GLU D 26 12.49 -69.03 -5.78
CA GLU D 26 11.12 -69.09 -6.28
C GLU D 26 10.97 -68.35 -7.61
N GLU D 27 11.77 -67.31 -7.84
CA GLU D 27 11.70 -66.57 -9.09
C GLU D 27 12.70 -67.05 -10.13
N ALA D 28 13.68 -67.87 -9.76
CA ALA D 28 14.66 -68.35 -10.74
C ALA D 28 14.13 -69.49 -11.59
N LYS D 29 13.10 -70.19 -11.13
CA LYS D 29 12.53 -71.31 -11.89
C LYS D 29 11.50 -70.88 -12.92
N LYS D 30 11.10 -69.60 -12.90
CA LYS D 30 10.10 -69.12 -13.85
C LYS D 30 10.70 -68.85 -15.23
N GLY D 31 11.93 -68.34 -15.29
CA GLY D 31 12.55 -68.04 -16.56
C GLY D 31 13.29 -66.71 -16.57
N ASN D 32 13.18 -65.96 -15.47
CA ASN D 32 13.87 -64.68 -15.33
C ASN D 32 15.13 -64.89 -14.50
N TRP D 33 16.25 -65.14 -15.19
CA TRP D 33 17.51 -65.31 -14.49
C TRP D 33 18.13 -63.97 -14.08
N ASP D 34 17.75 -62.88 -14.76
CA ASP D 34 18.28 -61.57 -14.41
C ASP D 34 17.68 -61.05 -13.12
N ARG D 35 16.40 -61.35 -12.89
CA ARG D 35 15.77 -60.97 -11.63
C ARG D 35 16.37 -61.75 -10.47
N ALA D 36 16.65 -63.04 -10.68
CA ALA D 36 17.33 -63.84 -9.66
C ALA D 36 18.76 -63.36 -9.43
N LYS D 37 19.42 -62.89 -10.49
CA LYS D 37 20.74 -62.28 -10.34
C LYS D 37 20.66 -61.00 -9.52
N ARG D 38 19.58 -60.24 -9.69
CA ARG D 38 19.35 -59.04 -8.87
C ARG D 38 19.12 -59.41 -7.40
N TYR D 39 18.37 -60.49 -7.15
CA TYR D 39 18.17 -60.95 -5.76
C TYR D 39 19.48 -61.40 -5.11
N VAL D 40 20.29 -62.16 -5.85
CA VAL D 40 21.58 -62.62 -5.33
C VAL D 40 22.53 -61.45 -5.13
N TYR D 41 22.44 -60.44 -6.00
CA TYR D 41 23.26 -59.25 -5.85
C TYR D 41 22.87 -58.43 -4.62
N LEU D 42 21.56 -58.29 -4.36
CA LEU D 42 21.12 -57.56 -3.17
C LEU D 42 21.44 -58.34 -1.89
N ALA D 43 21.32 -59.67 -1.93
CA ALA D 43 21.65 -60.49 -0.77
C ALA D 43 23.15 -60.48 -0.49
N ARG D 44 23.96 -60.46 -1.55
CA ARG D 44 25.41 -60.38 -1.37
C ARG D 44 25.81 -59.01 -0.86
N ARG D 45 25.13 -57.95 -1.31
CA ARG D 45 25.41 -56.61 -0.83
C ARG D 45 25.02 -56.46 0.64
N ILE D 46 23.93 -57.09 1.06
CA ILE D 46 23.57 -56.99 2.47
C ILE D 46 24.43 -57.93 3.32
N ALA D 47 25.01 -58.96 2.69
CA ALA D 47 25.95 -59.81 3.42
C ALA D 47 27.27 -59.11 3.67
N MET D 48 27.79 -58.40 2.66
CA MET D 48 29.02 -57.62 2.88
C MET D 48 28.76 -56.39 3.73
N LYS D 49 27.53 -55.86 3.73
CA LYS D 49 27.24 -54.68 4.53
C LYS D 49 27.04 -55.04 6.00
N MET D 50 26.31 -56.11 6.29
CA MET D 50 25.98 -56.42 7.68
C MET D 50 27.12 -57.15 8.41
N ARG D 51 28.17 -57.53 7.67
CA ARG D 51 29.27 -58.38 8.16
C ARG D 51 28.76 -59.70 8.73
N ILE D 52 27.76 -60.27 8.06
CA ILE D 52 27.16 -61.52 8.47
C ILE D 52 27.46 -62.56 7.38
N ARG D 53 27.62 -63.80 7.81
CA ARG D 53 27.98 -64.89 6.91
C ARG D 53 26.75 -65.49 6.24
N PHE D 54 26.97 -66.13 5.11
CA PHE D 54 25.89 -66.82 4.42
C PHE D 54 25.50 -68.08 5.20
N PRO D 55 24.21 -68.44 5.19
CA PRO D 55 23.82 -69.73 5.76
C PRO D 55 24.33 -70.86 4.90
N LYS D 56 24.49 -72.04 5.51
CA LYS D 56 25.10 -73.17 4.79
C LYS D 56 24.11 -73.80 3.81
N LYS D 57 22.83 -73.43 3.90
CA LYS D 57 21.84 -73.90 2.92
C LYS D 57 22.02 -73.20 1.59
N TRP D 58 22.05 -71.86 1.60
CA TRP D 58 22.12 -71.10 0.37
C TRP D 58 23.55 -70.72 0.02
N LYS D 59 24.53 -71.44 0.57
CA LYS D 59 25.93 -71.05 0.42
C LYS D 59 26.48 -71.44 -0.93
N ARG D 60 26.19 -72.66 -1.38
CA ARG D 60 26.77 -73.20 -2.59
C ARG D 60 25.83 -73.11 -3.78
N ARG D 61 24.66 -72.48 -3.63
CA ARG D 61 23.68 -72.42 -4.71
C ARG D 61 23.91 -71.23 -5.64
N ILE D 62 24.85 -70.35 -5.31
CA ILE D 62 25.07 -69.13 -6.09
C ILE D 62 26.47 -69.14 -6.68
N CYS D 63 26.68 -68.28 -7.67
CA CYS D 63 27.99 -68.14 -8.27
C CYS D 63 28.63 -66.82 -7.81
N LYS D 64 29.93 -66.87 -7.55
CA LYS D 64 30.63 -65.69 -7.04
C LYS D 64 31.04 -64.75 -8.17
N LYS D 65 31.24 -65.28 -9.37
CA LYS D 65 31.72 -64.47 -10.47
C LYS D 65 30.61 -63.62 -11.07
N CYS D 66 29.56 -64.28 -11.59
CA CYS D 66 28.49 -63.54 -12.26
C CYS D 66 27.37 -63.14 -11.29
N GLY D 67 26.95 -64.06 -10.43
CA GLY D 67 25.87 -63.81 -9.51
C GLY D 67 24.56 -64.46 -9.86
N THR D 68 24.56 -65.41 -10.78
CA THR D 68 23.32 -66.11 -11.15
C THR D 68 23.02 -67.21 -10.14
N PHE D 69 21.77 -67.26 -9.69
CA PHE D 69 21.30 -68.36 -8.86
C PHE D 69 21.30 -69.64 -9.69
N LEU D 70 22.01 -70.65 -9.22
CA LEU D 70 22.32 -71.84 -10.02
C LEU D 70 21.30 -72.94 -9.76
N LEU D 71 20.48 -73.22 -10.77
CA LEU D 71 19.59 -74.37 -10.75
C LEU D 71 20.42 -75.58 -11.18
N TYR D 72 20.47 -76.59 -10.32
CA TYR D 72 21.26 -77.77 -10.60
C TYR D 72 20.62 -78.57 -11.72
N GLY D 73 21.32 -78.66 -12.86
CA GLY D 73 20.78 -79.33 -14.02
C GLY D 73 20.42 -78.38 -15.15
N ARG D 74 19.85 -77.23 -14.81
CA ARG D 74 19.45 -76.24 -15.81
C ARG D 74 20.63 -75.38 -16.24
N ASN D 75 21.23 -74.67 -15.29
CA ASN D 75 22.39 -73.83 -15.55
C ASN D 75 23.52 -74.14 -14.57
N ALA D 76 23.54 -75.36 -14.05
CA ALA D 76 24.59 -75.80 -13.14
C ALA D 76 24.76 -77.31 -13.27
N ARG D 77 26.00 -77.73 -13.46
CA ARG D 77 26.36 -79.13 -13.62
C ARG D 77 27.13 -79.58 -12.39
N VAL D 78 26.60 -80.59 -11.70
CA VAL D 78 27.12 -81.03 -10.41
C VAL D 78 27.65 -82.45 -10.57
N ARG D 79 28.97 -82.61 -10.43
CA ARG D 79 29.57 -83.92 -10.58
C ARG D 79 30.49 -84.22 -9.40
N ILE D 80 30.36 -85.43 -8.87
CA ILE D 80 31.14 -85.89 -7.72
C ILE D 80 32.26 -86.78 -8.23
N LYS D 81 33.51 -86.34 -8.04
CA LYS D 81 34.67 -87.13 -8.41
C LYS D 81 35.55 -87.30 -7.17
N SER D 82 35.95 -88.54 -6.90
CA SER D 82 36.75 -88.84 -5.73
C SER D 82 37.85 -89.87 -6.00
N LYS D 83 38.37 -89.93 -7.22
CA LYS D 83 39.49 -90.81 -7.55
C LYS D 83 40.77 -90.34 -6.87
N ARG D 84 41.23 -89.14 -7.21
CA ARG D 84 42.44 -88.59 -6.63
C ARG D 84 42.16 -87.97 -5.26
N TYR D 85 41.18 -87.08 -5.20
CA TYR D 85 40.77 -86.45 -3.95
C TYR D 85 39.26 -86.24 -4.00
N PRO D 86 38.55 -86.39 -2.87
CA PRO D 86 37.09 -86.27 -2.89
C PRO D 86 36.66 -84.83 -3.10
N HIS D 87 35.85 -84.61 -4.13
CA HIS D 87 35.40 -83.26 -4.48
C HIS D 87 34.09 -83.33 -5.26
N VAL D 88 33.25 -82.33 -5.05
CA VAL D 88 31.97 -82.17 -5.73
C VAL D 88 32.00 -80.85 -6.47
N VAL D 89 31.91 -80.90 -7.79
CA VAL D 89 32.18 -79.76 -8.65
C VAL D 89 30.86 -79.18 -9.14
N ILE D 90 30.69 -77.88 -8.93
CA ILE D 90 29.59 -77.10 -9.47
C ILE D 90 30.13 -76.34 -10.68
N THR D 91 29.42 -76.42 -11.79
CA THR D 91 29.84 -75.78 -13.03
C THR D 91 28.72 -74.89 -13.56
N CYS D 92 29.00 -73.59 -13.65
CA CYS D 92 28.03 -72.62 -14.14
C CYS D 92 27.95 -72.69 -15.66
N LEU D 93 26.72 -72.85 -16.17
CA LEU D 93 26.54 -72.94 -17.61
C LEU D 93 26.38 -71.57 -18.26
N GLU D 94 26.14 -70.53 -17.45
CA GLU D 94 25.92 -69.20 -18.00
C GLU D 94 27.22 -68.54 -18.41
N CYS D 95 28.13 -68.33 -17.46
CA CYS D 95 29.39 -67.65 -17.77
C CYS D 95 30.54 -68.64 -17.94
N GLY D 96 30.62 -69.63 -17.07
CA GLY D 96 31.69 -70.61 -17.13
C GLY D 96 32.54 -70.73 -15.90
N ALA D 97 32.15 -70.07 -14.80
CA ALA D 97 32.90 -70.20 -13.55
C ALA D 97 32.66 -71.57 -12.92
N ILE D 98 33.73 -72.20 -12.48
CA ILE D 98 33.71 -73.59 -12.02
C ILE D 98 34.26 -73.62 -10.60
N TYR D 99 33.43 -74.06 -9.65
CA TYR D 99 33.79 -74.13 -8.24
C TYR D 99 33.67 -75.58 -7.78
N ARG D 100 34.20 -75.87 -6.59
CA ARG D 100 34.14 -77.23 -6.08
C ARG D 100 34.11 -77.26 -4.55
N ILE D 101 33.87 -78.47 -4.04
CA ILE D 101 33.70 -78.75 -2.61
C ILE D 101 34.71 -79.82 -2.22
N PRO D 102 35.94 -79.47 -1.85
CA PRO D 102 36.90 -80.49 -1.38
C PRO D 102 36.49 -81.05 -0.03
N MET D 103 36.56 -82.38 0.08
CA MET D 103 36.15 -83.12 1.28
C MET D 103 37.30 -83.93 1.86
N ILE D 104 38.48 -83.33 1.98
CA ILE D 104 39.68 -84.08 2.35
C ILE D 104 39.68 -84.40 3.84
N ARG D 105 39.32 -83.43 4.67
CA ARG D 105 39.42 -83.57 6.13
C ARG D 105 38.35 -84.49 6.70
N GLU D 106 37.18 -84.57 6.05
CA GLU D 106 36.17 -85.54 6.47
C GLU D 106 36.61 -86.95 6.11
N LYS D 107 37.28 -87.10 4.97
CA LYS D 107 37.90 -88.37 4.63
C LYS D 107 39.02 -88.73 5.62
N LYS D 108 39.73 -87.72 6.12
CA LYS D 108 40.74 -87.95 7.14
C LYS D 108 40.13 -88.41 8.45
N GLU D 109 38.99 -87.82 8.83
CA GLU D 109 38.29 -88.24 10.05
C GLU D 109 37.76 -89.67 9.92
N LYS D 110 37.21 -90.00 8.75
CA LYS D 110 36.76 -91.38 8.49
C LYS D 110 37.93 -92.35 8.47
N ARG D 111 39.09 -91.90 7.99
CA ARG D 111 40.28 -92.73 7.95
C ARG D 111 40.83 -92.98 9.35
N ARG D 112 40.77 -91.96 10.22
CA ARG D 112 41.21 -92.15 11.60
C ARG D 112 40.24 -93.05 12.37
N LYS D 113 38.93 -92.95 12.06
CA LYS D 113 37.97 -93.87 12.67
C LYS D 113 38.20 -95.30 12.21
N LYS D 114 38.56 -95.49 10.94
CA LYS D 114 38.87 -96.83 10.45
C LYS D 114 40.18 -97.36 11.05
N LEU D 115 41.16 -96.48 11.27
CA LEU D 115 42.38 -96.89 11.96
C LEU D 115 42.11 -97.29 13.40
N GLU D 116 41.20 -96.58 14.08
CA GLU D 116 40.82 -96.98 15.44
C GLU D 116 40.07 -98.30 15.45
N GLU D 117 39.21 -98.53 14.45
CA GLU D 117 38.50 -99.81 14.37
C GLU D 117 39.46 -100.96 14.03
N ARG D 118 40.53 -100.67 13.29
CA ARG D 118 41.54 -101.70 13.02
C ARG D 118 42.39 -101.99 14.25
N LEU D 119 42.78 -100.95 14.99
CA LEU D 119 43.66 -101.16 16.14
C LEU D 119 42.92 -101.75 17.32
N LYS D 120 41.62 -101.48 17.44
CA LYS D 120 40.85 -102.11 18.51
C LYS D 120 40.57 -103.58 18.20
N ALA D 121 40.45 -103.93 16.93
CA ALA D 121 40.20 -105.30 16.52
C ALA D 121 41.52 -106.07 16.43
N ALA E 2 19.40 -83.52 8.42
CA ALA E 2 18.92 -82.47 9.32
C ALA E 2 18.84 -81.13 8.60
N VAL E 3 19.62 -80.97 7.53
CA VAL E 3 19.63 -79.72 6.78
C VAL E 3 18.98 -79.89 5.41
N TYR E 4 19.48 -80.83 4.60
CA TYR E 4 18.94 -81.04 3.27
C TYR E 4 17.60 -81.76 3.26
N VAL E 5 17.20 -82.35 4.38
CA VAL E 5 15.93 -83.06 4.48
C VAL E 5 14.81 -82.03 4.51
N LYS E 6 13.69 -82.32 3.83
CA LYS E 6 12.61 -81.34 3.74
C LYS E 6 11.45 -81.70 4.65
N PHE E 7 11.16 -83.00 4.80
CA PHE E 7 10.01 -83.45 5.56
C PHE E 7 10.40 -84.63 6.43
N LYS E 8 9.68 -84.78 7.54
CA LYS E 8 9.90 -85.89 8.47
C LYS E 8 9.32 -87.16 7.87
N VAL E 9 10.12 -88.22 7.86
CA VAL E 9 9.77 -89.49 7.20
C VAL E 9 9.33 -90.48 8.26
N PRO E 10 8.13 -91.08 8.15
CA PRO E 10 7.75 -92.14 9.08
C PRO E 10 8.55 -93.41 8.86
N GLU E 11 8.55 -94.27 9.88
CA GLU E 11 9.36 -95.47 9.84
C GLU E 11 8.74 -96.55 8.95
N GLU E 12 7.42 -96.56 8.83
CA GLU E 12 6.74 -97.58 8.03
C GLU E 12 7.00 -97.36 6.55
N ILE E 13 6.95 -96.10 6.09
CA ILE E 13 7.24 -95.84 4.69
C ILE E 13 8.74 -95.95 4.42
N GLN E 14 9.56 -95.80 5.47
CA GLN E 14 10.99 -96.09 5.35
C GLN E 14 11.23 -97.58 5.12
N LYS E 15 10.50 -98.44 5.84
CA LYS E 15 10.60 -99.88 5.59
C LYS E 15 10.02 -100.25 4.23
N GLU E 16 9.02 -99.50 3.77
CA GLU E 16 8.51 -99.69 2.40
C GLU E 16 9.55 -99.31 1.35
N LEU E 17 10.32 -98.24 1.61
CA LEU E 17 11.43 -97.87 0.73
C LEU E 17 12.50 -98.95 0.70
N LEU E 18 12.86 -99.47 1.87
CA LEU E 18 13.87 -100.53 1.94
C LEU E 18 13.38 -101.80 1.26
N ASP E 19 12.09 -102.12 1.39
CA ASP E 19 11.53 -103.30 0.72
C ASP E 19 11.47 -103.09 -0.79
N ALA E 20 11.24 -101.84 -1.24
CA ALA E 20 11.27 -101.56 -2.67
C ALA E 20 12.67 -101.70 -3.24
N VAL E 21 13.69 -101.25 -2.49
CA VAL E 21 15.07 -101.42 -2.92
C VAL E 21 15.46 -102.89 -2.93
N ALA E 22 14.95 -103.67 -1.96
CA ALA E 22 15.25 -105.10 -1.91
C ALA E 22 14.56 -105.86 -3.03
N LYS E 23 13.34 -105.45 -3.39
CA LYS E 23 12.60 -106.18 -4.42
C LYS E 23 13.00 -105.76 -5.83
N ALA E 24 13.52 -104.54 -6.00
CA ALA E 24 13.81 -104.04 -7.33
C ALA E 24 15.04 -104.73 -7.93
N GLN E 25 16.21 -104.54 -7.30
CA GLN E 25 17.51 -105.09 -7.68
C GLN E 25 17.96 -104.77 -9.11
N LYS E 26 17.37 -103.74 -9.71
CA LYS E 26 17.86 -103.14 -10.95
C LYS E 26 17.89 -101.64 -10.73
N ILE E 27 18.98 -101.16 -10.14
CA ILE E 27 19.04 -99.81 -9.58
C ILE E 27 20.37 -99.16 -9.94
N LYS E 28 20.44 -97.86 -9.69
CA LYS E 28 21.67 -97.09 -9.76
C LYS E 28 22.04 -96.62 -8.36
N LYS E 29 23.18 -97.10 -7.88
CA LYS E 29 23.69 -96.76 -6.56
C LYS E 29 24.94 -95.89 -6.70
N GLY E 30 25.13 -94.98 -5.77
CA GLY E 30 26.09 -93.91 -5.94
C GLY E 30 25.44 -92.66 -6.50
N ALA E 31 25.86 -91.51 -5.97
CA ALA E 31 25.14 -90.26 -6.24
C ALA E 31 25.36 -89.76 -7.66
N ASN E 32 26.45 -90.19 -8.30
CA ASN E 32 26.70 -89.80 -9.69
C ASN E 32 25.69 -90.46 -10.63
N GLU E 33 25.44 -91.75 -10.43
CA GLU E 33 24.47 -92.46 -11.27
C GLU E 33 23.05 -92.02 -10.97
N VAL E 34 22.74 -91.68 -9.72
CA VAL E 34 21.42 -91.15 -9.37
C VAL E 34 21.21 -89.78 -10.01
N THR E 35 22.26 -88.96 -10.01
CA THR E 35 22.19 -87.64 -10.64
C THR E 35 22.01 -87.75 -12.14
N LYS E 36 22.73 -88.70 -12.77
CA LYS E 36 22.56 -88.93 -14.20
C LYS E 36 21.17 -89.48 -14.52
N ALA E 37 20.62 -90.31 -13.63
CA ALA E 37 19.30 -90.89 -13.88
C ALA E 37 18.19 -89.86 -13.71
N VAL E 38 18.36 -88.89 -12.81
CA VAL E 38 17.33 -87.87 -12.66
C VAL E 38 17.53 -86.73 -13.66
N GLU E 39 18.73 -86.61 -14.23
CA GLU E 39 18.91 -85.69 -15.35
C GLU E 39 18.33 -86.27 -16.64
N ARG E 40 18.46 -87.58 -16.83
CA ARG E 40 17.84 -88.21 -17.99
C ARG E 40 16.35 -88.43 -17.79
N GLY E 41 15.92 -88.69 -16.55
CA GLY E 41 14.53 -88.97 -16.26
C GLY E 41 14.16 -90.43 -16.26
N ILE E 42 15.13 -91.33 -16.25
CA ILE E 42 14.82 -92.76 -16.29
C ILE E 42 14.49 -93.28 -14.89
N ALA E 43 14.88 -92.54 -13.85
CA ALA E 43 14.61 -92.96 -12.49
C ALA E 43 13.17 -92.64 -12.11
N LYS E 44 12.52 -93.58 -11.43
CA LYS E 44 11.14 -93.35 -10.97
C LYS E 44 11.09 -93.06 -9.48
N LEU E 45 12.16 -93.40 -8.75
CA LEU E 45 12.19 -93.22 -7.30
C LEU E 45 13.62 -93.02 -6.84
N VAL E 46 13.81 -92.04 -5.95
CA VAL E 46 15.10 -91.72 -5.36
C VAL E 46 15.01 -91.95 -3.86
N ILE E 47 16.00 -92.65 -3.30
CA ILE E 47 16.09 -92.90 -1.87
C ILE E 47 17.41 -92.32 -1.38
N ILE E 48 17.32 -91.37 -0.45
CA ILE E 48 18.46 -90.62 0.06
C ILE E 48 18.59 -90.90 1.55
N ALA E 49 19.80 -91.15 2.02
CA ALA E 49 20.02 -91.38 3.44
C ALA E 49 20.09 -90.06 4.20
N GLU E 50 19.59 -90.07 5.44
CA GLU E 50 19.57 -88.86 6.26
C GLU E 50 20.89 -88.63 7.00
N ASP E 51 21.67 -89.68 7.22
CA ASP E 51 22.90 -89.56 7.99
C ASP E 51 24.13 -89.37 7.11
N VAL E 52 24.01 -88.71 5.96
CA VAL E 52 25.15 -88.53 5.07
C VAL E 52 26.00 -87.37 5.56
N LYS E 53 27.26 -87.66 5.87
CA LYS E 53 28.24 -86.67 6.28
C LYS E 53 29.50 -86.95 5.48
N PRO E 54 29.96 -86.02 4.61
CA PRO E 54 29.48 -84.67 4.28
C PRO E 54 28.16 -84.62 3.51
N GLU E 55 27.33 -83.61 3.80
CA GLU E 55 26.00 -83.55 3.22
C GLU E 55 26.01 -83.15 1.75
N GLU E 56 27.11 -82.56 1.28
CA GLU E 56 27.19 -82.03 -0.08
C GLU E 56 27.03 -83.13 -1.14
N VAL E 57 27.47 -84.35 -0.80
CA VAL E 57 27.35 -85.51 -1.69
C VAL E 57 25.90 -85.77 -2.05
N VAL E 58 24.98 -85.48 -1.13
CA VAL E 58 23.56 -85.60 -1.47
C VAL E 58 22.85 -84.25 -1.55
N ALA E 59 23.55 -83.13 -1.35
CA ALA E 59 22.86 -81.85 -1.22
C ALA E 59 22.36 -81.34 -2.57
N HIS E 60 22.90 -81.88 -3.66
CA HIS E 60 22.39 -81.51 -4.97
C HIS E 60 21.22 -82.39 -5.38
N LEU E 61 20.92 -83.43 -4.59
CA LEU E 61 19.93 -84.41 -5.02
C LEU E 61 18.47 -83.98 -4.90
N PRO E 62 17.95 -83.47 -3.76
CA PRO E 62 16.48 -83.24 -3.71
C PRO E 62 15.98 -82.10 -4.57
N TYR E 63 16.66 -80.95 -4.56
CA TYR E 63 16.20 -79.77 -5.31
C TYR E 63 16.18 -80.02 -6.81
N LEU E 64 17.19 -80.74 -7.32
CA LEU E 64 17.19 -81.21 -8.70
C LEU E 64 15.97 -82.07 -9.00
N CYS E 65 15.60 -82.95 -8.05
CA CYS E 65 14.36 -83.72 -8.21
C CYS E 65 13.14 -82.81 -8.19
N GLU E 66 13.21 -81.73 -7.39
CA GLU E 66 12.15 -80.73 -7.39
C GLU E 66 12.12 -79.96 -8.70
N GLU E 67 13.22 -79.98 -9.46
CA GLU E 67 13.18 -79.43 -10.81
C GLU E 67 12.65 -80.47 -11.79
N LYS E 68 12.94 -81.75 -11.55
CA LYS E 68 12.68 -82.76 -12.58
C LYS E 68 11.39 -83.55 -12.33
N GLY E 69 10.82 -83.46 -11.14
CA GLY E 69 9.54 -84.10 -10.88
C GLY E 69 9.59 -85.59 -10.63
N ILE E 70 10.72 -86.09 -10.13
CA ILE E 70 10.84 -87.49 -9.73
C ILE E 70 10.65 -87.57 -8.22
N PRO E 71 9.75 -88.42 -7.72
CA PRO E 71 9.52 -88.49 -6.27
C PRO E 71 10.73 -89.05 -5.52
N TYR E 72 11.11 -88.36 -4.45
CA TYR E 72 12.28 -88.71 -3.66
C TYR E 72 11.86 -88.85 -2.20
N ALA E 73 12.56 -89.71 -1.48
CA ALA E 73 12.25 -89.94 -0.07
C ALA E 73 13.53 -90.31 0.66
N TYR E 74 13.45 -90.27 2.00
CA TYR E 74 14.62 -90.38 2.85
C TYR E 74 14.54 -91.62 3.75
N VAL E 75 15.70 -92.19 4.02
CA VAL E 75 15.86 -93.22 5.04
C VAL E 75 16.85 -92.71 6.08
N ALA E 76 16.73 -93.23 7.30
CA ALA E 76 17.49 -92.68 8.42
C ALA E 76 18.93 -93.18 8.43
N SER E 77 19.14 -94.44 8.02
CA SER E 77 20.46 -95.07 8.09
C SER E 77 20.96 -95.31 6.68
N LYS E 78 22.28 -95.18 6.49
CA LYS E 78 22.87 -95.41 5.18
C LYS E 78 23.34 -96.85 5.03
N GLN E 79 23.66 -97.53 6.14
CA GLN E 79 24.14 -98.90 6.04
C GLN E 79 22.99 -99.86 5.76
N ASP E 80 21.77 -99.50 6.18
CA ASP E 80 20.61 -100.32 5.86
C ASP E 80 20.25 -100.21 4.38
N LEU E 81 20.38 -99.00 3.82
CA LEU E 81 20.22 -98.84 2.38
C LEU E 81 21.34 -99.53 1.61
N GLY E 82 22.53 -99.58 2.20
CA GLY E 82 23.63 -100.30 1.56
C GLY E 82 23.43 -101.80 1.55
N LYS E 83 22.88 -102.35 2.64
CA LYS E 83 22.55 -103.77 2.68
C LYS E 83 21.35 -104.09 1.80
N ALA E 84 20.43 -103.13 1.66
CA ALA E 84 19.28 -103.35 0.78
C ALA E 84 19.67 -103.27 -0.69
N ALA E 85 20.69 -102.47 -1.01
CA ALA E 85 21.15 -102.37 -2.39
C ALA E 85 21.96 -103.57 -2.83
N GLY E 86 22.55 -104.32 -1.89
CA GLY E 86 23.33 -105.48 -2.22
C GLY E 86 24.82 -105.38 -1.92
N LEU E 87 25.22 -104.44 -1.08
CA LEU E 87 26.63 -104.24 -0.73
C LEU E 87 26.84 -104.37 0.77
N GLU E 88 28.02 -104.85 1.15
CA GLU E 88 28.37 -104.87 2.57
C GLU E 88 28.70 -103.47 3.08
N VAL E 89 29.08 -102.57 2.19
CA VAL E 89 29.43 -101.21 2.55
C VAL E 89 28.24 -100.32 2.19
N ALA E 90 28.07 -99.22 2.93
CA ALA E 90 26.90 -98.37 2.80
C ALA E 90 26.88 -97.61 1.47
N ALA E 91 25.67 -97.18 1.08
CA ALA E 91 25.43 -96.41 -0.13
C ALA E 91 24.61 -95.18 0.24
N SER E 92 24.94 -94.04 -0.38
CA SER E 92 24.30 -92.79 -0.01
C SER E 92 22.92 -92.65 -0.62
N SER E 93 22.78 -92.95 -1.92
CA SER E 93 21.52 -92.74 -2.61
C SER E 93 21.31 -93.83 -3.64
N VAL E 94 20.04 -94.21 -3.81
CA VAL E 94 19.65 -95.26 -4.75
C VAL E 94 18.50 -94.76 -5.62
N ALA E 95 18.72 -94.78 -6.94
CA ALA E 95 17.68 -94.46 -7.90
C ALA E 95 17.19 -95.75 -8.52
N ILE E 96 15.88 -95.86 -8.71
CA ILE E 96 15.26 -97.09 -9.22
C ILE E 96 14.87 -96.86 -10.66
N ILE E 97 15.43 -97.68 -11.57
CA ILE E 97 15.04 -97.62 -12.97
C ILE E 97 13.82 -98.50 -13.22
N ASN E 98 13.88 -99.77 -12.80
CA ASN E 98 12.81 -100.73 -13.03
C ASN E 98 12.44 -101.37 -11.71
N GLU E 99 11.20 -101.17 -11.27
CA GLU E 99 10.77 -101.72 -9.98
C GLU E 99 10.47 -103.21 -10.10
N GLY E 100 9.64 -103.59 -11.06
CA GLY E 100 9.26 -105.00 -11.18
C GLY E 100 8.08 -105.31 -10.28
N ASP E 101 8.25 -106.36 -9.46
CA ASP E 101 7.14 -106.91 -8.67
C ASP E 101 6.67 -105.95 -7.58
N ALA E 102 7.48 -104.97 -7.21
CA ALA E 102 7.06 -103.96 -6.26
C ALA E 102 6.62 -102.65 -6.91
N GLU E 103 6.20 -102.69 -8.19
CA GLU E 103 5.85 -101.45 -8.89
C GLU E 103 4.62 -100.78 -8.27
N GLU E 104 3.62 -101.56 -7.86
CA GLU E 104 2.48 -101.02 -7.13
C GLU E 104 2.92 -100.38 -5.82
N LEU E 105 3.98 -100.94 -5.21
CA LEU E 105 4.55 -100.38 -3.99
C LEU E 105 5.03 -98.95 -4.19
N LYS E 106 5.63 -98.64 -5.35
CA LYS E 106 6.12 -97.27 -5.50
C LYS E 106 4.97 -96.33 -5.82
N VAL E 107 3.81 -96.88 -6.21
CA VAL E 107 2.59 -96.09 -6.29
C VAL E 107 2.21 -95.59 -4.91
N LEU E 108 2.39 -96.43 -3.88
CA LEU E 108 2.19 -96.00 -2.50
C LEU E 108 3.25 -94.99 -2.09
N ILE E 109 4.44 -95.05 -2.71
CA ILE E 109 5.47 -94.08 -2.40
C ILE E 109 5.18 -92.76 -3.11
N GLU E 110 4.22 -92.77 -4.05
CA GLU E 110 3.68 -91.50 -4.54
C GLU E 110 2.90 -90.75 -3.45
N LYS E 111 2.51 -91.44 -2.36
CA LYS E 111 1.93 -90.80 -1.19
C LYS E 111 2.95 -89.96 -0.42
N VAL E 112 4.24 -90.10 -0.76
CA VAL E 112 5.26 -89.13 -0.35
C VAL E 112 4.92 -87.71 -0.83
N ASN E 113 4.26 -87.60 -2.00
CA ASN E 113 3.73 -86.30 -2.44
C ASN E 113 2.70 -85.76 -1.45
N VAL E 114 1.93 -86.66 -0.81
CA VAL E 114 1.03 -86.25 0.26
C VAL E 114 1.81 -85.69 1.44
N LEU E 115 3.01 -86.25 1.69
CA LEU E 115 3.90 -85.69 2.70
C LEU E 115 4.53 -84.38 2.22
N LYS E 116 4.52 -84.13 0.92
CA LYS E 116 5.10 -82.89 0.40
C LYS E 116 4.20 -81.69 0.65
N GLN E 117 2.91 -81.89 0.86
CA GLN E 117 1.98 -80.80 1.10
C GLN E 117 1.45 -80.83 2.53
N ILE H 2 -29.08 30.34 16.29
CA ILE H 2 -29.02 28.90 16.49
C ILE H 2 -27.66 28.40 15.97
N GLU H 3 -27.14 27.33 16.58
CA GLU H 3 -25.87 26.74 16.19
C GLU H 3 -26.14 25.38 15.58
N MET H 4 -26.09 25.30 14.24
CA MET H 4 -26.41 24.08 13.53
C MET H 4 -25.30 23.77 12.53
N LEU H 5 -24.99 22.48 12.40
CA LEU H 5 -24.00 21.99 11.45
C LEU H 5 -24.64 20.89 10.61
N LYS H 6 -24.54 21.02 9.29
CA LYS H 6 -25.08 20.00 8.40
C LYS H 6 -24.22 18.75 8.44
N THR H 7 -24.89 17.60 8.38
CA THR H 7 -24.21 16.32 8.22
C THR H 7 -23.55 16.26 6.86
N LEU H 8 -22.31 15.77 6.82
CA LEU H 8 -21.55 15.60 5.59
C LEU H 8 -22.26 14.58 4.68
N PRO H 9 -22.14 14.71 3.35
CA PRO H 9 -22.70 13.70 2.45
C PRO H 9 -21.99 12.37 2.62
N PRO H 10 -22.68 11.24 2.39
CA PRO H 10 -22.11 9.94 2.76
C PRO H 10 -20.95 9.48 1.89
N THR H 11 -20.65 10.19 0.81
CA THR H 11 -19.40 9.97 0.10
C THR H 11 -18.24 10.63 0.82
N LEU H 12 -18.53 11.64 1.65
CA LEU H 12 -17.47 12.41 2.28
C LEU H 12 -17.43 12.20 3.79
N ARG H 13 -18.52 11.71 4.38
CA ARG H 13 -18.53 11.54 5.84
C ARG H 13 -17.69 10.33 6.24
N GLU H 14 -17.42 10.23 7.54
CA GLU H 14 -16.59 9.14 8.04
C GLU H 14 -17.36 7.84 8.03
N LYS H 15 -16.77 6.82 7.37
CA LYS H 15 -17.34 5.49 7.31
C LYS H 15 -17.19 4.84 8.68
N LYS H 16 -18.32 4.47 9.29
CA LYS H 16 -18.34 4.07 10.68
C LYS H 16 -18.87 2.65 10.84
N ARG H 17 -18.44 2.02 11.93
CA ARG H 17 -18.95 0.73 12.37
C ARG H 17 -19.33 0.85 13.84
N TYR H 18 -20.19 -0.06 14.30
CA TYR H 18 -20.64 -0.07 15.69
C TYR H 18 -20.28 -1.41 16.33
N ILE H 19 -19.34 -1.37 17.28
CA ILE H 19 -18.93 -2.56 18.02
C ILE H 19 -19.85 -2.72 19.23
N ALA H 20 -20.52 -3.87 19.29
CA ALA H 20 -21.23 -4.29 20.48
C ALA H 20 -20.33 -5.19 21.31
N PHE H 21 -20.29 -4.91 22.62
CA PHE H 21 -19.40 -5.64 23.51
C PHE H 21 -20.09 -5.76 24.86
N LYS H 22 -19.34 -6.31 25.82
CA LYS H 22 -19.79 -6.48 27.18
C LYS H 22 -18.63 -6.17 28.10
N ILE H 23 -18.92 -5.57 29.25
CA ILE H 23 -17.94 -5.40 30.31
C ILE H 23 -18.29 -6.38 31.42
N LEU H 24 -17.72 -7.57 31.33
CA LEU H 24 -17.99 -8.67 32.25
C LEU H 24 -17.20 -8.40 33.53
N TYR H 25 -17.95 -8.28 34.62
CA TYR H 25 -17.58 -8.51 36.01
C TYR H 25 -18.87 -8.58 36.83
N ASP H 26 -18.75 -9.18 38.02
CA ASP H 26 -19.84 -9.12 39.00
C ASP H 26 -19.96 -7.73 39.60
N GLU H 27 -18.90 -6.93 39.53
CA GLU H 27 -18.94 -5.55 39.99
C GLU H 27 -19.77 -4.69 39.04
N GLU H 28 -20.04 -3.46 39.46
CA GLU H 28 -20.85 -2.51 38.72
C GLU H 28 -20.02 -1.32 38.26
N LEU H 29 -20.49 -0.66 37.21
CA LEU H 29 -19.83 0.52 36.67
C LEU H 29 -20.84 1.59 36.29
N LYS H 30 -20.44 2.85 36.44
CA LYS H 30 -21.13 3.98 35.84
C LYS H 30 -20.64 4.14 34.40
N GLU H 31 -21.49 4.72 33.55
CA GLU H 31 -21.11 4.91 32.14
C GLU H 31 -20.01 5.94 32.00
N GLY H 32 -19.91 6.89 32.93
CA GLY H 32 -18.81 7.84 32.91
C GLY H 32 -17.48 7.18 33.25
N GLU H 33 -17.51 6.18 34.13
CA GLU H 33 -16.31 5.38 34.39
C GLU H 33 -15.91 4.57 33.18
N VAL H 34 -16.89 4.09 32.42
CA VAL H 34 -16.62 3.37 31.18
C VAL H 34 -15.98 4.29 30.15
N VAL H 35 -16.50 5.52 30.03
CA VAL H 35 -15.92 6.50 29.11
C VAL H 35 -14.51 6.88 29.53
N ASN H 36 -14.27 7.04 30.84
CA ASN H 36 -12.94 7.37 31.34
C ASN H 36 -11.94 6.24 31.09
N LEU H 37 -12.35 4.98 31.35
CA LEU H 37 -11.43 3.87 31.15
C LEU H 37 -11.17 3.61 29.68
N ILE H 38 -12.19 3.82 28.82
CA ILE H 38 -11.98 3.58 27.40
C ILE H 38 -11.18 4.72 26.77
N ARG H 39 -11.25 5.93 27.36
CA ARG H 39 -10.37 7.00 26.89
C ARG H 39 -8.92 6.77 27.32
N LYS H 40 -8.70 6.32 28.56
CA LYS H 40 -7.34 6.00 29.01
C LYS H 40 -6.75 4.84 28.22
N ALA H 41 -7.57 3.82 27.92
CA ALA H 41 -7.07 2.69 27.15
C ALA H 41 -6.86 3.05 25.68
N VAL H 42 -7.71 3.90 25.12
CA VAL H 42 -7.59 4.25 23.71
C VAL H 42 -6.39 5.17 23.51
N LEU H 43 -6.06 5.98 24.53
CA LEU H 43 -4.80 6.69 24.52
C LEU H 43 -3.63 5.73 24.64
N GLU H 44 -3.72 4.76 25.57
CA GLU H 44 -2.62 3.87 25.89
C GLU H 44 -2.34 2.88 24.75
N TYR H 45 -3.25 2.77 23.78
CA TYR H 45 -2.96 1.88 22.65
C TYR H 45 -2.81 2.66 21.34
N TYR H 46 -3.25 3.93 21.28
CA TYR H 46 -3.30 4.61 20.00
C TYR H 46 -2.40 5.84 19.93
N GLY H 47 -2.21 6.54 21.05
CA GLY H 47 -1.73 7.90 20.98
C GLY H 47 -2.70 8.85 20.31
N SER H 48 -2.21 10.10 20.14
CA SER H 48 -2.97 11.13 19.44
C SER H 48 -3.24 10.71 18.00
N TRP H 49 -2.27 10.05 17.36
CA TRP H 49 -2.41 9.66 15.96
C TRP H 49 -3.50 8.61 15.77
N GLY H 50 -3.47 7.52 16.55
CA GLY H 50 -4.50 6.51 16.38
C GLY H 50 -5.86 6.94 16.86
N THR H 51 -5.92 7.81 17.89
CA THR H 51 -7.22 8.30 18.33
C THR H 51 -7.83 9.29 17.34
N SER H 52 -6.99 9.98 16.57
CA SER H 52 -7.49 10.73 15.43
C SER H 52 -7.84 9.78 14.28
N LYS H 53 -7.23 8.60 14.27
CA LYS H 53 -7.41 7.67 13.15
C LYS H 53 -8.74 6.92 13.24
N ALA H 54 -9.06 6.37 14.42
CA ALA H 54 -10.11 5.36 14.48
C ALA H 54 -11.38 5.87 15.14
N ASN H 55 -11.38 7.11 15.65
CA ASN H 55 -12.54 7.88 16.14
C ASN H 55 -13.32 7.17 17.25
N PRO H 56 -12.80 7.09 18.48
CA PRO H 56 -13.52 6.37 19.54
C PRO H 56 -14.57 7.24 20.23
N TRP H 57 -15.75 6.67 20.43
CA TRP H 57 -16.80 7.29 21.25
C TRP H 57 -17.80 6.21 21.66
N LEU H 58 -18.06 6.12 22.97
CA LEU H 58 -19.07 5.22 23.50
C LEU H 58 -20.44 5.82 23.22
N VAL H 59 -21.39 5.00 22.76
CA VAL H 59 -22.72 5.53 22.50
C VAL H 59 -23.74 4.96 23.50
N TYR H 60 -23.51 3.74 24.00
CA TYR H 60 -24.54 3.18 24.87
C TYR H 60 -23.90 2.29 25.93
N TYR H 61 -24.39 2.43 27.17
CA TYR H 61 -24.01 1.58 28.29
C TYR H 61 -25.10 1.67 29.37
N ASP H 62 -25.96 0.67 29.44
CA ASP H 62 -26.97 0.62 30.50
C ASP H 62 -26.70 -0.57 31.41
N PHE H 63 -26.61 -1.75 30.80
CA PHE H 63 -26.23 -3.03 31.40
C PHE H 63 -24.71 -3.09 31.32
N PRO H 64 -24.04 -4.14 31.85
CA PRO H 64 -22.67 -4.43 31.42
C PRO H 64 -22.44 -4.64 29.92
N TYR H 65 -23.47 -4.80 29.08
CA TYR H 65 -23.28 -4.68 27.64
C TYR H 65 -23.07 -3.22 27.26
N GLY H 66 -22.50 -3.00 26.07
CA GLY H 66 -22.21 -1.66 25.63
C GLY H 66 -22.05 -1.61 24.13
N ILE H 67 -22.27 -0.42 23.57
CA ILE H 67 -22.13 -0.17 22.14
C ILE H 67 -21.23 1.05 21.97
N LEU H 68 -20.24 0.93 21.08
CA LEU H 68 -19.26 1.98 20.86
C LEU H 68 -19.05 2.16 19.35
N ARG H 69 -18.73 3.39 18.92
CA ARG H 69 -18.61 3.68 17.50
C ARG H 69 -17.14 3.71 17.08
N CYS H 70 -16.90 3.36 15.81
CA CYS H 70 -15.57 3.10 15.30
C CYS H 70 -15.50 3.56 13.86
N GLN H 71 -14.28 3.72 13.35
CA GLN H 71 -14.10 3.86 11.91
C GLN H 71 -14.18 2.49 11.25
N ARG H 72 -14.42 2.49 9.94
CA ARG H 72 -14.71 1.23 9.24
C ARG H 72 -13.45 0.42 8.98
N ASP H 73 -12.33 1.09 8.67
CA ASP H 73 -11.13 0.38 8.26
C ASP H 73 -10.35 -0.13 9.47
N ASN H 74 -10.71 0.29 10.67
CA ASN H 74 -9.87 0.02 11.83
C ASN H 74 -10.64 -0.56 13.00
N VAL H 75 -11.49 -1.56 12.75
CA VAL H 75 -12.21 -2.19 13.86
C VAL H 75 -11.31 -3.16 14.61
N ASP H 76 -10.31 -3.72 13.91
CA ASP H 76 -9.35 -4.61 14.57
C ASP H 76 -8.47 -3.85 15.54
N TYR H 77 -8.17 -2.59 15.22
CA TYR H 77 -7.41 -1.74 16.13
C TYR H 77 -8.21 -1.42 17.39
N VAL H 78 -9.52 -1.18 17.24
CA VAL H 78 -10.38 -0.93 18.40
C VAL H 78 -10.49 -2.18 19.26
N LYS H 79 -10.58 -3.35 18.63
CA LYS H 79 -10.62 -4.60 19.38
C LYS H 79 -9.33 -4.83 20.15
N ALA H 80 -8.18 -4.56 19.50
CA ALA H 80 -6.90 -4.68 20.18
C ALA H 80 -6.75 -3.64 21.28
N SER H 81 -7.43 -2.49 21.13
CA SER H 81 -7.51 -1.54 22.23
C SER H 81 -8.37 -2.08 23.36
N LEU H 82 -9.36 -2.91 23.02
CA LEU H 82 -10.24 -3.47 24.06
C LEU H 82 -9.54 -4.59 24.82
N ILE H 83 -8.56 -5.26 24.20
CA ILE H 83 -7.90 -6.38 24.87
C ILE H 83 -7.05 -5.90 26.04
N LEU H 84 -6.31 -4.81 25.84
CA LEU H 84 -5.24 -4.42 26.77
C LEU H 84 -5.72 -3.73 28.04
N ILE H 85 -7.00 -3.82 28.37
CA ILE H 85 -7.50 -3.46 29.70
C ILE H 85 -6.87 -4.41 30.71
N ARG H 86 -6.24 -3.86 31.76
CA ARG H 86 -5.65 -4.71 32.78
C ARG H 86 -6.13 -4.34 34.19
N GLU H 87 -6.37 -3.06 34.49
CA GLU H 87 -6.58 -2.65 35.87
C GLU H 87 -7.19 -1.25 35.94
N PHE H 88 -8.17 -1.11 36.81
CA PHE H 88 -8.79 0.18 37.12
C PHE H 88 -8.88 0.33 38.62
N LYS H 89 -7.78 0.79 39.22
CA LYS H 89 -7.66 1.45 40.53
C LYS H 89 -7.90 0.55 41.74
N GLU H 90 -8.60 -0.57 41.59
CA GLU H 90 -8.68 -1.55 42.67
C GLU H 90 -8.81 -2.95 42.08
N LYS H 91 -8.98 -3.01 40.77
CA LYS H 91 -9.55 -4.18 40.13
C LYS H 91 -9.48 -4.02 38.62
N PRO H 92 -9.56 -5.08 37.84
CA PRO H 92 -9.76 -4.91 36.39
C PRO H 92 -11.22 -4.60 36.05
N VAL H 93 -11.55 -4.50 34.77
CA VAL H 93 -12.88 -4.81 34.25
C VAL H 93 -12.65 -5.75 33.08
N ASN H 94 -13.66 -6.54 32.71
CA ASN H 94 -13.46 -7.44 31.58
C ASN H 94 -14.17 -6.84 30.39
N ILE H 95 -13.48 -6.72 29.26
CA ILE H 95 -14.12 -6.30 28.02
C ILE H 95 -14.07 -7.44 27.02
N ILE H 96 -15.25 -7.86 26.58
CA ILE H 96 -15.44 -9.00 25.69
C ILE H 96 -16.39 -8.60 24.57
N CYS H 97 -15.89 -8.65 23.34
CA CYS H 97 -16.65 -8.19 22.18
C CYS H 97 -17.64 -9.27 21.73
N LEU H 98 -18.85 -8.85 21.37
CA LEU H 98 -19.83 -9.80 20.82
C LEU H 98 -19.79 -9.81 19.30
N GLY H 99 -19.73 -8.62 18.69
CA GLY H 99 -19.73 -8.51 17.25
C GLY H 99 -19.60 -7.06 16.84
N VAL H 100 -19.79 -6.83 15.56
CA VAL H 100 -19.72 -5.48 14.98
C VAL H 100 -20.65 -5.41 13.78
N SER H 101 -21.40 -4.30 13.71
CA SER H 101 -22.34 -4.07 12.62
C SER H 101 -22.36 -2.58 12.31
N GLY H 102 -23.19 -2.22 11.32
CA GLY H 102 -23.23 -0.84 10.86
C GLY H 102 -24.30 0.01 11.53
N THR H 103 -25.16 -0.60 12.34
CA THR H 103 -26.27 0.13 12.93
C THR H 103 -26.66 -0.50 14.26
N ILE H 104 -27.64 0.14 14.93
CA ILE H 104 -28.06 -0.28 16.26
C ILE H 104 -29.15 -1.36 16.19
N ARG H 105 -30.06 -1.23 15.22
CA ARG H 105 -31.17 -2.18 15.07
C ARG H 105 -30.71 -3.58 14.69
N LYS H 106 -29.52 -3.69 14.08
CA LYS H 106 -29.05 -4.99 13.63
C LYS H 106 -28.09 -5.60 14.65
N ALA H 107 -27.24 -4.77 15.26
CA ALA H 107 -26.34 -5.26 16.30
C ALA H 107 -27.08 -5.48 17.61
N LYS H 108 -28.29 -4.92 17.74
CA LYS H 108 -29.09 -5.11 18.93
C LYS H 108 -29.75 -6.48 18.93
N ILE H 109 -30.04 -7.03 17.74
CA ILE H 109 -30.78 -8.29 17.63
C ILE H 109 -29.86 -9.47 17.39
N LYS H 110 -28.60 -9.25 17.02
CA LYS H 110 -27.72 -10.35 16.68
C LYS H 110 -27.14 -10.99 17.94
N PHE H 111 -26.73 -10.16 18.90
CA PHE H 111 -26.18 -10.68 20.15
C PHE H 111 -26.84 -10.08 21.38
N LEU H 112 -27.26 -8.82 21.32
CA LEU H 112 -27.73 -8.11 22.50
C LEU H 112 -29.14 -8.53 22.93
N GLY H 113 -30.12 -8.34 22.06
CA GLY H 113 -31.49 -8.64 22.41
C GLY H 113 -32.30 -9.24 21.28
N ILE H 114 -33.60 -8.95 21.25
CA ILE H 114 -34.52 -9.59 20.31
C ILE H 114 -35.21 -8.53 19.45
N LYS H 115 -35.77 -7.51 20.08
CA LYS H 115 -36.62 -6.53 19.40
C LYS H 115 -35.79 -5.37 18.86
N LYS H 116 -36.42 -4.54 18.03
CA LYS H 116 -35.76 -3.40 17.42
C LYS H 116 -36.38 -2.11 17.96
N PRO H 117 -35.74 -1.43 18.92
CA PRO H 117 -36.31 -0.17 19.43
C PRO H 117 -35.87 1.05 18.63
N LYS H 118 -36.69 2.10 18.63
CA LYS H 118 -36.36 3.40 18.03
C LYS H 118 -36.72 4.48 19.04
N ARG H 119 -35.71 4.99 19.74
CA ARG H 119 -35.94 5.92 20.84
C ARG H 119 -35.51 7.35 20.50
N TRP H 120 -34.53 7.50 19.60
CA TRP H 120 -34.02 8.82 19.25
C TRP H 120 -35.07 9.66 18.56
N PHE H 121 -35.85 9.04 17.66
CA PHE H 121 -36.91 9.75 16.96
C PHE H 121 -37.98 10.28 17.92
N VAL H 122 -38.35 9.48 18.91
CA VAL H 122 -39.44 9.88 19.79
C VAL H 122 -38.95 10.89 20.83
N ILE H 123 -37.67 10.83 21.22
CA ILE H 123 -37.18 11.85 22.15
C ILE H 123 -36.87 13.14 21.42
N ARG H 124 -36.70 13.07 20.09
CA ARG H 124 -36.54 14.31 19.33
C ARG H 124 -37.89 14.96 19.02
N ARG H 125 -38.93 14.15 18.78
CA ARG H 125 -40.19 14.75 18.35
C ARG H 125 -41.09 15.08 19.54
N GLU H 126 -40.97 14.36 20.66
CA GLU H 126 -41.82 14.64 21.80
C GLU H 126 -41.26 15.72 22.69
N ARG H 127 -39.94 15.74 22.89
CA ARG H 127 -39.30 16.75 23.73
C ARG H 127 -38.92 17.97 22.91
N ARG I 2 9.20 29.26 3.93
CA ARG I 2 8.74 28.78 5.23
C ARG I 2 8.42 29.96 6.15
N ILE I 3 7.13 30.17 6.40
CA ILE I 3 6.64 31.36 7.09
C ILE I 3 5.89 30.94 8.34
N ASP I 4 6.26 31.52 9.49
CA ASP I 4 5.62 31.25 10.77
C ASP I 4 4.72 32.43 11.13
N ILE I 5 3.79 32.20 12.06
CA ILE I 5 2.92 33.25 12.58
C ILE I 5 3.05 33.22 14.10
N ASN I 6 3.62 34.27 14.67
CA ASN I 6 3.87 34.36 16.11
C ASN I 6 3.96 35.83 16.50
N ARG I 7 4.15 36.08 17.79
CA ARG I 7 4.26 37.44 18.32
C ARG I 7 5.72 37.68 18.70
N ILE I 8 6.13 38.94 18.69
CA ILE I 8 7.52 39.28 18.97
C ILE I 8 7.66 39.78 20.40
N GLU I 9 8.55 39.14 21.16
CA GLU I 9 8.82 39.54 22.54
C GLU I 9 10.25 40.05 22.68
N LYS I 10 11.23 39.25 22.26
CA LYS I 10 12.65 39.59 22.36
C LYS I 10 13.36 39.32 21.05
N GLU I 11 14.65 39.66 21.02
CA GLU I 11 15.43 39.56 19.79
C GLU I 11 16.17 38.23 19.70
N GLU I 12 16.57 37.68 20.85
CA GLU I 12 17.36 36.45 20.89
C GLU I 12 16.55 35.27 20.38
N ASP I 13 15.23 35.33 20.58
CA ASP I 13 14.35 34.25 20.14
C ASP I 13 14.29 34.22 18.62
N ILE I 14 14.21 35.40 18.02
CA ILE I 14 14.14 35.53 16.56
C ILE I 14 15.50 35.25 15.92
N LYS I 15 16.58 35.57 16.65
CA LYS I 15 17.92 35.21 16.19
C LYS I 15 18.14 33.69 16.23
N LEU I 16 17.52 33.02 17.20
CA LEU I 16 17.50 31.56 17.18
C LEU I 16 16.63 31.02 16.05
N LEU I 17 15.53 31.72 15.73
CA LEU I 17 14.68 31.32 14.61
C LEU I 17 15.39 31.40 13.27
N LYS I 18 16.18 32.46 13.05
CA LYS I 18 16.89 32.60 11.78
C LYS I 18 17.99 31.55 11.64
N GLU I 19 18.67 31.23 12.75
CA GLU I 19 19.78 30.27 12.71
C GLU I 19 19.35 28.83 12.44
N LEU I 20 18.06 28.50 12.44
CA LEU I 20 17.68 27.11 12.21
C LEU I 20 17.35 26.81 10.76
N LYS I 21 16.19 27.27 10.28
CA LYS I 21 15.80 27.14 8.87
C LYS I 21 15.06 28.37 8.36
N TRP I 22 14.49 29.16 9.29
CA TRP I 22 13.41 30.09 8.94
C TRP I 22 13.92 31.26 8.11
N ASN I 23 13.21 31.53 7.01
CA ASN I 23 13.54 32.60 6.08
C ASN I 23 12.72 33.86 6.37
N GLY I 24 11.52 33.70 6.91
CA GLY I 24 10.69 34.81 7.33
C GLY I 24 9.51 34.37 8.16
N PHE I 25 8.79 35.31 8.77
CA PHE I 25 7.60 35.02 9.55
C PHE I 25 6.66 36.21 9.63
N VAL I 26 5.58 36.03 10.37
CA VAL I 26 4.49 37.01 10.47
C VAL I 26 4.36 37.45 11.92
N PHE I 27 4.37 38.76 12.15
CA PHE I 27 4.10 39.34 13.47
C PHE I 27 2.60 39.40 13.67
N TYR I 28 2.16 38.99 14.86
CA TYR I 28 0.74 38.72 15.10
C TYR I 28 0.18 39.72 16.12
N GLN I 29 -0.74 40.57 15.67
CA GLN I 29 -1.37 41.59 16.50
C GLN I 29 -2.80 41.16 16.80
N TYR I 30 -3.03 40.67 18.01
CA TYR I 30 -4.33 40.11 18.39
C TYR I 30 -5.13 41.16 19.18
N ASP I 31 -4.77 42.42 18.99
CA ASP I 31 -5.34 43.48 19.80
C ASP I 31 -6.06 44.52 18.95
N ASP I 32 -6.71 45.49 19.61
CA ASP I 32 -7.40 46.57 18.92
C ASP I 32 -6.60 47.86 18.92
N GLU I 33 -5.41 47.85 19.53
CA GLU I 33 -4.56 49.03 19.62
C GLU I 33 -3.26 48.72 18.88
N PHE I 34 -3.18 49.12 17.61
CA PHE I 34 -1.98 48.94 16.80
C PHE I 34 -1.54 50.29 16.28
N SER I 35 -0.25 50.53 16.29
CA SER I 35 0.33 51.80 15.88
C SER I 35 1.57 51.53 15.04
N LYS I 36 2.28 52.62 14.70
CA LYS I 36 3.47 52.50 13.86
C LYS I 36 4.71 52.16 14.68
N ASP I 37 4.67 52.33 16.00
CA ASP I 37 5.85 52.10 16.83
C ASP I 37 6.19 50.62 16.91
N ARG I 38 5.17 49.77 17.04
CA ARG I 38 5.37 48.32 17.03
C ARG I 38 5.90 47.86 15.68
N TYR I 39 5.41 48.46 14.59
CA TYR I 39 5.85 48.06 13.25
C TYR I 39 7.27 48.54 12.99
N GLU I 40 7.66 49.67 13.57
CA GLU I 40 9.04 50.12 13.45
C GLU I 40 9.99 49.25 14.29
N GLU I 41 9.52 48.76 15.44
CA GLU I 41 10.30 47.79 16.20
C GLU I 41 10.41 46.46 15.45
N VAL I 42 9.36 46.09 14.72
CA VAL I 42 9.41 44.92 13.85
C VAL I 42 10.44 45.12 12.74
N LYS I 43 10.49 46.32 12.17
CA LYS I 43 11.52 46.67 11.19
C LYS I 43 12.92 46.57 11.78
N ALA I 44 13.10 47.06 13.02
CA ALA I 44 14.41 47.05 13.65
C ALA I 44 14.89 45.63 13.95
N ILE I 45 13.99 44.77 14.44
CA ILE I 45 14.38 43.40 14.77
C ILE I 45 14.52 42.56 13.48
N ALA I 46 13.79 42.92 12.43
CA ALA I 46 13.96 42.24 11.15
C ALA I 46 15.27 42.62 10.48
N GLU I 47 15.70 43.88 10.64
CA GLU I 47 16.98 44.30 10.12
C GLU I 47 18.12 44.09 11.12
N SER I 48 17.82 43.50 12.27
CA SER I 48 18.83 43.22 13.29
C SER I 48 19.86 42.22 12.80
N TYR I 49 19.45 40.98 12.52
CA TYR I 49 20.42 40.03 12.00
C TYR I 49 20.36 39.91 10.48
N LYS I 50 19.34 39.19 9.97
CA LYS I 50 19.00 39.06 8.54
C LYS I 50 17.60 38.50 8.34
N LEU I 51 16.57 39.34 8.18
CA LEU I 51 15.20 38.85 7.97
C LEU I 51 14.26 39.85 7.33
N LYS I 52 13.07 39.38 6.96
CA LYS I 52 11.94 40.20 6.51
C LYS I 52 10.68 39.70 7.22
N VAL I 53 9.91 40.62 7.81
CA VAL I 53 8.71 40.26 8.57
C VAL I 53 7.52 41.03 8.00
N TYR I 54 6.39 40.34 7.81
CA TYR I 54 5.14 40.94 7.36
C TYR I 54 4.15 40.98 8.53
N SER I 55 3.60 42.15 8.82
CA SER I 55 2.74 42.30 9.99
C SER I 55 1.27 42.21 9.60
N GLY I 56 0.44 41.71 10.52
CA GLY I 56 -0.99 41.60 10.31
C GLY I 56 -1.79 42.07 11.52
N VAL I 57 -3.12 41.98 11.46
CA VAL I 57 -3.99 42.39 12.56
C VAL I 57 -5.07 41.31 12.71
N LYS I 58 -5.73 41.28 13.88
CA LYS I 58 -6.65 40.21 14.26
C LYS I 58 -7.79 40.77 15.10
N ILE I 59 -8.98 40.15 14.98
CA ILE I 59 -10.18 40.56 15.71
C ILE I 59 -10.83 39.30 16.29
N LYS I 60 -11.61 39.48 17.35
CA LYS I 60 -12.34 38.38 17.97
C LYS I 60 -13.60 38.90 18.66
N THR I 61 -14.73 38.20 18.42
CA THR I 61 -16.00 38.34 19.14
C THR I 61 -16.58 39.76 19.07
N GLU I 62 -17.05 40.15 17.89
CA GLU I 62 -17.79 41.39 17.70
C GLU I 62 -18.99 41.10 16.82
N SER I 63 -19.59 42.16 16.28
CA SER I 63 -20.84 42.09 15.52
C SER I 63 -20.70 41.38 14.17
N SER I 64 -21.79 41.32 13.41
CA SER I 64 -21.82 40.53 12.19
C SER I 64 -21.11 41.19 11.01
N LYS I 65 -21.61 42.34 10.53
CA LYS I 65 -21.07 42.91 9.30
C LYS I 65 -20.66 44.38 9.48
N GLN I 66 -21.11 45.01 10.56
CA GLN I 66 -20.44 46.22 11.03
C GLN I 66 -18.98 45.93 11.33
N LEU I 67 -18.73 44.77 11.92
CA LEU I 67 -17.37 44.26 12.09
C LEU I 67 -16.69 44.05 10.74
N ARG I 68 -17.43 43.58 9.73
CA ARG I 68 -16.85 43.44 8.39
C ARG I 68 -16.40 44.77 7.79
N ASP I 69 -17.21 45.81 7.91
CA ASP I 69 -16.81 47.13 7.41
C ASP I 69 -15.63 47.71 8.21
N LYS I 70 -15.67 47.60 9.54
CA LYS I 70 -14.56 48.12 10.36
C LYS I 70 -13.29 47.30 10.17
N VAL I 71 -13.44 46.00 9.88
CA VAL I 71 -12.31 45.13 9.62
C VAL I 71 -11.67 45.47 8.28
N LYS I 72 -12.48 45.81 7.27
CA LYS I 72 -11.92 46.32 6.02
C LYS I 72 -11.20 47.66 6.23
N LYS I 73 -11.77 48.53 7.07
CA LYS I 73 -11.17 49.84 7.29
C LYS I 73 -9.86 49.76 8.08
N PHE I 74 -9.74 48.82 9.02
CA PHE I 74 -8.45 48.63 9.69
C PHE I 74 -7.52 47.76 8.86
N ARG I 75 -8.05 47.00 7.91
CA ARG I 75 -7.22 46.16 7.06
C ARG I 75 -6.54 46.99 5.97
N ASN I 76 -7.13 48.13 5.61
CA ASN I 76 -6.55 49.02 4.59
C ASN I 76 -5.22 49.65 4.97
N LYS I 77 -4.77 49.48 6.22
CA LYS I 77 -3.47 49.96 6.69
C LYS I 77 -2.41 48.88 6.75
N CYS I 78 -2.79 47.62 6.98
CA CYS I 78 -1.84 46.54 7.21
C CYS I 78 -1.79 45.60 6.00
N HIS I 79 -0.94 44.57 6.08
CA HIS I 79 -0.73 43.65 4.98
C HIS I 79 -1.76 42.53 4.93
N ILE I 80 -1.75 41.66 5.94
CA ILE I 80 -2.63 40.50 5.99
C ILE I 80 -3.51 40.60 7.23
N ILE I 81 -4.38 39.61 7.42
CA ILE I 81 -5.38 39.66 8.47
C ILE I 81 -5.81 38.25 8.85
N LEU I 82 -6.33 38.10 10.07
CA LEU I 82 -6.89 36.86 10.58
C LEU I 82 -8.12 37.16 11.40
N ILE I 83 -9.19 36.38 11.20
CA ILE I 83 -10.38 36.45 12.03
C ILE I 83 -10.57 35.10 12.71
N GLU I 84 -10.65 35.11 14.04
CA GLU I 84 -10.80 33.89 14.80
C GLU I 84 -12.13 33.93 15.54
N GLY I 85 -12.77 32.77 15.64
CA GLY I 85 -14.03 32.66 16.35
C GLY I 85 -14.75 31.35 16.11
N GLY I 86 -15.33 30.79 17.17
CA GLY I 86 -16.04 29.52 17.02
C GLY I 86 -17.48 29.70 16.57
N VAL I 87 -17.94 30.96 16.51
CA VAL I 87 -19.31 31.22 16.10
C VAL I 87 -19.43 31.02 14.60
N LEU I 88 -20.45 30.26 14.19
CA LEU I 88 -20.66 29.98 12.76
C LEU I 88 -21.23 31.19 12.04
N LYS I 89 -21.95 32.05 12.77
CA LYS I 89 -22.62 33.21 12.18
C LYS I 89 -21.61 34.23 11.68
N ILE I 90 -20.57 34.49 12.48
CA ILE I 90 -19.49 35.36 12.02
C ILE I 90 -18.61 34.64 11.01
N ASN I 91 -18.57 33.31 11.07
CA ASN I 91 -17.69 32.54 10.17
C ASN I 91 -18.23 32.57 8.75
N ARG I 92 -19.56 32.57 8.59
CA ARG I 92 -20.20 32.66 7.29
C ARG I 92 -19.90 34.01 6.62
N ALA I 93 -19.98 35.09 7.39
CA ALA I 93 -19.66 36.41 6.87
C ALA I 93 -18.18 36.56 6.58
N ALA I 94 -17.34 35.91 7.39
CA ALA I 94 -15.89 35.99 7.21
C ALA I 94 -15.45 35.24 5.95
N VAL I 95 -16.09 34.11 5.65
CA VAL I 95 -15.79 33.45 4.38
C VAL I 95 -16.58 34.06 3.24
N GLU I 96 -17.59 34.89 3.53
CA GLU I 96 -18.38 35.53 2.48
C GLU I 96 -17.72 36.81 1.96
N LEU I 97 -16.95 37.49 2.81
CA LEU I 97 -16.46 38.82 2.44
C LEU I 97 -15.28 38.75 1.46
N HIS I 98 -14.77 37.54 1.21
CA HIS I 98 -13.73 37.18 0.23
C HIS I 98 -12.51 38.09 0.17
N ASP I 99 -12.07 38.60 1.32
CA ASP I 99 -10.89 39.46 1.32
C ASP I 99 -9.95 39.08 2.47
N VAL I 100 -10.43 38.23 3.38
CA VAL I 100 -9.57 37.69 4.44
C VAL I 100 -8.68 36.61 3.84
N ASP I 101 -7.39 36.65 4.17
CA ASP I 101 -6.42 35.71 3.62
C ASP I 101 -6.55 34.32 4.24
N ILE I 102 -6.32 34.21 5.55
CA ILE I 102 -6.35 32.92 6.24
C ILE I 102 -7.31 33.00 7.42
N LEU I 103 -7.85 31.83 7.79
CA LEU I 103 -8.91 31.69 8.76
C LEU I 103 -8.53 30.65 9.82
N SER I 104 -8.84 30.96 11.08
CA SER I 104 -8.46 30.07 12.17
C SER I 104 -9.64 29.86 13.11
N THR I 105 -9.36 29.09 14.17
CA THR I 105 -10.21 28.69 15.29
C THR I 105 -11.58 28.17 14.84
N PRO I 106 -11.71 26.96 14.25
CA PRO I 106 -13.02 26.30 14.26
C PRO I 106 -13.15 25.21 15.32
N GLU I 107 -12.14 25.00 16.17
CA GLU I 107 -12.16 23.79 16.99
C GLU I 107 -12.35 24.04 18.49
N LEU I 108 -11.88 25.19 19.00
CA LEU I 108 -11.91 25.36 20.45
C LEU I 108 -13.09 26.21 20.91
N GLY I 109 -13.60 27.11 20.06
CA GLY I 109 -14.78 27.88 20.41
C GLY I 109 -16.05 27.13 20.03
N ARG I 110 -15.90 26.09 19.21
CA ARG I 110 -17.05 25.35 18.73
C ARG I 110 -17.22 24.03 19.48
N LYS I 111 -16.17 23.19 19.47
CA LYS I 111 -16.11 21.85 20.08
C LYS I 111 -17.17 20.89 19.55
N ASP I 112 -17.70 21.14 18.36
CA ASP I 112 -18.66 20.23 17.72
C ASP I 112 -18.16 19.67 16.40
N SER I 113 -17.75 20.53 15.46
CA SER I 113 -17.13 20.18 14.20
C SER I 113 -16.52 21.44 13.61
N GLY I 114 -15.47 21.26 12.81
CA GLY I 114 -14.73 22.40 12.30
C GLY I 114 -15.40 23.18 11.19
N ILE I 115 -15.50 22.58 10.01
CA ILE I 115 -15.99 23.26 8.81
C ILE I 115 -17.21 22.51 8.29
N ASP I 116 -18.24 23.27 7.90
CA ASP I 116 -19.44 22.72 7.32
C ASP I 116 -19.23 22.53 5.82
N HIS I 117 -20.06 21.68 5.22
CA HIS I 117 -19.97 21.38 3.79
C HIS I 117 -20.36 22.61 2.95
N VAL I 118 -21.42 23.29 3.36
CA VAL I 118 -21.83 24.55 2.71
C VAL I 118 -20.77 25.62 2.93
N LEU I 119 -20.16 25.61 4.13
CA LEU I 119 -19.08 26.52 4.44
C LEU I 119 -17.86 26.27 3.56
N ALA I 120 -17.56 24.99 3.31
CA ALA I 120 -16.41 24.64 2.46
C ALA I 120 -16.69 24.94 1.00
N ARG I 121 -17.95 24.83 0.57
CA ARG I 121 -18.28 25.20 -0.81
C ARG I 121 -18.26 26.70 -1.01
N LEU I 122 -18.68 27.46 0.01
CA LEU I 122 -18.64 28.92 -0.08
C LEU I 122 -17.21 29.42 -0.02
N ALA I 123 -16.35 28.73 0.73
CA ALA I 123 -14.93 29.07 0.78
C ALA I 123 -14.24 28.76 -0.54
N SER I 124 -14.76 27.78 -1.29
CA SER I 124 -14.22 27.47 -2.61
C SER I 124 -14.59 28.56 -3.61
N ASN I 125 -15.77 29.15 -3.44
CA ASN I 125 -16.21 30.20 -4.36
C ASN I 125 -15.55 31.54 -4.04
N HIS I 126 -15.30 31.80 -2.76
CA HIS I 126 -14.75 33.09 -2.34
C HIS I 126 -13.23 33.08 -2.13
N ARG I 127 -12.61 31.90 -2.20
CA ARG I 127 -11.15 31.69 -2.10
C ARG I 127 -10.56 32.23 -0.81
N VAL I 128 -11.01 31.69 0.33
CA VAL I 128 -10.43 31.99 1.64
C VAL I 128 -9.71 30.73 2.10
N ALA I 129 -8.61 30.90 2.82
CA ALA I 129 -7.75 29.79 3.21
C ALA I 129 -7.96 29.46 4.69
N ILE I 130 -7.65 28.22 5.06
CA ILE I 130 -7.81 27.75 6.43
C ILE I 130 -6.42 27.67 7.08
N GLU I 131 -6.27 28.31 8.23
CA GLU I 131 -5.02 28.28 8.98
C GLU I 131 -5.16 27.34 10.17
N LEU I 132 -4.23 26.41 10.29
CA LEU I 132 -4.22 25.40 11.34
C LEU I 132 -3.21 25.77 12.42
N ASN I 133 -3.70 25.96 13.65
CA ASN I 133 -2.89 26.38 14.79
C ASN I 133 -2.32 25.17 15.49
N PHE I 134 -1.36 25.40 16.41
CA PHE I 134 -0.78 24.30 17.16
C PHE I 134 -0.65 24.57 18.66
N LYS I 135 -0.79 25.82 19.10
CA LYS I 135 -0.77 26.12 20.54
C LYS I 135 -1.96 25.46 21.25
N THR I 136 -3.08 25.31 20.53
CA THR I 136 -4.23 24.50 20.95
C THR I 136 -3.86 23.04 21.23
N LEU I 137 -2.84 22.51 20.55
CA LEU I 137 -2.39 21.14 20.85
C LEU I 137 -1.52 21.10 22.09
N LEU I 138 -0.92 22.24 22.47
CA LEU I 138 0.02 22.23 23.59
C LEU I 138 -0.56 22.89 24.83
N ASN I 139 -1.86 23.21 24.82
CA ASN I 139 -2.55 23.55 26.06
C ASN I 139 -3.86 22.79 26.27
N LYS I 140 -3.87 21.48 26.01
CA LYS I 140 -5.04 20.64 26.27
C LYS I 140 -4.64 19.37 27.02
N ASP I 141 -5.62 18.45 27.15
CA ASP I 141 -5.42 17.15 27.78
C ASP I 141 -5.52 16.10 26.69
N GLY I 142 -5.44 14.81 27.05
CA GLY I 142 -5.38 13.72 26.09
C GLY I 142 -6.56 13.54 25.16
N TYR I 143 -7.77 13.37 25.72
CA TYR I 143 -8.97 13.23 24.89
C TYR I 143 -9.29 14.55 24.19
N GLU I 144 -8.88 15.67 24.78
CA GLU I 144 -9.03 16.96 24.10
C GLU I 144 -8.14 17.04 22.87
N ARG I 145 -6.90 16.52 22.98
CA ARG I 145 -6.03 16.34 21.82
C ARG I 145 -6.67 15.40 20.80
N ALA I 146 -7.36 14.36 21.28
CA ALA I 146 -8.01 13.40 20.37
C ALA I 146 -9.14 14.06 19.58
N ARG I 147 -10.02 14.79 20.26
CA ARG I 147 -11.13 15.46 19.58
C ARG I 147 -10.63 16.59 18.68
N THR I 148 -9.56 17.29 19.10
CA THR I 148 -9.03 18.38 18.30
C THR I 148 -8.35 17.87 17.03
N LEU I 149 -7.60 16.78 17.13
CA LEU I 149 -6.97 16.23 15.93
C LEU I 149 -7.98 15.49 15.07
N LEU I 150 -9.07 15.00 15.66
CA LEU I 150 -10.18 14.47 14.87
C LEU I 150 -10.83 15.58 14.05
N PHE I 151 -11.02 16.76 14.65
CA PHE I 151 -11.52 17.91 13.94
C PHE I 151 -10.56 18.37 12.85
N PHE I 152 -9.25 18.32 13.12
CA PHE I 152 -8.28 18.70 12.09
C PHE I 152 -8.23 17.70 10.95
N ARG I 153 -8.42 16.40 11.23
CA ARG I 153 -8.45 15.44 10.13
C ARG I 153 -9.72 15.56 9.32
N ASN I 154 -10.85 15.90 9.97
CA ASN I 154 -12.08 16.20 9.22
C ASN I 154 -11.90 17.43 8.34
N ASN I 155 -11.28 18.49 8.88
CA ASN I 155 -11.05 19.70 8.10
C ASN I 155 -10.01 19.47 7.00
N LEU I 156 -9.11 18.52 7.23
CA LEU I 156 -8.09 18.19 6.24
C LEU I 156 -8.71 17.50 5.04
N LYS I 157 -9.69 16.62 5.29
CA LYS I 157 -10.43 16.01 4.19
C LYS I 157 -11.33 17.01 3.48
N LEU I 158 -11.98 17.91 4.23
CA LEU I 158 -12.86 18.89 3.61
C LEU I 158 -12.07 19.97 2.88
N ALA I 159 -10.78 20.11 3.18
CA ALA I 159 -9.93 21.00 2.39
C ALA I 159 -9.25 20.27 1.23
N LYS I 160 -9.06 18.94 1.35
CA LYS I 160 -8.44 18.17 0.28
C LYS I 160 -9.40 17.92 -0.87
N LYS I 161 -10.66 17.62 -0.55
CA LYS I 161 -11.63 17.30 -1.59
C LYS I 161 -12.08 18.55 -2.34
N PHE I 162 -12.09 19.70 -1.67
CA PHE I 162 -12.53 20.93 -2.32
C PHE I 162 -11.39 21.84 -2.72
N ASP I 163 -10.13 21.37 -2.59
CA ASP I 163 -8.91 22.11 -2.90
C ASP I 163 -8.83 23.45 -2.17
N VAL I 164 -9.14 23.44 -0.88
CA VAL I 164 -9.12 24.65 -0.05
C VAL I 164 -7.69 24.87 0.41
N PRO I 165 -7.13 26.08 0.25
CA PRO I 165 -5.76 26.35 0.72
C PRO I 165 -5.60 26.27 2.24
N VAL I 166 -4.48 25.72 2.69
CA VAL I 166 -4.23 25.45 4.11
C VAL I 166 -2.85 26.01 4.45
N VAL I 167 -2.78 26.79 5.54
CA VAL I 167 -1.53 27.30 6.09
C VAL I 167 -1.36 26.79 7.51
N ILE I 168 -0.27 26.08 7.77
CA ILE I 168 0.05 25.59 9.10
C ILE I 168 0.82 26.68 9.85
N SER I 169 0.59 26.79 11.16
CA SER I 169 1.39 27.63 12.03
C SER I 169 1.31 27.12 13.46
N THR I 170 2.22 27.60 14.32
CA THR I 170 2.24 27.15 15.71
C THR I 170 1.33 28.02 16.58
N ASP I 171 1.00 29.23 16.09
CA ASP I 171 0.27 30.29 16.80
C ASP I 171 0.92 30.57 18.15
N ALA I 172 2.22 30.88 18.10
CA ALA I 172 3.02 30.91 19.32
C ALA I 172 2.77 32.17 20.13
N GLU I 173 3.23 32.15 21.38
CA GLU I 173 3.02 33.25 22.32
C GLU I 173 4.25 33.64 23.10
N ASN I 174 5.29 32.80 23.12
CA ASN I 174 6.45 33.02 23.98
C ASN I 174 7.71 32.65 23.22
N LYS I 175 8.82 32.56 23.95
CA LYS I 175 10.11 32.18 23.35
C LYS I 175 10.11 30.75 22.87
N TYR I 176 9.46 29.84 23.60
CA TYR I 176 9.63 28.42 23.35
C TYR I 176 8.38 27.75 22.79
N GLN I 177 7.33 28.52 22.49
CA GLN I 177 6.12 27.92 21.95
C GLN I 177 6.31 27.53 20.49
N ILE I 178 7.29 28.17 19.82
CA ILE I 178 7.57 27.96 18.40
C ILE I 178 8.17 26.57 18.22
N LYS I 179 7.87 25.93 17.09
CA LYS I 179 8.46 24.63 16.78
C LYS I 179 9.10 24.68 15.40
N ASN I 180 9.76 23.58 15.03
CA ASN I 180 10.53 23.46 13.79
C ASN I 180 9.62 23.33 12.57
N PRO I 181 10.06 23.77 11.38
CA PRO I 181 9.24 23.55 10.18
C PRO I 181 9.29 22.12 9.68
N TYR I 182 10.44 21.46 9.88
CA TYR I 182 10.54 20.04 9.56
C TYR I 182 9.66 19.21 10.49
N ASP I 183 9.48 19.66 11.72
CA ASP I 183 8.57 19.00 12.65
C ASP I 183 7.13 19.08 12.16
N LEU I 184 6.69 20.27 11.74
CA LEU I 184 5.33 20.43 11.25
C LEU I 184 5.12 19.67 9.95
N ARG I 185 6.16 19.61 9.10
CA ARG I 185 6.08 18.84 7.88
C ARG I 185 6.00 17.33 8.16
N ALA I 186 6.76 16.86 9.14
CA ALA I 186 6.69 15.45 9.52
C ALA I 186 5.37 15.09 10.20
N PHE I 187 4.76 16.04 10.90
CA PHE I 187 3.45 15.82 11.51
C PHE I 187 2.33 15.79 10.48
N LEU I 188 2.37 16.71 9.51
CA LEU I 188 1.38 16.68 8.43
C LEU I 188 1.65 15.52 7.47
N ASN I 189 2.87 14.99 7.47
CA ASN I 189 3.15 13.73 6.79
C ASN I 189 2.57 12.56 7.56
N THR I 190 2.67 12.60 8.90
CA THR I 190 2.08 11.59 9.76
C THR I 190 0.56 11.54 9.64
N LEU I 191 -0.09 12.69 9.44
CA LEU I 191 -1.54 12.70 9.36
C LEU I 191 -2.09 12.04 8.09
N VAL I 192 -1.85 12.60 6.90
CA VAL I 192 -2.41 12.02 5.68
C VAL I 192 -1.30 11.77 4.66
N GLU I 193 -0.67 12.84 4.16
CA GLU I 193 0.21 12.76 3.00
C GLU I 193 1.39 13.73 3.10
N PRO I 194 2.54 13.39 2.48
CA PRO I 194 3.68 14.34 2.47
C PRO I 194 3.61 15.38 1.36
N LEU I 195 2.98 15.04 0.24
CA LEU I 195 2.86 16.00 -0.86
C LEU I 195 1.93 17.14 -0.49
N TYR I 196 0.83 16.83 0.20
CA TYR I 196 -0.06 17.86 0.70
C TYR I 196 0.62 18.66 1.81
N ALA I 197 1.51 18.02 2.57
CA ALA I 197 2.28 18.71 3.59
C ALA I 197 3.25 19.72 2.99
N LYS I 198 3.83 19.38 1.83
CA LYS I 198 4.67 20.35 1.13
C LYS I 198 3.80 21.44 0.48
N LYS I 199 2.61 21.06 0.02
CA LYS I 199 1.70 22.01 -0.64
C LYS I 199 1.20 23.06 0.35
N ILE I 200 1.07 22.68 1.63
CA ILE I 200 0.67 23.63 2.67
C ILE I 200 1.73 24.72 2.85
N MET I 201 3.00 24.32 2.88
CA MET I 201 4.09 25.30 3.02
C MET I 201 4.24 26.14 1.75
N GLU I 202 4.02 25.52 0.58
CA GLU I 202 4.06 26.27 -0.68
C GLU I 202 2.95 27.31 -0.73
N THR I 203 1.75 26.95 -0.27
CA THR I 203 0.64 27.90 -0.24
C THR I 203 0.90 29.00 0.80
N ALA I 204 1.54 28.64 1.91
CA ALA I 204 1.86 29.61 2.95
C ALA I 204 2.89 30.63 2.45
N TYR I 205 3.79 30.21 1.57
CA TYR I 205 4.70 31.18 0.96
C TYR I 205 4.00 32.00 -0.12
N LYS I 206 3.16 31.36 -0.93
CA LYS I 206 2.56 32.03 -2.09
C LYS I 206 1.50 33.05 -1.68
N ILE I 207 0.83 32.85 -0.54
CA ILE I 207 -0.18 33.83 -0.15
C ILE I 207 0.46 35.12 0.35
N CYS I 208 1.59 35.03 1.06
CA CYS I 208 2.31 36.22 1.47
C CYS I 208 2.99 36.87 0.28
N ASP I 209 3.45 36.05 -0.68
CA ASP I 209 4.02 36.58 -1.92
C ASP I 209 2.99 37.36 -2.72
N PHE I 210 1.76 36.84 -2.79
CA PHE I 210 0.67 37.52 -3.49
C PHE I 210 0.25 38.81 -2.79
N ARG I 211 0.17 38.79 -1.46
CA ARG I 211 -0.20 40.02 -0.74
C ARG I 211 0.89 41.08 -0.86
N ASP I 212 2.15 40.67 -0.85
CA ASP I 212 3.27 41.58 -1.03
C ASP I 212 3.28 42.14 -2.45
N TYR I 213 2.98 41.30 -3.43
CA TYR I 213 3.00 41.75 -4.82
C TYR I 213 1.78 42.61 -5.14
N LEU I 214 0.71 42.45 -4.35
CA LEU I 214 -0.48 43.28 -4.49
C LEU I 214 -0.28 44.65 -3.87
N MET I 215 0.18 44.69 -2.62
CA MET I 215 0.33 45.96 -1.92
C MET I 215 1.69 46.62 -2.16
N ARG I 216 2.55 46.01 -2.98
CA ARG I 216 3.87 46.56 -3.25
C ARG I 216 3.81 47.78 -4.16
N ASP I 217 3.27 47.60 -5.37
CA ASP I 217 3.22 48.63 -6.39
C ASP I 217 1.77 48.96 -6.72
N ASN I 218 1.59 49.74 -7.77
CA ASN I 218 0.25 50.13 -8.22
C ASN I 218 -0.46 48.96 -8.88
N VAL I 219 -0.96 48.03 -8.09
CA VAL I 219 -1.60 46.81 -8.60
C VAL I 219 -3.05 46.79 -8.14
N VAL I 220 -3.96 46.92 -9.11
CA VAL I 220 -5.39 46.87 -8.84
C VAL I 220 -6.01 45.77 -9.69
N ARG I 221 -6.55 44.74 -9.02
CA ARG I 221 -7.15 43.55 -9.63
C ARG I 221 -6.17 42.87 -10.59
N TYR I 222 -4.93 42.72 -10.11
CA TYR I 222 -3.78 42.23 -10.86
C TYR I 222 -3.57 43.02 -12.15
N GLY I 223 -3.21 44.29 -12.00
CA GLY I 223 -2.81 45.09 -13.14
C GLY I 223 -1.52 45.82 -12.81
N VAL I 224 -0.48 45.49 -13.57
CA VAL I 224 0.86 45.99 -13.29
C VAL I 224 1.10 47.23 -14.14
N GLU I 225 1.55 48.29 -13.49
CA GLU I 225 1.79 49.57 -14.15
C GLU I 225 3.23 49.97 -13.86
N ILE I 226 3.96 50.34 -14.91
CA ILE I 226 5.42 50.51 -14.86
C ILE I 226 5.68 51.93 -15.36
N ILE I 227 6.94 52.25 -15.68
CA ILE I 227 7.58 53.54 -15.99
C ILE I 227 6.73 54.46 -16.85
N LYS I 228 6.77 55.76 -16.54
CA LYS I 228 6.04 56.86 -17.19
C LYS I 228 4.54 56.69 -17.06
N GLU I 229 4.06 56.78 -15.83
CA GLU I 229 2.65 56.65 -15.49
C GLU I 229 1.91 57.98 -15.65
N GLU I 230 0.63 57.88 -15.97
CA GLU I 230 -0.30 59.01 -15.90
C GLU I 230 -1.09 58.99 -14.60
N LYS I 231 -0.38 58.95 -13.47
CA LYS I 231 -1.03 58.81 -12.19
C LYS I 231 -1.35 60.18 -11.58
N GLU I 232 -2.59 60.31 -11.09
CA GLU I 232 -3.05 61.55 -10.48
C GLU I 232 -2.94 61.48 -8.96
N MET J 1 -9.18 60.74 -21.25
CA MET J 1 -7.89 60.04 -21.22
C MET J 1 -8.07 58.59 -20.83
N ILE J 2 -7.10 57.76 -21.20
CA ILE J 2 -7.12 56.33 -20.89
C ILE J 2 -6.23 56.09 -19.68
N THR J 3 -6.79 55.50 -18.62
CA THR J 3 -6.13 55.33 -17.35
C THR J 3 -5.82 53.85 -17.11
N PRO J 4 -4.72 53.55 -16.38
CA PRO J 4 -4.40 52.15 -16.09
C PRO J 4 -5.39 51.46 -15.16
N HIS J 5 -6.14 52.24 -14.39
CA HIS J 5 -7.17 51.64 -13.54
C HIS J 5 -8.40 51.24 -14.35
N ASN J 6 -8.88 52.13 -15.22
CA ASN J 6 -10.07 51.84 -16.01
C ASN J 6 -9.74 51.15 -17.32
N ILE J 7 -8.53 50.57 -17.45
CA ILE J 7 -8.19 49.79 -18.65
C ILE J 7 -8.93 48.46 -18.63
N LEU J 8 -9.51 48.10 -17.46
CA LEU J 8 -10.42 46.98 -17.40
C LEU J 8 -11.76 47.31 -18.07
N ARG J 9 -12.03 48.60 -18.31
CA ARG J 9 -13.25 48.98 -19.01
C ARG J 9 -13.00 49.86 -20.23
N HIS J 10 -11.79 50.39 -20.41
CA HIS J 10 -11.50 51.14 -21.64
C HIS J 10 -11.49 50.23 -22.86
N GLU J 11 -11.71 50.84 -24.02
CA GLU J 11 -11.72 50.13 -25.29
C GLU J 11 -10.29 49.79 -25.69
N LEU J 12 -10.08 48.55 -26.12
CA LEU J 12 -8.74 48.10 -26.46
C LEU J 12 -8.37 48.37 -27.91
N ILE J 13 -9.39 48.60 -28.76
CA ILE J 13 -9.13 48.78 -30.18
C ILE J 13 -8.54 50.17 -30.45
N GLY J 14 -7.42 50.20 -31.13
CA GLY J 14 -6.72 51.45 -31.41
C GLY J 14 -5.55 51.71 -30.48
N LEU J 15 -4.98 50.66 -29.89
CA LEU J 15 -3.87 50.79 -28.96
C LEU J 15 -2.83 49.74 -29.33
N LYS J 16 -1.56 50.13 -29.35
CA LYS J 16 -0.49 49.17 -29.58
C LYS J 16 -0.35 48.24 -28.39
N VAL J 17 0.00 46.98 -28.67
CA VAL J 17 0.04 45.95 -27.65
C VAL J 17 1.15 44.95 -27.99
N GLU J 18 1.84 44.47 -26.95
CA GLU J 18 2.71 43.32 -27.04
C GLU J 18 2.40 42.41 -25.87
N ILE J 19 2.62 41.11 -26.03
CA ILE J 19 2.35 40.14 -24.98
C ILE J 19 3.70 39.67 -24.45
N VAL J 20 3.76 39.37 -23.16
CA VAL J 20 5.05 39.02 -22.56
C VAL J 20 5.05 37.56 -22.09
N GLU J 21 3.92 37.07 -21.60
CA GLU J 21 3.83 35.69 -21.15
C GLU J 21 2.56 35.04 -21.68
N ALA J 22 2.71 33.77 -22.08
CA ALA J 22 1.64 32.96 -22.64
C ALA J 22 2.07 31.50 -22.52
N LYS J 23 1.09 30.60 -22.64
CA LYS J 23 1.42 29.18 -22.62
C LYS J 23 1.89 28.71 -23.99
N ASN J 24 1.42 29.37 -25.05
CA ASN J 24 1.91 29.11 -26.40
C ASN J 24 3.28 29.77 -26.56
N LYS J 25 4.26 28.98 -27.02
CA LYS J 25 5.63 29.48 -27.06
C LYS J 25 5.84 30.45 -28.22
N ALA J 26 5.16 30.22 -29.34
CA ALA J 26 5.34 31.08 -30.50
C ALA J 26 4.54 32.37 -30.39
N MET J 27 3.60 32.42 -29.44
CA MET J 27 2.83 33.65 -29.22
C MET J 27 3.70 34.74 -28.62
N ILE J 28 4.75 34.36 -27.89
CA ILE J 28 5.57 35.33 -27.19
C ILE J 28 6.48 36.05 -28.18
N GLY J 29 6.40 37.38 -28.21
CA GLY J 29 7.25 38.18 -29.04
C GLY J 29 6.55 38.99 -30.11
N ILE J 30 5.21 39.07 -30.08
CA ILE J 30 4.47 39.79 -31.10
C ILE J 30 4.28 41.24 -30.67
N LYS J 31 4.19 42.14 -31.64
CA LYS J 31 3.93 43.56 -31.42
C LYS J 31 3.01 44.07 -32.51
N GLY J 32 1.94 44.75 -32.11
CA GLY J 32 1.01 45.28 -33.09
C GLY J 32 -0.15 46.00 -32.42
N LYS J 33 -1.13 46.36 -33.24
CA LYS J 33 -2.30 47.09 -32.82
C LYS J 33 -3.52 46.16 -32.76
N VAL J 34 -4.56 46.62 -32.07
CA VAL J 34 -5.78 45.85 -31.89
C VAL J 34 -6.80 46.32 -32.93
N VAL J 35 -7.36 45.38 -33.69
CA VAL J 35 -8.34 45.72 -34.70
C VAL J 35 -9.73 45.21 -34.33
N ASP J 36 -9.84 43.92 -34.02
CA ASP J 36 -11.13 43.32 -33.70
C ASP J 36 -11.04 42.68 -32.32
N GLU J 37 -12.16 42.72 -31.60
CA GLU J 37 -12.21 42.21 -30.24
C GLU J 37 -13.52 41.47 -30.01
N THR J 38 -13.41 40.17 -29.70
CA THR J 38 -14.53 39.37 -29.24
C THR J 38 -14.21 38.85 -27.85
N ARG J 39 -15.13 38.00 -27.34
CA ARG J 39 -15.34 37.78 -25.91
C ARG J 39 -14.07 37.37 -25.16
N ASN J 40 -13.24 36.56 -25.79
CA ASN J 40 -11.91 36.24 -25.27
C ASN J 40 -10.89 36.17 -26.40
N THR J 41 -10.95 37.14 -27.32
CA THR J 41 -10.08 37.07 -28.49
C THR J 41 -9.78 38.47 -29.03
N LEU J 42 -8.49 38.73 -29.27
CA LEU J 42 -8.04 39.91 -30.00
C LEU J 42 -7.53 39.49 -31.37
N VAL J 43 -7.84 40.31 -32.38
CA VAL J 43 -7.27 40.14 -33.72
C VAL J 43 -6.22 41.23 -33.91
N ILE J 44 -4.95 40.83 -33.92
CA ILE J 44 -3.82 41.76 -33.87
C ILE J 44 -3.10 41.75 -35.21
N GLU J 45 -2.94 42.93 -35.80
CA GLU J 45 -2.19 43.10 -37.03
C GLU J 45 -0.76 43.50 -36.68
N LYS J 46 0.19 42.65 -37.05
CA LYS J 46 1.60 42.90 -36.78
C LYS J 46 2.13 44.06 -37.62
N GLU J 47 3.28 44.59 -37.19
CA GLU J 47 3.99 45.57 -38.02
C GLU J 47 4.57 44.93 -39.26
N ASP J 48 4.90 43.63 -39.18
CA ASP J 48 5.38 42.90 -40.35
C ASP J 48 4.29 42.68 -41.38
N GLY J 49 3.04 42.60 -40.93
CA GLY J 49 1.90 42.45 -41.82
C GLY J 49 1.09 41.19 -41.65
N ARG J 50 1.24 40.48 -40.53
CA ARG J 50 0.52 39.23 -40.31
C ARG J 50 -0.59 39.42 -39.29
N GLU J 51 -1.80 39.01 -39.65
CA GLU J 51 -2.93 39.02 -38.73
C GLU J 51 -2.89 37.75 -37.87
N VAL J 52 -2.93 37.94 -36.55
CA VAL J 52 -2.91 36.82 -35.62
C VAL J 52 -4.15 36.88 -34.74
N VAL J 53 -4.61 35.70 -34.32
CA VAL J 53 -5.79 35.54 -33.48
C VAL J 53 -5.32 35.10 -32.10
N ILE J 54 -5.39 36.00 -31.13
CA ILE J 54 -4.79 35.79 -29.81
C ILE J 54 -5.93 35.57 -28.82
N PRO J 55 -6.02 34.40 -28.19
CA PRO J 55 -6.97 34.24 -27.08
C PRO J 55 -6.47 34.98 -25.84
N LYS J 56 -7.44 35.47 -25.05
CA LYS J 56 -7.10 36.35 -23.94
C LYS J 56 -6.72 35.56 -22.69
N ASP J 57 -7.43 34.47 -22.42
CA ASP J 57 -7.36 33.84 -21.10
C ASP J 57 -6.09 33.02 -20.92
N ILE J 58 -5.30 32.84 -21.99
CA ILE J 58 -4.10 32.01 -21.89
C ILE J 58 -2.86 32.88 -21.73
N ALA J 59 -2.97 34.20 -21.96
CA ALA J 59 -1.82 35.08 -21.99
C ALA J 59 -2.04 36.30 -21.09
N VAL J 60 -0.97 37.07 -20.92
CA VAL J 60 -1.02 38.38 -20.28
C VAL J 60 -0.60 39.42 -21.33
N PHE J 61 -1.27 40.57 -21.31
CA PHE J 61 -1.10 41.59 -22.33
C PHE J 61 -0.39 42.79 -21.73
N LEU J 62 0.41 43.47 -22.54
CA LEU J 62 1.03 44.75 -22.17
C LEU J 62 0.52 45.78 -23.17
N PHE J 63 -0.46 46.57 -22.75
CA PHE J 63 -1.01 47.63 -23.58
C PHE J 63 -0.16 48.89 -23.47
N GLN J 64 0.12 49.48 -24.63
CA GLN J 64 0.89 50.71 -24.73
C GLN J 64 -0.06 51.89 -24.80
N LEU J 65 -0.14 52.65 -23.72
CA LEU J 65 -0.99 53.84 -23.66
C LEU J 65 -0.18 55.03 -24.15
N LYS J 66 -0.68 56.25 -23.92
CA LYS J 66 0.07 57.46 -24.27
C LYS J 66 1.24 57.63 -23.30
N GLY J 67 2.31 56.88 -23.58
CA GLY J 67 3.48 56.87 -22.72
C GLY J 67 3.52 55.67 -21.79
N CYS J 68 2.35 55.19 -21.37
CA CYS J 68 2.29 54.14 -20.36
C CYS J 68 2.44 52.75 -21.00
N LYS J 69 2.80 51.79 -20.16
CA LYS J 69 2.85 50.37 -20.51
C LYS J 69 2.24 49.58 -19.37
N VAL J 70 1.05 49.02 -19.58
CA VAL J 70 0.26 48.41 -18.51
C VAL J 70 0.11 46.92 -18.78
N LYS J 71 0.41 46.09 -17.77
CA LYS J 71 0.35 44.64 -17.87
C LYS J 71 -0.93 44.14 -17.21
N VAL J 72 -1.86 43.63 -18.02
CA VAL J 72 -3.15 43.14 -17.54
C VAL J 72 -3.39 41.75 -18.12
N ASP J 73 -3.85 40.82 -17.29
CA ASP J 73 -4.27 39.51 -17.77
C ASP J 73 -5.48 39.62 -18.70
N GLY J 74 -5.57 38.68 -19.64
CA GLY J 74 -6.79 38.57 -20.43
C GLY J 74 -7.89 37.83 -19.69
N ARG J 75 -7.54 37.18 -18.58
CA ARG J 75 -8.56 36.65 -17.67
C ARG J 75 -9.37 37.77 -17.05
N LEU J 76 -8.73 38.92 -16.82
CA LEU J 76 -9.45 40.11 -16.41
C LEU J 76 -10.24 40.71 -17.57
N LEU J 77 -9.80 40.47 -18.80
CA LEU J 77 -10.48 40.96 -19.99
C LEU J 77 -11.51 39.97 -20.53
N ILE J 78 -12.09 39.12 -19.67
CA ILE J 78 -13.09 38.16 -20.11
C ILE J 78 -14.39 38.91 -20.41
N GLY J 79 -15.10 38.45 -21.44
CA GLY J 79 -16.34 39.09 -21.84
C GLY J 79 -16.18 39.93 -23.09
N ARG J 80 -17.27 40.12 -23.82
CA ARG J 80 -17.29 41.08 -24.92
C ARG J 80 -17.09 42.49 -24.36
N PRO J 81 -16.47 43.40 -25.13
CA PRO J 81 -16.28 44.78 -24.63
C PRO J 81 -17.58 45.54 -24.41
N GLU J 82 -18.65 45.14 -25.10
CA GLU J 82 -19.99 45.64 -24.81
C GLU J 82 -20.41 45.28 -23.39
N GLU J 83 -20.36 43.99 -23.06
CA GLU J 83 -20.69 43.55 -21.70
C GLU J 83 -19.64 43.99 -20.70
N ARG J 84 -18.39 44.16 -21.15
CA ARG J 84 -17.32 44.65 -20.27
C ARG J 84 -17.54 46.09 -19.86
N LEU J 85 -18.09 46.92 -20.75
CA LEU J 85 -18.41 48.29 -20.37
C LEU J 85 -19.80 48.36 -19.74
N LYS J 86 -20.61 47.29 -19.88
CA LYS J 86 -21.86 47.24 -19.13
C LYS J 86 -21.58 47.21 -17.64
N LYS J 87 -21.12 46.06 -17.14
CA LYS J 87 -20.28 45.93 -15.94
C LYS J 87 -19.75 44.51 -15.83
N LYS J 88 -18.42 44.35 -15.77
CA LYS J 88 -17.81 43.05 -15.47
C LYS J 88 -16.81 43.20 -14.34
N ILE J 89 -17.05 42.44 -13.26
CA ILE J 89 -16.15 42.40 -12.10
C ILE J 89 -15.46 41.04 -12.12
N LYS J 90 -14.14 41.05 -12.30
CA LYS J 90 -13.38 39.81 -12.25
C LYS J 90 -12.30 39.89 -11.17
N ILE J 91 -12.30 38.89 -10.30
CA ILE J 91 -11.33 38.79 -9.21
C ILE J 91 -10.53 37.51 -9.40
N LEU J 92 -9.22 37.65 -9.58
CA LEU J 92 -8.36 36.54 -9.94
C LEU J 92 -7.40 36.25 -8.78
N TYR J 93 -7.26 34.96 -8.48
CA TYR J 93 -6.37 34.49 -7.43
C TYR J 93 -5.41 33.47 -8.04
N PRO J 94 -4.17 33.87 -8.33
CA PRO J 94 -3.21 32.92 -8.91
C PRO J 94 -2.48 32.08 -7.86
N TYR J 95 -3.21 31.27 -7.11
CA TYR J 95 -2.59 30.35 -6.15
C TYR J 95 -2.21 29.04 -6.81
N LYS K 2 -10.62 62.59 -0.63
CA LYS K 2 -9.86 61.88 -1.65
C LYS K 2 -10.75 61.54 -2.84
N LYS K 3 -10.26 61.83 -4.05
CA LYS K 3 -11.00 61.57 -5.29
C LYS K 3 -10.13 60.74 -6.20
N PHE K 4 -10.43 59.45 -6.31
CA PHE K 4 -9.69 58.55 -7.20
C PHE K 4 -10.46 58.39 -8.52
N LEU K 5 -11.76 58.14 -8.43
CA LEU K 5 -12.61 57.96 -9.61
C LEU K 5 -13.31 59.28 -9.91
N GLU K 6 -12.72 60.09 -10.79
CA GLU K 6 -13.40 61.28 -11.28
C GLU K 6 -14.21 61.01 -12.54
N LYS K 7 -13.88 59.96 -13.28
CA LYS K 7 -14.59 59.59 -14.50
C LYS K 7 -15.55 58.44 -14.19
N LYS K 8 -16.81 58.62 -14.56
CA LYS K 8 -17.85 57.66 -14.25
C LYS K 8 -18.06 56.70 -15.42
N LEU K 9 -19.12 55.89 -15.33
CA LEU K 9 -19.39 54.89 -16.36
C LEU K 9 -19.89 55.55 -17.66
N LYS K 10 -20.78 56.53 -17.52
CA LYS K 10 -21.34 57.19 -18.70
C LYS K 10 -20.31 58.07 -19.39
N LYS K 11 -19.35 58.60 -18.63
CA LYS K 11 -18.29 59.42 -19.21
C LYS K 11 -17.33 58.58 -20.05
N ILE K 12 -16.95 57.40 -19.54
CA ILE K 12 -16.10 56.49 -20.31
C ILE K 12 -16.88 55.91 -21.48
N ALA K 13 -18.21 55.78 -21.34
CA ALA K 13 -19.05 55.37 -22.46
C ALA K 13 -19.07 56.41 -23.58
N TYR K 14 -19.16 57.69 -23.21
CA TYR K 14 -19.10 58.76 -24.19
C TYR K 14 -17.72 58.84 -24.84
N GLU K 15 -16.67 58.58 -24.06
CA GLU K 15 -15.31 58.55 -24.62
C GLU K 15 -15.14 57.37 -25.58
N ARG K 16 -15.77 56.22 -25.27
CA ARG K 16 -15.70 55.08 -26.16
C ARG K 16 -16.47 55.34 -27.46
N ILE K 17 -17.61 56.03 -27.34
CA ILE K 17 -18.35 56.51 -28.52
C ILE K 17 -17.46 57.37 -29.41
N ASP K 18 -16.77 58.35 -28.81
CA ASP K 18 -15.93 59.28 -29.58
C ASP K 18 -14.75 58.56 -30.22
N ILE K 19 -14.07 57.68 -29.46
CA ILE K 19 -12.90 56.97 -29.97
C ILE K 19 -13.30 55.98 -31.07
N LEU K 20 -14.39 55.24 -30.86
CA LEU K 20 -14.81 54.25 -31.86
C LEU K 20 -15.28 54.92 -33.14
N MET K 21 -15.96 56.06 -33.06
CA MET K 21 -16.42 56.66 -34.30
C MET K 21 -15.30 57.44 -35.00
N SER K 22 -14.33 57.94 -34.23
CA SER K 22 -13.14 58.53 -34.86
C SER K 22 -12.30 57.47 -35.56
N LEU K 23 -12.13 56.29 -34.93
CA LEU K 23 -11.43 55.20 -35.59
C LEU K 23 -12.24 54.65 -36.76
N ALA K 24 -13.57 54.77 -36.71
CA ALA K 24 -14.40 54.41 -37.85
C ALA K 24 -14.13 55.32 -39.04
N GLU K 25 -14.03 56.63 -38.79
CA GLU K 25 -13.67 57.56 -39.87
C GLU K 25 -12.26 57.31 -40.37
N GLU K 26 -11.32 57.05 -39.46
CA GLU K 26 -9.92 56.86 -39.84
C GLU K 26 -9.70 55.56 -40.62
N GLU K 27 -10.52 54.54 -40.34
CA GLU K 27 -10.38 53.28 -41.05
C GLU K 27 -11.31 53.16 -42.25
N ALA K 28 -12.30 54.05 -42.40
CA ALA K 28 -13.21 53.95 -43.53
C ALA K 28 -12.63 54.54 -44.80
N LYS K 29 -11.61 55.38 -44.70
CA LYS K 29 -10.99 55.99 -45.87
C LYS K 29 -9.92 55.11 -46.50
N LYS K 30 -9.53 54.02 -45.82
CA LYS K 30 -8.49 53.15 -46.35
C LYS K 30 -9.02 52.22 -47.44
N GLY K 31 -10.25 51.72 -47.31
CA GLY K 31 -10.80 50.82 -48.30
C GLY K 31 -11.55 49.66 -47.69
N ASN K 32 -11.52 49.55 -46.36
CA ASN K 32 -12.24 48.50 -45.64
C ASN K 32 -13.54 49.08 -45.09
N TRP K 33 -14.61 48.93 -45.87
CA TRP K 33 -15.91 49.41 -45.41
C TRP K 33 -16.56 48.44 -44.43
N ASP K 34 -16.17 47.17 -44.46
CA ASP K 34 -16.74 46.20 -43.54
C ASP K 34 -16.21 46.39 -42.13
N ARG K 35 -14.94 46.79 -42.00
CA ARG K 35 -14.38 47.10 -40.68
C ARG K 35 -15.04 48.34 -40.10
N ALA K 36 -15.30 49.35 -40.94
CA ALA K 36 -16.01 50.54 -40.50
C ALA K 36 -17.46 50.22 -40.14
N LYS K 37 -18.07 49.28 -40.85
CA LYS K 37 -19.41 48.80 -40.49
C LYS K 37 -19.39 48.10 -39.14
N ARG K 38 -18.30 47.37 -38.85
CA ARG K 38 -18.14 46.74 -37.53
C ARG K 38 -17.98 47.80 -36.43
N TYR K 39 -17.24 48.88 -36.71
CA TYR K 39 -17.11 49.95 -35.72
C TYR K 39 -18.45 50.64 -35.46
N VAL K 40 -19.20 50.94 -36.52
CA VAL K 40 -20.51 51.58 -36.38
C VAL K 40 -21.48 50.65 -35.66
N TYR K 41 -21.36 49.34 -35.91
CA TYR K 41 -22.22 48.36 -35.23
C TYR K 41 -21.90 48.28 -33.74
N LEU K 42 -20.61 48.30 -33.39
CA LEU K 42 -20.24 48.28 -31.96
C LEU K 42 -20.62 49.58 -31.27
N ALA K 43 -20.47 50.72 -31.95
CA ALA K 43 -20.85 51.99 -31.36
C ALA K 43 -22.36 52.10 -31.21
N ARG K 44 -23.12 51.55 -32.16
CA ARG K 44 -24.57 51.55 -32.04
C ARG K 44 -25.03 50.60 -30.94
N ARG K 45 -24.33 49.47 -30.77
CA ARG K 45 -24.67 48.55 -29.69
C ARG K 45 -24.36 49.15 -28.33
N ILE K 46 -23.29 49.92 -28.21
CA ILE K 46 -23.00 50.54 -26.92
C ILE K 46 -23.89 51.76 -26.70
N ALA K 47 -24.42 52.34 -27.79
CA ALA K 47 -25.39 53.43 -27.64
C ALA K 47 -26.73 52.92 -27.14
N MET K 48 -27.21 51.79 -27.69
CA MET K 48 -28.46 51.22 -27.19
C MET K 48 -28.26 50.57 -25.82
N LYS K 49 -27.04 50.13 -25.49
CA LYS K 49 -26.81 49.51 -24.19
C LYS K 49 -26.70 50.55 -23.08
N MET K 50 -25.97 51.65 -23.33
CA MET K 50 -25.70 52.61 -22.26
C MET K 50 -26.86 53.58 -22.07
N ARG K 51 -27.87 53.53 -22.94
CA ARG K 51 -28.99 54.49 -23.00
C ARG K 51 -28.48 55.93 -23.12
N ILE K 52 -27.45 56.11 -23.93
CA ILE K 52 -26.85 57.41 -24.18
C ILE K 52 -27.08 57.76 -25.66
N ARG K 53 -27.23 59.05 -25.92
CA ARG K 53 -27.54 59.54 -27.26
C ARG K 53 -26.25 59.74 -28.05
N PHE K 54 -26.41 59.73 -29.37
CA PHE K 54 -25.28 60.00 -30.25
C PHE K 54 -24.91 61.49 -30.19
N PRO K 55 -23.63 61.82 -30.29
CA PRO K 55 -23.24 63.23 -30.42
C PRO K 55 -23.69 63.78 -31.77
N LYS K 56 -23.87 65.10 -31.83
CA LYS K 56 -24.41 65.71 -33.04
C LYS K 56 -23.36 65.78 -34.16
N LYS K 57 -22.10 65.53 -33.82
CA LYS K 57 -21.06 65.46 -34.84
C LYS K 57 -21.17 64.19 -35.66
N TRP K 58 -21.22 63.04 -34.99
CA TRP K 58 -21.24 61.75 -35.67
C TRP K 58 -22.65 61.23 -35.88
N LYS K 59 -23.65 62.11 -35.81
CA LYS K 59 -25.04 61.68 -35.81
C LYS K 59 -25.52 61.34 -37.22
N ARG K 60 -25.18 62.18 -38.19
CA ARG K 60 -25.69 62.04 -39.55
C ARG K 60 -24.69 61.38 -40.48
N ARG K 61 -23.54 60.93 -39.97
CA ARG K 61 -22.50 60.36 -40.82
C ARG K 61 -22.69 58.86 -41.04
N ILE K 62 -23.66 58.23 -40.38
CA ILE K 62 -23.85 56.79 -40.46
C ILE K 62 -25.22 56.50 -41.04
N CYS K 63 -25.39 55.25 -41.49
CA CYS K 63 -26.67 54.81 -42.01
C CYS K 63 -27.35 53.88 -41.00
N LYS K 64 -28.67 54.04 -40.86
CA LYS K 64 -29.40 53.26 -39.87
C LYS K 64 -29.77 51.88 -40.40
N LYS K 65 -29.90 51.74 -41.72
CA LYS K 65 -30.33 50.48 -42.30
C LYS K 65 -29.19 49.46 -42.33
N CYS K 66 -28.11 49.78 -43.04
CA CYS K 66 -27.02 48.83 -43.21
C CYS K 66 -25.97 48.98 -42.11
N GLY K 67 -25.57 50.22 -41.80
CA GLY K 67 -24.55 50.46 -40.81
C GLY K 67 -23.21 50.88 -41.37
N THR K 68 -23.14 51.24 -42.64
CA THR K 68 -21.88 51.68 -43.23
C THR K 68 -21.62 53.15 -42.89
N PHE K 69 -20.39 53.43 -42.46
CA PHE K 69 -19.95 54.80 -42.27
C PHE K 69 -19.88 55.49 -43.63
N LEU K 70 -20.60 56.60 -43.76
CA LEU K 70 -20.86 57.23 -45.06
C LEU K 70 -19.84 58.32 -45.33
N LEU K 71 -18.96 58.08 -46.30
CA LEU K 71 -18.05 59.10 -46.80
C LEU K 71 -18.85 59.93 -47.81
N TYR K 72 -18.92 61.23 -47.57
CA TYR K 72 -19.69 62.11 -48.46
C TYR K 72 -18.97 62.25 -49.79
N GLY K 73 -19.60 61.75 -50.84
CA GLY K 73 -19.00 61.75 -52.17
C GLY K 73 -18.59 60.38 -52.66
N ARG K 74 -18.05 59.56 -51.75
CA ARG K 74 -17.61 58.21 -52.11
C ARG K 74 -18.78 57.23 -52.12
N ASN K 75 -19.43 57.07 -50.97
CA ASN K 75 -20.60 56.21 -50.83
C ASN K 75 -21.78 56.95 -50.20
N ALA K 76 -21.80 58.27 -50.36
CA ALA K 76 -22.90 59.08 -49.85
C ALA K 76 -23.03 60.32 -50.72
N ARG K 77 -24.26 60.57 -51.16
CA ARG K 77 -24.59 61.70 -52.02
C ARG K 77 -25.41 62.70 -51.22
N VAL K 78 -24.90 63.92 -51.10
CA VAL K 78 -25.49 64.94 -50.23
C VAL K 78 -26.00 66.08 -51.10
N ARG K 79 -27.32 66.27 -51.13
CA ARG K 79 -27.89 67.33 -51.94
C ARG K 79 -28.86 68.16 -51.13
N ILE K 80 -28.75 69.48 -51.26
CA ILE K 80 -29.59 70.42 -50.53
C ILE K 80 -30.67 70.93 -51.48
N LYS K 81 -31.92 70.64 -51.16
CA LYS K 81 -33.06 71.12 -51.94
C LYS K 81 -33.99 71.87 -51.00
N SER K 82 -34.39 73.07 -51.40
CA SER K 82 -35.25 73.91 -50.58
C SER K 82 -36.32 74.65 -51.38
N LYS K 83 -36.78 74.08 -52.51
CA LYS K 83 -37.85 74.67 -53.29
C LYS K 83 -39.18 74.59 -52.54
N ARG K 84 -39.63 73.37 -52.25
CA ARG K 84 -40.89 73.16 -51.55
C ARG K 84 -40.69 73.30 -50.05
N TYR K 85 -39.72 72.57 -49.48
CA TYR K 85 -39.39 72.66 -48.08
C TYR K 85 -37.89 72.47 -47.92
N PRO K 86 -37.25 73.18 -46.99
CA PRO K 86 -35.78 73.08 -46.86
C PRO K 86 -35.35 71.73 -46.30
N HIS K 87 -34.49 71.04 -47.05
CA HIS K 87 -34.05 69.71 -46.65
C HIS K 87 -32.70 69.41 -47.29
N VAL K 88 -31.89 68.63 -46.55
CA VAL K 88 -30.57 68.19 -47.01
C VAL K 88 -30.58 66.67 -46.98
N VAL K 89 -30.42 66.06 -48.16
CA VAL K 89 -30.66 64.63 -48.34
C VAL K 89 -29.33 63.91 -48.41
N ILE K 90 -29.18 62.89 -47.57
CA ILE K 90 -28.07 61.96 -47.58
C ILE K 90 -28.55 60.70 -48.29
N THR K 91 -27.77 60.22 -49.26
CA THR K 91 -28.14 59.04 -50.04
C THR K 91 -27.01 58.02 -49.99
N CYS K 92 -27.31 56.84 -49.44
CA CYS K 92 -26.33 55.78 -49.33
C CYS K 92 -26.16 55.08 -50.67
N LEU K 93 -24.90 54.98 -51.13
CA LEU K 93 -24.64 54.34 -52.41
C LEU K 93 -24.47 52.84 -52.27
N GLU K 94 -24.29 52.35 -51.05
CA GLU K 94 -24.05 50.91 -50.85
C GLU K 94 -25.35 50.12 -50.95
N CYS K 95 -26.31 50.41 -50.07
CA CYS K 95 -27.55 49.64 -50.06
C CYS K 95 -28.67 50.39 -50.77
N GLY K 96 -28.80 51.69 -50.51
CA GLY K 96 -29.84 52.49 -51.12
C GLY K 96 -30.76 53.20 -50.14
N ALA K 97 -30.45 53.18 -48.86
CA ALA K 97 -31.26 53.90 -47.88
C ALA K 97 -31.02 55.40 -48.00
N ILE K 98 -32.12 56.16 -47.99
CA ILE K 98 -32.09 57.59 -48.27
C ILE K 98 -32.72 58.32 -47.10
N TYR K 99 -31.93 59.17 -46.44
CA TYR K 99 -32.38 59.94 -45.28
C TYR K 99 -32.27 61.42 -45.59
N ARG K 100 -32.85 62.26 -44.73
CA ARG K 100 -32.80 63.70 -44.96
C ARG K 100 -32.84 64.48 -43.66
N ILE K 101 -32.62 65.78 -43.79
CA ILE K 101 -32.51 66.75 -42.70
C ILE K 101 -33.53 67.86 -42.95
N PRO K 102 -34.80 67.71 -42.53
CA PRO K 102 -35.75 68.81 -42.68
C PRO K 102 -35.41 69.99 -41.77
N MET K 103 -35.47 71.19 -42.33
CA MET K 103 -35.11 72.43 -41.64
C MET K 103 -36.28 73.41 -41.60
N ILE K 104 -37.48 72.92 -41.25
CA ILE K 104 -38.68 73.74 -41.38
C ILE K 104 -38.76 74.77 -40.25
N ARG K 105 -38.46 74.35 -39.02
CA ARG K 105 -38.64 75.19 -37.84
C ARG K 105 -37.58 76.29 -37.75
N GLU K 106 -36.38 76.05 -38.28
CA GLU K 106 -35.38 77.11 -38.34
C GLU K 106 -35.77 78.16 -39.39
N LYS K 107 -36.40 77.72 -40.48
CA LYS K 107 -36.97 78.63 -41.45
C LYS K 107 -38.13 79.41 -40.83
N LYS K 108 -38.89 78.77 -39.93
CA LYS K 108 -39.96 79.47 -39.22
C LYS K 108 -39.40 80.53 -38.28
N GLU K 109 -38.29 80.23 -37.60
CA GLU K 109 -37.65 81.21 -36.71
C GLU K 109 -37.11 82.39 -37.50
N LYS K 110 -36.48 82.11 -38.65
CA LYS K 110 -35.99 83.18 -39.53
C LYS K 110 -37.16 83.99 -40.09
N ARG K 111 -38.29 83.33 -40.35
CA ARG K 111 -39.47 84.02 -40.87
C ARG K 111 -40.09 84.93 -39.80
N ARG K 112 -40.09 84.48 -38.55
CA ARG K 112 -40.60 85.33 -37.46
C ARG K 112 -39.66 86.50 -37.20
N LYS K 113 -38.34 86.29 -37.34
CA LYS K 113 -37.40 87.39 -37.22
C LYS K 113 -37.58 88.41 -38.34
N LYS K 114 -37.87 87.94 -39.56
CA LYS K 114 -38.14 88.86 -40.67
C LYS K 114 -39.46 89.59 -40.48
N LEU K 115 -40.47 88.92 -39.91
CA LEU K 115 -41.72 89.60 -39.57
C LEU K 115 -41.52 90.67 -38.51
N GLU K 116 -40.66 90.40 -37.52
CA GLU K 116 -40.35 91.42 -36.53
C GLU K 116 -39.58 92.59 -37.13
N GLU K 117 -38.66 92.31 -38.06
CA GLU K 117 -37.93 93.39 -38.72
C GLU K 117 -38.85 94.20 -39.65
N ARG K 118 -39.89 93.57 -40.20
CA ARG K 118 -40.86 94.31 -41.00
C ARG K 118 -41.78 95.16 -40.13
N LEU K 119 -42.22 94.63 -38.99
CA LEU K 119 -43.17 95.36 -38.15
C LEU K 119 -42.49 96.48 -37.38
N LYS K 120 -41.19 96.32 -37.07
CA LYS K 120 -40.47 97.41 -36.41
C LYS K 120 -40.15 98.53 -37.39
N ALA K 121 -39.95 98.20 -38.66
CA ALA K 121 -39.67 99.21 -39.68
C ALA K 121 -40.97 99.81 -40.23
N ALA L 2 -18.58 76.75 -34.82
CA ALA L 2 -18.18 76.29 -33.50
C ALA L 2 -18.07 74.77 -33.45
N VAL L 3 -18.80 74.10 -34.34
CA VAL L 3 -18.79 72.64 -34.38
C VAL L 3 -18.07 72.12 -35.62
N TYR L 4 -18.51 72.53 -36.81
CA TYR L 4 -17.90 72.06 -38.05
C TYR L 4 -16.55 72.70 -38.33
N VAL L 5 -16.20 73.77 -37.64
CA VAL L 5 -14.92 74.45 -37.84
C VAL L 5 -13.82 73.58 -37.23
N LYS L 6 -12.67 73.51 -37.91
CA LYS L 6 -11.60 72.63 -37.46
C LYS L 6 -10.48 73.41 -36.79
N PHE L 7 -10.18 74.61 -37.29
CA PHE L 7 -9.06 75.40 -36.79
C PHE L 7 -9.49 76.85 -36.63
N LYS L 8 -8.82 77.53 -35.70
CA LYS L 8 -9.06 78.95 -35.46
C LYS L 8 -8.43 79.77 -36.58
N VAL L 9 -9.22 80.68 -37.15
CA VAL L 9 -8.81 81.45 -38.33
C VAL L 9 -8.41 82.84 -37.89
N PRO L 10 -7.21 83.32 -38.21
CA PRO L 10 -6.85 84.71 -37.90
C PRO L 10 -7.63 85.70 -38.76
N GLU L 11 -7.66 86.96 -38.31
CA GLU L 11 -8.45 87.97 -38.98
C GLU L 11 -7.78 88.47 -40.25
N GLU L 12 -6.45 88.43 -40.29
CA GLU L 12 -5.71 88.93 -41.45
C GLU L 12 -5.90 88.01 -42.65
N ILE L 13 -5.84 86.70 -42.42
CA ILE L 13 -6.06 85.77 -43.52
C ILE L 13 -7.55 85.72 -43.89
N GLN L 14 -8.42 86.09 -42.94
CA GLN L 14 -9.84 86.28 -43.26
C GLN L 14 -10.05 87.45 -44.21
N LYS L 15 -9.34 88.57 -43.97
CA LYS L 15 -9.40 89.69 -44.90
C LYS L 15 -8.75 89.34 -46.24
N GLU L 16 -7.74 88.47 -46.23
CA GLU L 16 -7.16 87.97 -47.47
C GLU L 16 -8.16 87.11 -48.25
N LEU L 17 -8.95 86.30 -47.54
CA LEU L 17 -10.02 85.52 -48.17
C LEU L 17 -11.07 86.44 -48.80
N LEU L 18 -11.48 87.47 -48.04
CA LEU L 18 -12.47 88.41 -48.56
C LEU L 18 -11.93 89.19 -49.76
N ASP L 19 -10.64 89.53 -49.74
CA ASP L 19 -10.04 90.23 -50.86
C ASP L 19 -9.90 89.31 -52.08
N ALA L 20 -9.67 88.01 -51.83
CA ALA L 20 -9.63 87.06 -52.94
C ALA L 20 -11.00 86.88 -53.58
N VAL L 21 -12.05 86.85 -52.75
CA VAL L 21 -13.42 86.77 -53.28
C VAL L 21 -13.78 88.04 -54.05
N ALA L 22 -13.32 89.19 -53.56
CA ALA L 22 -13.59 90.46 -54.23
C ALA L 22 -12.84 90.58 -55.55
N LYS L 23 -11.61 90.05 -55.60
CA LYS L 23 -10.80 90.19 -56.81
C LYS L 23 -11.14 89.12 -57.85
N ALA L 24 -11.66 87.97 -57.41
CA ALA L 24 -11.90 86.88 -58.34
C ALA L 24 -13.08 87.17 -59.26
N GLN L 25 -14.28 87.30 -58.69
CA GLN L 25 -15.55 87.57 -59.36
C GLN L 25 -15.93 86.59 -60.47
N LYS L 26 -15.33 85.40 -60.45
CA LYS L 26 -15.77 84.27 -61.25
C LYS L 26 -15.84 83.06 -60.32
N ILE L 27 -16.96 82.93 -59.62
CA ILE L 27 -17.07 82.03 -58.47
C ILE L 27 -18.39 81.27 -58.53
N LYS L 28 -18.48 80.27 -57.67
CA LYS L 28 -19.73 79.55 -57.42
C LYS L 28 -20.17 79.81 -55.99
N LYS L 29 -21.33 80.46 -55.87
CA LYS L 29 -21.91 80.81 -54.58
C LYS L 29 -23.16 79.97 -54.35
N GLY L 30 -23.42 79.64 -53.09
CA GLY L 30 -24.38 78.62 -52.76
C GLY L 30 -23.72 77.26 -52.59
N ALA L 31 -24.19 76.51 -51.58
CA ALA L 31 -23.48 75.30 -51.16
C ALA L 31 -23.62 74.17 -52.17
N ASN L 32 -24.68 74.20 -52.99
CA ASN L 32 -24.86 73.18 -54.02
C ASN L 32 -23.79 73.30 -55.12
N GLU L 33 -23.54 74.53 -55.56
CA GLU L 33 -22.51 74.74 -56.58
C GLU L 33 -21.11 74.52 -56.03
N VAL L 34 -20.88 74.85 -54.76
CA VAL L 34 -19.58 74.58 -54.13
C VAL L 34 -19.37 73.08 -54.01
N THR L 35 -20.42 72.34 -53.64
CA THR L 35 -20.34 70.88 -53.54
C THR L 35 -20.10 70.24 -54.89
N LYS L 36 -20.76 70.75 -55.94
CA LYS L 36 -20.51 70.25 -57.30
C LYS L 36 -19.09 70.58 -57.76
N ALA L 37 -18.57 71.75 -57.38
CA ALA L 37 -17.24 72.15 -57.80
C ALA L 37 -16.16 71.34 -57.10
N VAL L 38 -16.39 70.94 -55.85
CA VAL L 38 -15.38 70.15 -55.16
C VAL L 38 -15.55 68.67 -55.48
N GLU L 39 -16.73 68.25 -55.97
CA GLU L 39 -16.86 66.90 -56.49
C GLU L 39 -16.20 66.78 -57.87
N ARG L 40 -16.30 67.82 -58.69
CA ARG L 40 -15.61 67.81 -59.98
C ARG L 40 -14.13 68.11 -59.83
N GLY L 41 -13.77 68.96 -58.87
CA GLY L 41 -12.40 69.35 -58.68
C GLY L 41 -11.99 70.63 -59.38
N ILE L 42 -12.95 71.41 -59.87
CA ILE L 42 -12.63 72.64 -60.59
C ILE L 42 -12.35 73.78 -59.62
N ALA L 43 -12.81 73.65 -58.38
CA ALA L 43 -12.60 74.68 -57.38
C ALA L 43 -11.18 74.61 -56.82
N LYS L 44 -10.55 75.77 -56.66
CA LYS L 44 -9.21 75.82 -56.08
C LYS L 44 -9.25 76.31 -54.64
N LEU L 45 -10.33 76.96 -54.23
CA LEU L 45 -10.43 77.51 -52.89
C LEU L 45 -11.89 77.55 -52.45
N VAL L 46 -12.14 77.13 -51.21
CA VAL L 46 -13.47 77.12 -50.61
C VAL L 46 -13.45 78.07 -49.42
N ILE L 47 -14.46 78.94 -49.33
CA ILE L 47 -14.62 79.86 -48.21
C ILE L 47 -15.97 79.59 -47.57
N ILE L 48 -15.94 79.22 -46.28
CA ILE L 48 -17.13 78.81 -45.53
C ILE L 48 -17.31 79.79 -44.38
N ALA L 49 -18.55 80.23 -44.17
CA ALA L 49 -18.84 81.12 -43.06
C ALA L 49 -18.96 80.35 -41.75
N GLU L 50 -18.52 80.98 -40.65
CA GLU L 50 -18.56 80.33 -39.34
C GLU L 50 -19.92 80.47 -38.66
N ASP L 51 -20.69 81.49 -39.01
CA ASP L 51 -21.97 81.75 -38.35
C ASP L 51 -23.15 81.14 -39.09
N VAL L 52 -22.98 80.00 -39.76
CA VAL L 52 -24.07 79.39 -40.50
C VAL L 52 -24.97 78.61 -39.55
N LYS L 53 -26.24 79.01 -39.49
CA LYS L 53 -27.26 78.33 -38.69
C LYS L 53 -28.48 78.16 -39.58
N PRO L 54 -28.90 76.92 -39.90
CA PRO L 54 -28.42 75.59 -39.50
C PRO L 54 -27.06 75.19 -40.08
N GLU L 55 -26.27 74.45 -39.29
CA GLU L 55 -24.91 74.14 -39.68
C GLU L 55 -24.86 73.07 -40.76
N GLU L 56 -25.94 72.29 -40.94
CA GLU L 56 -25.95 71.16 -41.87
C GLU L 56 -25.72 71.60 -43.31
N VAL L 57 -26.16 72.82 -43.66
CA VAL L 57 -25.98 73.40 -44.99
C VAL L 57 -24.51 73.46 -45.36
N VAL L 58 -23.64 73.67 -44.37
CA VAL L 58 -22.22 73.63 -44.64
C VAL L 58 -21.52 72.43 -44.01
N ALA L 59 -22.25 71.55 -43.32
CA ALA L 59 -21.58 70.51 -42.54
C ALA L 59 -21.02 69.40 -43.43
N HIS L 60 -21.49 69.32 -44.67
CA HIS L 60 -20.92 68.36 -45.60
C HIS L 60 -19.71 68.94 -46.33
N LEU L 61 -19.44 70.23 -46.15
CA LEU L 61 -18.42 70.88 -46.96
C LEU L 61 -16.96 70.58 -46.57
N PRO L 62 -16.52 70.71 -45.29
CA PRO L 62 -15.06 70.56 -45.05
C PRO L 62 -14.53 69.14 -45.21
N TYR L 63 -15.23 68.14 -44.68
CA TYR L 63 -14.74 66.75 -44.72
C TYR L 63 -14.64 66.23 -46.14
N LEU L 64 -15.62 66.58 -46.99
CA LEU L 64 -15.54 66.32 -48.43
C LEU L 64 -14.30 66.93 -49.05
N CYS L 65 -13.96 68.17 -48.65
CA CYS L 65 -12.70 68.77 -49.09
C CYS L 65 -11.51 68.00 -48.57
N GLU L 66 -11.63 67.47 -47.34
CA GLU L 66 -10.58 66.61 -46.79
C GLU L 66 -10.49 65.29 -47.55
N GLU L 67 -11.56 64.92 -48.27
CA GLU L 67 -11.46 63.78 -49.17
C GLU L 67 -10.86 64.19 -50.51
N LYS L 68 -11.14 65.43 -50.94
CA LYS L 68 -10.81 65.80 -52.32
C LYS L 68 -9.54 66.63 -52.43
N GLY L 69 -9.02 67.14 -51.31
CA GLY L 69 -7.75 67.84 -51.35
C GLY L 69 -7.80 69.26 -51.87
N ILE L 70 -8.93 69.93 -51.74
CA ILE L 70 -9.05 71.35 -52.10
C ILE L 70 -8.94 72.16 -50.81
N PRO L 71 -8.06 73.15 -50.75
CA PRO L 71 -7.90 73.94 -49.51
C PRO L 71 -9.14 74.78 -49.21
N TYR L 72 -9.58 74.70 -47.95
CA TYR L 72 -10.78 75.39 -47.50
C TYR L 72 -10.43 76.23 -46.29
N ALA L 73 -11.16 77.33 -46.12
CA ALA L 73 -10.93 78.23 -45.00
C ALA L 73 -12.22 78.90 -44.60
N TYR L 74 -12.22 79.52 -43.42
CA TYR L 74 -13.43 80.03 -42.80
C TYR L 74 -13.37 81.53 -42.63
N VAL L 75 -14.54 82.17 -42.73
CA VAL L 75 -14.74 83.57 -42.37
C VAL L 75 -15.78 83.62 -41.26
N ALA L 76 -15.71 84.68 -40.45
CA ALA L 76 -16.53 84.74 -39.25
C ALA L 76 -17.96 85.17 -39.56
N SER L 77 -18.14 86.05 -40.54
CA SER L 77 -19.44 86.62 -40.86
C SER L 77 -19.88 86.13 -42.24
N LYS L 78 -21.18 85.90 -42.40
CA LYS L 78 -21.71 85.45 -43.69
C LYS L 78 -22.14 86.62 -44.56
N GLN L 79 -22.51 87.75 -43.94
CA GLN L 79 -22.96 88.89 -44.72
C GLN L 79 -21.78 89.61 -45.39
N ASP L 80 -20.60 89.50 -44.79
CA ASP L 80 -19.41 90.09 -45.40
C ASP L 80 -18.97 89.26 -46.61
N LEU L 81 -19.09 87.94 -46.51
CA LEU L 81 -18.86 87.08 -47.68
C LEU L 81 -19.94 87.30 -48.74
N GLY L 82 -21.17 87.60 -48.31
CA GLY L 82 -22.21 87.91 -49.28
C GLY L 82 -21.98 89.20 -50.02
N LYS L 83 -21.48 90.23 -49.32
CA LYS L 83 -21.14 91.49 -49.98
C LYS L 83 -19.88 91.34 -50.83
N ALA L 84 -18.97 90.45 -50.43
CA ALA L 84 -17.77 90.22 -51.24
C ALA L 84 -18.10 89.43 -52.50
N ALA L 85 -19.12 88.56 -52.44
CA ALA L 85 -19.49 87.78 -53.60
C ALA L 85 -20.27 88.60 -54.62
N GLY L 86 -20.89 89.70 -54.22
CA GLY L 86 -21.65 90.54 -55.11
C GLY L 86 -23.14 90.58 -54.87
N LEU L 87 -23.61 90.17 -53.69
CA LEU L 87 -25.03 90.16 -53.37
C LEU L 87 -25.30 91.01 -52.14
N GLU L 88 -26.51 91.60 -52.11
CA GLU L 88 -26.92 92.31 -50.90
C GLU L 88 -27.31 91.35 -49.79
N VAL L 89 -27.65 90.12 -50.14
CA VAL L 89 -28.04 89.12 -49.17
C VAL L 89 -26.84 88.16 -48.98
N ALA L 90 -26.73 87.58 -47.79
CA ALA L 90 -25.57 86.80 -47.42
C ALA L 90 -25.49 85.48 -48.20
N ALA L 91 -24.27 84.93 -48.27
CA ALA L 91 -23.98 83.66 -48.92
C ALA L 91 -23.20 82.79 -47.96
N SER L 92 -23.51 81.49 -47.95
CA SER L 92 -22.91 80.59 -46.96
C SER L 92 -21.50 80.18 -47.36
N SER L 93 -21.29 79.81 -48.62
CA SER L 93 -20.01 79.30 -49.05
C SER L 93 -19.72 79.73 -50.48
N VAL L 94 -18.45 79.99 -50.75
CA VAL L 94 -17.99 80.45 -52.06
C VAL L 94 -16.81 79.59 -52.51
N ALA L 95 -16.95 78.96 -53.67
CA ALA L 95 -15.87 78.22 -54.30
C ALA L 95 -15.33 79.05 -55.45
N ILE L 96 -14.00 79.07 -55.60
CA ILE L 96 -13.35 79.89 -56.62
C ILE L 96 -12.89 78.98 -57.74
N ILE L 97 -13.39 79.24 -58.95
CA ILE L 97 -12.93 78.50 -60.13
C ILE L 97 -11.69 79.15 -60.73
N ASN L 98 -11.75 80.46 -60.98
CA ASN L 98 -10.66 81.19 -61.60
C ASN L 98 -10.35 82.42 -60.75
N GLU L 99 -9.13 82.47 -60.20
CA GLU L 99 -8.76 83.59 -59.34
C GLU L 99 -8.43 84.83 -60.16
N GLY L 100 -7.55 84.70 -61.14
CA GLY L 100 -7.13 85.85 -61.91
C GLY L 100 -6.01 86.60 -61.22
N ASP L 101 -6.20 87.91 -61.05
CA ASP L 101 -5.13 88.79 -60.57
C ASP L 101 -4.72 88.50 -59.13
N ALA L 102 -5.57 87.81 -58.36
CA ALA L 102 -5.20 87.41 -57.02
C ALA L 102 -4.75 85.96 -56.92
N GLU L 103 -4.26 85.37 -58.03
CA GLU L 103 -3.91 83.95 -58.01
C GLU L 103 -2.73 83.68 -57.07
N GLU L 104 -1.74 84.59 -57.04
CA GLU L 104 -0.64 84.49 -56.09
C GLU L 104 -1.15 84.58 -54.66
N LEU L 105 -2.24 85.34 -54.47
CA LEU L 105 -2.87 85.46 -53.16
C LEU L 105 -3.36 84.12 -52.64
N LYS L 106 -3.91 83.26 -53.52
CA LYS L 106 -4.41 81.99 -53.01
C LYS L 106 -3.25 81.02 -52.75
N VAL L 107 -2.07 81.33 -53.32
CA VAL L 107 -0.86 80.61 -52.93
C VAL L 107 -0.57 80.86 -51.46
N LEU L 108 -0.78 82.11 -51.00
CA LEU L 108 -0.65 82.41 -49.58
C LEU L 108 -1.76 81.73 -48.78
N ILE L 109 -2.90 81.46 -49.41
CA ILE L 109 -3.97 80.75 -48.71
C ILE L 109 -3.66 79.26 -48.66
N GLU L 110 -2.66 78.82 -49.42
CA GLU L 110 -2.10 77.48 -49.19
C GLU L 110 -1.39 77.38 -47.85
N LYS L 111 -1.05 78.51 -47.23
CA LYS L 111 -0.54 78.55 -45.85
C LYS L 111 -1.61 78.18 -44.83
N VAL L 112 -2.89 78.12 -45.26
CA VAL L 112 -3.94 77.47 -44.48
C VAL L 112 -3.59 76.01 -44.18
N ASN L 113 -2.88 75.33 -45.10
CA ASN L 113 -2.35 74.00 -44.81
C ASN L 113 -1.37 74.03 -43.63
N VAL L 114 -0.63 75.13 -43.49
CA VAL L 114 0.22 75.32 -42.31
C VAL L 114 -0.64 75.41 -41.04
N LEU L 115 -1.83 76.00 -41.17
CA LEU L 115 -2.78 76.00 -40.06
C LEU L 115 -3.40 74.62 -39.85
N LYS L 116 -3.34 73.75 -40.87
CA LYS L 116 -3.90 72.42 -40.74
C LYS L 116 -3.04 71.51 -39.87
N GLN L 117 -1.76 71.80 -39.73
CA GLN L 117 -0.86 70.99 -38.92
C GLN L 117 -0.41 71.73 -37.68
ZN ZN O . 27.48 -67.48 -14.90
ZN ZN P . -25.80 50.95 -47.39
#